data_1WE0
#
_entry.id   1WE0
#
_cell.length_a   79.216
_cell.length_b   79.319
_cell.length_c   104.449
_cell.angle_alpha   77.22
_cell.angle_beta   82.33
_cell.angle_gamma   80.08
#
_symmetry.space_group_name_H-M   'P 1'
#
loop_
_entity.id
_entity.type
_entity.pdbx_description
1 polymer 'alkyl hydroperoxide reductase C'
2 non-polymer 'AMMONIUM ION'
#
_entity_poly.entity_id   1
_entity_poly.type   'polypeptide(L)'
_entity_poly.pdbx_seq_one_letter_code
;SLIGTEVQPFRAQAFQSGKDFFEVTEADLKGKWSIVVFYPADFSFVCPTELEDVQKEYAELKKLGVEVYSVSTDTHFVHK
AWHENSPAVGSIEYIMIGDPSQTISRQFDVLNEETGLADRGTFIIDPDGVIQAIEINADGIGRDASTLINKVKAAQYVRE
NPGEVCPAKWEEGGETLKPSLDIVGKI
;
_entity_poly.pdbx_strand_id   A,B,C,D,E,F,G,H,I,J
#
# COMPACT_ATOMS: atom_id res chain seq x y z
N SER A 1 21.81 -0.57 22.53
CA SER A 1 22.97 0.33 22.75
C SER A 1 24.07 0.06 21.73
N LEU A 2 24.85 1.08 21.40
CA LEU A 2 25.94 0.95 20.43
C LEU A 2 27.13 0.19 21.01
N ILE A 3 26.99 -0.24 22.26
CA ILE A 3 28.06 -0.98 22.91
C ILE A 3 28.35 -2.25 22.11
N GLY A 4 29.60 -2.42 21.71
CA GLY A 4 29.97 -3.60 20.96
C GLY A 4 29.74 -3.49 19.47
N THR A 5 29.21 -2.37 19.01
CA THR A 5 28.98 -2.22 17.57
C THR A 5 30.22 -1.64 16.94
N GLU A 6 30.24 -1.64 15.61
CA GLU A 6 31.38 -1.11 14.88
C GLU A 6 31.12 0.32 14.38
N VAL A 7 32.15 1.17 14.51
CA VAL A 7 32.05 2.55 14.06
C VAL A 7 31.65 2.62 12.60
N GLN A 8 30.64 3.42 12.28
CA GLN A 8 30.22 3.53 10.90
C GLN A 8 31.05 4.55 10.10
N PRO A 9 31.08 4.37 8.76
CA PRO A 9 31.80 5.21 7.81
C PRO A 9 31.47 6.70 7.84
N PHE A 10 32.51 7.52 7.84
CA PHE A 10 32.33 8.96 7.83
C PHE A 10 33.60 9.65 7.34
N ARG A 11 33.45 10.88 6.86
CA ARG A 11 34.58 11.62 6.36
C ARG A 11 34.39 13.07 6.81
N ALA A 12 35.36 13.60 7.55
CA ALA A 12 35.23 14.98 8.03
C ALA A 12 36.55 15.73 8.16
N GLN A 13 36.44 17.06 8.18
CA GLN A 13 37.59 17.94 8.32
C GLN A 13 37.95 18.07 9.79
N ALA A 14 39.24 18.07 10.08
CA ALA A 14 39.70 18.17 11.45
C ALA A 14 40.80 19.20 11.57
N PHE A 15 41.02 19.65 12.79
CA PHE A 15 42.08 20.60 13.06
C PHE A 15 42.87 20.07 14.24
N GLN A 16 44.19 20.24 14.20
CA GLN A 16 45.06 19.82 15.28
C GLN A 16 46.20 20.79 15.46
N SER A 17 46.41 21.28 16.68
CA SER A 17 47.49 22.21 16.94
C SER A 17 48.76 21.66 16.28
N GLY A 18 49.21 22.36 15.26
CA GLY A 18 50.41 21.91 14.55
C GLY A 18 50.08 21.68 13.09
N LYS A 19 49.60 20.50 12.76
CA LYS A 19 49.24 20.17 11.39
C LYS A 19 48.10 21.09 10.94
N ASP A 20 48.09 21.53 9.69
CA ASP A 20 46.99 22.36 9.25
C ASP A 20 45.88 21.40 8.89
N PHE A 21 44.64 21.90 8.86
CA PHE A 21 43.47 21.09 8.53
C PHE A 21 43.73 19.82 7.72
N PHE A 22 43.09 18.72 8.09
CA PHE A 22 43.23 17.46 7.37
C PHE A 22 41.97 16.61 7.48
N GLU A 23 41.79 15.70 6.53
CA GLU A 23 40.60 14.85 6.52
C GLU A 23 40.73 13.69 7.49
N VAL A 24 39.59 13.12 7.88
CA VAL A 24 39.55 11.99 8.81
C VAL A 24 38.41 11.06 8.42
N THR A 25 38.64 9.76 8.57
CA THR A 25 37.62 8.78 8.22
C THR A 25 37.47 7.75 9.31
N GLU A 26 36.42 6.93 9.22
CA GLU A 26 36.21 5.92 10.24
C GLU A 26 37.44 5.01 10.24
N ALA A 27 38.30 5.20 9.24
CA ALA A 27 39.50 4.41 9.12
C ALA A 27 40.50 4.80 10.20
N ASP A 28 40.62 6.10 10.47
CA ASP A 28 41.55 6.59 11.48
C ASP A 28 41.23 6.00 12.85
N LEU A 29 39.95 5.68 13.06
CA LEU A 29 39.51 5.13 14.32
C LEU A 29 39.78 3.65 14.48
N LYS A 30 40.50 3.07 13.51
CA LYS A 30 40.83 1.65 13.58
C LYS A 30 42.34 1.48 13.68
N GLY A 31 42.76 0.30 14.12
CA GLY A 31 44.18 0.02 14.24
C GLY A 31 44.78 0.63 15.48
N LYS A 32 43.99 1.43 16.20
CA LYS A 32 44.48 2.06 17.41
C LYS A 32 43.37 2.28 18.40
N TRP A 33 43.73 2.40 19.67
CA TRP A 33 42.73 2.66 20.69
C TRP A 33 42.44 4.14 20.60
N SER A 34 41.25 4.45 20.11
CA SER A 34 40.84 5.82 19.98
C SER A 34 39.71 6.09 20.95
N ILE A 35 39.67 7.31 21.46
CA ILE A 35 38.63 7.72 22.38
C ILE A 35 38.13 9.10 21.94
N VAL A 36 36.88 9.12 21.47
CA VAL A 36 36.26 10.34 20.97
C VAL A 36 35.27 10.94 21.96
N VAL A 37 35.41 12.25 22.17
CA VAL A 37 34.57 12.97 23.11
C VAL A 37 33.76 14.05 22.39
N PHE A 38 32.44 14.01 22.58
CA PHE A 38 31.51 14.97 21.98
C PHE A 38 31.19 16.08 22.98
N TYR A 39 30.89 17.26 22.48
CA TYR A 39 30.49 18.37 23.32
C TYR A 39 29.58 19.30 22.54
N PRO A 40 28.68 20.01 23.23
CA PRO A 40 27.71 20.95 22.67
C PRO A 40 28.21 21.85 21.55
N ALA A 41 28.85 22.96 21.95
CA ALA A 41 29.36 23.93 20.97
C ALA A 41 30.61 24.67 21.41
N ASP A 42 31.41 25.08 20.42
CA ASP A 42 32.63 25.83 20.66
C ASP A 42 32.16 27.22 21.09
N PHE A 43 33.04 27.98 21.74
CA PHE A 43 32.72 29.32 22.19
C PHE A 43 31.47 29.38 23.06
N SER A 44 31.06 28.24 23.60
CA SER A 44 29.87 28.15 24.44
C SER A 44 30.12 28.86 25.76
N PHE A 45 29.07 29.05 26.56
CA PHE A 45 29.19 29.70 27.86
C PHE A 45 29.88 28.81 28.88
N VAL A 46 29.53 27.54 28.88
CA VAL A 46 30.11 26.59 29.81
C VAL A 46 31.62 26.49 29.60
N CYS A 47 32.38 26.46 30.70
CA CYS A 47 33.83 26.38 30.60
C CYS A 47 34.30 25.05 30.04
N PRO A 48 35.27 25.12 29.10
CA PRO A 48 35.89 23.99 28.41
C PRO A 48 36.65 23.04 29.32
N THR A 49 36.30 23.05 30.59
CA THR A 49 36.94 22.18 31.56
C THR A 49 37.12 20.76 31.03
N GLU A 50 36.01 20.10 30.71
CA GLU A 50 36.05 18.72 30.20
C GLU A 50 37.12 18.54 29.14
N LEU A 51 37.09 19.37 28.10
CA LEU A 51 38.07 19.27 27.03
C LEU A 51 39.52 19.30 27.51
N GLU A 52 39.87 20.27 28.36
CA GLU A 52 41.24 20.39 28.83
C GLU A 52 41.65 19.33 29.86
N ASP A 53 40.72 18.89 30.70
CA ASP A 53 41.08 17.85 31.64
C ASP A 53 41.60 16.68 30.82
N VAL A 54 40.98 16.45 29.67
CA VAL A 54 41.39 15.38 28.79
C VAL A 54 42.79 15.69 28.24
N GLN A 55 43.09 16.97 28.01
CA GLN A 55 44.38 17.36 27.48
C GLN A 55 45.47 16.96 28.48
N LYS A 56 45.19 17.14 29.77
CA LYS A 56 46.14 16.78 30.81
C LYS A 56 46.43 15.28 30.71
N GLU A 57 45.38 14.47 30.72
CA GLU A 57 45.55 13.04 30.62
C GLU A 57 46.08 12.60 29.24
N TYR A 58 46.16 13.53 28.29
CA TYR A 58 46.63 13.21 26.93
C TYR A 58 48.02 12.61 26.91
N ALA A 59 48.94 13.25 27.63
CA ALA A 59 50.31 12.80 27.70
C ALA A 59 50.34 11.29 27.89
N GLU A 60 49.79 10.83 29.01
CA GLU A 60 49.75 9.41 29.33
C GLU A 60 48.97 8.54 28.36
N LEU A 61 47.79 9.01 27.96
CA LEU A 61 46.96 8.25 27.02
C LEU A 61 47.74 7.89 25.77
N LYS A 62 48.58 8.82 25.30
CA LYS A 62 49.40 8.58 24.12
C LYS A 62 50.33 7.42 24.37
N LYS A 63 50.87 7.35 25.58
CA LYS A 63 51.79 6.28 25.96
C LYS A 63 51.09 4.94 25.78
N LEU A 64 49.81 4.90 26.14
CA LEU A 64 49.00 3.69 26.04
C LEU A 64 48.59 3.38 24.60
N GLY A 65 49.08 4.18 23.65
CA GLY A 65 48.74 3.96 22.26
C GLY A 65 47.30 4.34 21.95
N VAL A 66 46.85 5.38 22.65
CA VAL A 66 45.49 5.90 22.51
C VAL A 66 45.48 7.26 21.82
N GLU A 67 44.51 7.48 20.94
CA GLU A 67 44.42 8.80 20.30
C GLU A 67 43.10 9.42 20.75
N VAL A 68 43.06 10.75 20.81
CA VAL A 68 41.89 11.47 21.27
C VAL A 68 41.29 12.41 20.23
N TYR A 69 39.97 12.32 20.07
CA TYR A 69 39.23 13.16 19.11
C TYR A 69 38.06 13.89 19.77
N SER A 70 38.01 15.19 19.59
CA SER A 70 36.93 15.98 20.15
C SER A 70 35.99 16.23 18.99
N VAL A 71 34.68 16.22 19.25
CA VAL A 71 33.70 16.47 18.21
C VAL A 71 32.53 17.33 18.63
N SER A 72 32.17 18.25 17.76
CA SER A 72 31.04 19.15 17.95
C SER A 72 30.55 19.42 16.52
N THR A 73 29.29 19.82 16.40
CA THR A 73 28.75 20.09 15.09
C THR A 73 29.28 21.39 14.50
N ASP A 74 30.35 21.94 15.09
CA ASP A 74 30.92 23.19 14.59
C ASP A 74 31.85 22.88 13.40
N THR A 75 32.20 23.89 12.60
CA THR A 75 33.10 23.70 11.46
C THR A 75 34.53 23.64 11.99
N HIS A 76 35.42 22.95 11.28
CA HIS A 76 36.80 22.87 11.72
C HIS A 76 37.39 24.28 11.79
N PHE A 77 36.81 25.20 11.04
CA PHE A 77 37.27 26.58 11.03
C PHE A 77 37.14 27.16 12.44
N VAL A 78 35.95 27.07 13.01
CA VAL A 78 35.71 27.60 14.35
C VAL A 78 36.55 26.85 15.40
N HIS A 79 36.84 25.57 15.17
CA HIS A 79 37.64 24.82 16.12
C HIS A 79 38.99 25.51 16.23
N LYS A 80 39.56 25.84 15.08
CA LYS A 80 40.84 26.52 15.03
C LYS A 80 40.71 27.89 15.70
N ALA A 81 39.73 28.67 15.28
CA ALA A 81 39.52 29.99 15.87
C ALA A 81 39.48 29.88 17.40
N TRP A 82 38.63 29.01 17.91
CA TRP A 82 38.48 28.82 19.35
C TRP A 82 39.83 28.46 19.96
N HIS A 83 40.55 27.55 19.30
CA HIS A 83 41.85 27.09 19.75
C HIS A 83 42.83 28.23 19.92
N GLU A 84 42.80 29.20 19.01
CA GLU A 84 43.69 30.33 19.09
C GLU A 84 43.19 31.42 20.04
N ASN A 85 41.96 31.88 19.86
CA ASN A 85 41.43 32.94 20.70
C ASN A 85 40.94 32.52 22.10
N SER A 86 41.65 31.57 22.70
CA SER A 86 41.33 31.10 24.04
C SER A 86 42.49 30.30 24.62
N PRO A 87 43.00 30.73 25.79
CA PRO A 87 44.11 30.04 26.44
C PRO A 87 43.75 28.62 26.82
N ALA A 88 42.59 28.46 27.41
CA ALA A 88 42.11 27.15 27.85
C ALA A 88 42.12 26.10 26.74
N VAL A 89 41.26 26.27 25.75
CA VAL A 89 41.19 25.31 24.67
C VAL A 89 42.47 25.31 23.84
N GLY A 90 43.29 26.35 24.00
CA GLY A 90 44.53 26.44 23.26
C GLY A 90 45.58 25.43 23.68
N SER A 91 45.37 24.83 24.84
CA SER A 91 46.31 23.84 25.37
C SER A 91 46.08 22.47 24.74
N ILE A 92 44.96 22.33 24.04
CA ILE A 92 44.61 21.07 23.43
C ILE A 92 45.50 20.68 22.27
N GLU A 93 46.08 19.48 22.37
CA GLU A 93 46.98 18.96 21.37
C GLU A 93 46.35 17.90 20.51
N TYR A 94 45.31 17.24 21.02
CA TYR A 94 44.67 16.18 20.25
C TYR A 94 43.80 16.70 19.09
N ILE A 95 43.25 15.76 18.33
CA ILE A 95 42.43 16.07 17.15
C ILE A 95 41.07 16.70 17.46
N MET A 96 40.70 17.72 16.68
CA MET A 96 39.41 18.37 16.84
C MET A 96 38.63 18.26 15.54
N ILE A 97 37.70 17.31 15.48
CA ILE A 97 36.90 17.11 14.28
C ILE A 97 35.68 18.01 14.24
N GLY A 98 35.28 18.41 13.04
CA GLY A 98 34.13 19.27 12.89
C GLY A 98 33.03 18.50 12.23
N ASP A 99 31.84 18.53 12.80
CA ASP A 99 30.72 17.78 12.24
C ASP A 99 29.51 18.63 11.86
N PRO A 100 29.69 19.62 10.96
CA PRO A 100 28.57 20.46 10.55
C PRO A 100 27.46 19.74 9.79
N SER A 101 27.80 18.60 9.20
CA SER A 101 26.83 17.82 8.46
C SER A 101 25.99 17.05 9.46
N GLN A 102 26.51 16.95 10.69
CA GLN A 102 25.87 16.24 11.80
C GLN A 102 25.91 14.72 11.64
N THR A 103 26.46 14.25 10.52
CA THR A 103 26.49 12.81 10.27
C THR A 103 27.22 11.96 11.30
N ILE A 104 28.37 12.42 11.78
CA ILE A 104 29.04 11.57 12.75
C ILE A 104 28.43 11.66 14.13
N SER A 105 27.83 12.80 14.47
CA SER A 105 27.17 12.95 15.77
C SER A 105 25.93 12.06 15.76
N ARG A 106 25.30 12.03 14.60
CA ARG A 106 24.10 11.26 14.37
C ARG A 106 24.39 9.75 14.40
N GLN A 107 25.54 9.33 13.84
CA GLN A 107 25.88 7.92 13.82
C GLN A 107 26.19 7.36 15.20
N PHE A 108 26.69 8.22 16.10
CA PHE A 108 26.99 7.79 17.45
C PHE A 108 25.76 7.98 18.32
N ASP A 109 24.64 8.29 17.68
CA ASP A 109 23.38 8.49 18.38
C ASP A 109 23.60 9.42 19.55
N VAL A 110 24.09 10.62 19.26
CA VAL A 110 24.34 11.55 20.32
C VAL A 110 23.99 12.97 19.87
N LEU A 111 23.29 13.05 18.75
CA LEU A 111 22.88 14.33 18.19
C LEU A 111 21.51 14.70 18.70
N ASN A 112 21.38 15.91 19.23
CA ASN A 112 20.07 16.35 19.68
C ASN A 112 19.38 16.98 18.48
N GLU A 113 18.48 16.22 17.87
CA GLU A 113 17.74 16.65 16.69
C GLU A 113 17.30 18.11 16.65
N GLU A 114 16.61 18.57 17.70
CA GLU A 114 16.10 19.94 17.69
C GLU A 114 17.08 21.09 17.91
N THR A 115 18.15 20.88 18.67
CA THR A 115 19.10 21.98 18.88
C THR A 115 20.21 21.95 17.83
N GLY A 116 20.42 20.77 17.24
CA GLY A 116 21.44 20.63 16.22
C GLY A 116 22.82 20.53 16.84
N LEU A 117 22.87 20.18 18.12
CA LEU A 117 24.14 20.06 18.83
C LEU A 117 24.32 18.65 19.38
N ALA A 118 25.55 18.32 19.77
CA ALA A 118 25.82 16.98 20.29
C ALA A 118 25.68 16.94 21.80
N ASP A 119 25.52 15.73 22.34
CA ASP A 119 25.39 15.54 23.78
C ASP A 119 26.78 15.33 24.37
N ARG A 120 26.90 15.46 25.68
CA ARG A 120 28.19 15.24 26.33
C ARG A 120 28.41 13.73 26.42
N GLY A 121 28.91 13.14 25.34
CA GLY A 121 29.16 11.71 25.34
C GLY A 121 30.62 11.40 25.02
N THR A 122 31.16 10.38 25.67
CA THR A 122 32.54 9.97 25.44
C THR A 122 32.53 8.48 25.10
N PHE A 123 33.20 8.11 24.01
CA PHE A 123 33.28 6.71 23.63
C PHE A 123 34.72 6.25 23.55
N ILE A 124 34.94 4.97 23.85
CA ILE A 124 36.25 4.35 23.79
C ILE A 124 36.13 3.27 22.72
N ILE A 125 37.02 3.31 21.72
CA ILE A 125 36.98 2.38 20.60
C ILE A 125 38.24 1.51 20.48
N ASP A 126 38.06 0.20 20.43
CA ASP A 126 39.20 -0.71 20.31
C ASP A 126 39.78 -0.62 18.90
N PRO A 127 41.01 -1.13 18.70
CA PRO A 127 41.68 -1.10 17.40
C PRO A 127 40.90 -1.73 16.26
N ASP A 128 39.77 -2.36 16.58
CA ASP A 128 38.97 -2.96 15.53
C ASP A 128 37.82 -2.05 15.12
N GLY A 129 37.71 -0.90 15.78
CA GLY A 129 36.64 0.03 15.45
C GLY A 129 35.34 -0.31 16.16
N VAL A 130 35.44 -1.00 17.28
CA VAL A 130 34.27 -1.40 18.05
C VAL A 130 34.16 -0.57 19.32
N ILE A 131 32.95 -0.13 19.61
CA ILE A 131 32.69 0.67 20.79
C ILE A 131 32.71 -0.21 22.03
N GLN A 132 33.63 0.06 22.95
CA GLN A 132 33.77 -0.73 24.18
C GLN A 132 33.28 -0.02 25.45
N ALA A 133 33.09 1.30 25.37
CA ALA A 133 32.63 2.08 26.52
C ALA A 133 31.84 3.30 26.08
N ILE A 134 30.75 3.58 26.79
CA ILE A 134 29.90 4.73 26.47
C ILE A 134 29.56 5.48 27.74
N GLU A 135 29.73 6.80 27.71
CA GLU A 135 29.40 7.64 28.86
C GLU A 135 28.78 8.93 28.34
N ILE A 136 27.51 9.16 28.69
CA ILE A 136 26.82 10.36 28.26
C ILE A 136 26.16 11.01 29.45
N ASN A 137 26.61 12.21 29.77
CA ASN A 137 26.06 12.96 30.89
C ASN A 137 25.30 14.17 30.39
N ALA A 138 24.42 14.68 31.23
CA ALA A 138 23.62 15.84 30.89
C ALA A 138 24.43 17.11 31.15
N ASP A 139 24.01 18.24 30.59
CA ASP A 139 24.71 19.50 30.81
C ASP A 139 24.75 19.77 32.30
N GLY A 140 25.95 19.91 32.84
CA GLY A 140 26.09 20.16 34.27
C GLY A 140 26.89 19.05 34.92
N ILE A 141 26.45 17.81 34.73
CA ILE A 141 27.16 16.67 35.30
C ILE A 141 28.42 16.49 34.46
N GLY A 142 29.57 16.59 35.11
CA GLY A 142 30.82 16.48 34.39
C GLY A 142 31.34 15.07 34.18
N ARG A 143 32.13 14.93 33.13
CA ARG A 143 32.76 13.65 32.78
C ARG A 143 34.14 13.68 33.42
N ASP A 144 34.45 12.70 34.23
CA ASP A 144 35.76 12.67 34.89
C ASP A 144 36.84 12.10 33.97
N ALA A 145 37.69 12.99 33.49
CA ALA A 145 38.76 12.61 32.57
C ALA A 145 39.76 11.59 33.13
N SER A 146 39.93 11.57 34.44
CA SER A 146 40.89 10.66 35.03
C SER A 146 40.49 9.19 34.88
N THR A 147 39.21 8.90 35.07
CA THR A 147 38.69 7.54 34.97
C THR A 147 38.90 6.94 33.57
N LEU A 148 39.46 7.73 32.66
CA LEU A 148 39.69 7.25 31.31
C LEU A 148 40.85 6.28 31.22
N ILE A 149 42.01 6.65 31.76
CA ILE A 149 43.19 5.80 31.73
C ILE A 149 42.88 4.42 32.29
N ASN A 150 42.00 4.37 33.28
CA ASN A 150 41.63 3.11 33.90
C ASN A 150 40.81 2.27 32.93
N LYS A 151 39.79 2.89 32.34
CA LYS A 151 38.91 2.20 31.39
C LYS A 151 39.68 1.64 30.21
N VAL A 152 40.52 2.46 29.58
CA VAL A 152 41.28 1.98 28.43
C VAL A 152 42.23 0.85 28.84
N LYS A 153 42.77 0.92 30.05
CA LYS A 153 43.64 -0.15 30.50
C LYS A 153 42.80 -1.41 30.63
N ALA A 154 41.72 -1.30 31.38
CA ALA A 154 40.80 -2.42 31.58
C ALA A 154 40.40 -2.99 30.22
N ALA A 155 40.04 -2.10 29.31
CA ALA A 155 39.62 -2.51 27.98
C ALA A 155 40.75 -3.28 27.31
N GLN A 156 41.96 -2.74 27.41
CA GLN A 156 43.14 -3.37 26.80
C GLN A 156 43.48 -4.69 27.45
N TYR A 157 43.29 -4.78 28.75
CA TYR A 157 43.59 -6.02 29.45
C TYR A 157 42.69 -7.12 28.89
N VAL A 158 41.40 -6.93 29.03
CA VAL A 158 40.40 -7.88 28.55
C VAL A 158 40.58 -8.20 27.08
N ARG A 159 41.19 -7.27 26.34
CA ARG A 159 41.42 -7.44 24.92
C ARG A 159 42.23 -8.68 24.62
N GLU A 160 43.27 -8.93 25.41
CA GLU A 160 44.12 -10.09 25.19
C GLU A 160 44.04 -11.05 26.37
N ASN A 161 42.97 -10.96 27.15
CA ASN A 161 42.79 -11.82 28.31
C ASN A 161 41.31 -12.15 28.48
N PRO A 162 40.67 -12.70 27.45
CA PRO A 162 39.25 -13.07 27.47
C PRO A 162 38.85 -13.94 28.65
N GLY A 163 37.70 -13.64 29.25
CA GLY A 163 37.22 -14.42 30.38
C GLY A 163 37.94 -14.24 31.70
N GLU A 164 39.19 -13.77 31.63
CA GLU A 164 39.96 -13.57 32.85
C GLU A 164 39.42 -12.44 33.70
N VAL A 165 38.23 -11.96 33.34
CA VAL A 165 37.58 -10.88 34.08
C VAL A 165 36.94 -11.49 35.33
N CYS A 166 37.76 -12.24 36.09
CA CYS A 166 37.34 -12.91 37.31
C CYS A 166 36.55 -14.18 37.01
N SER B 1 20.15 9.62 22.06
CA SER B 1 20.44 9.01 23.38
C SER B 1 19.29 9.27 24.35
N LEU B 2 19.10 8.37 25.32
CA LEU B 2 18.03 8.55 26.30
C LEU B 2 18.38 9.61 27.32
N ILE B 3 19.53 10.25 27.15
CA ILE B 3 19.92 11.31 28.08
C ILE B 3 18.88 12.42 28.05
N GLY B 4 18.35 12.75 29.22
CA GLY B 4 17.36 13.80 29.30
C GLY B 4 15.94 13.34 29.05
N THR B 5 15.75 12.05 28.75
CA THR B 5 14.39 11.59 28.52
C THR B 5 13.79 11.13 29.83
N GLU B 6 12.49 10.86 29.81
CA GLU B 6 11.79 10.42 31.01
C GLU B 6 11.60 8.90 31.03
N VAL B 7 11.82 8.30 32.19
CA VAL B 7 11.66 6.85 32.35
C VAL B 7 10.27 6.42 31.92
N GLN B 8 10.21 5.37 31.10
CA GLN B 8 8.92 4.88 30.66
C GLN B 8 8.25 3.92 31.64
N PRO B 9 6.92 3.82 31.57
CA PRO B 9 6.09 2.97 32.43
C PRO B 9 6.44 1.48 32.42
N PHE B 10 6.50 0.89 33.61
CA PHE B 10 6.79 -0.52 33.73
C PHE B 10 6.33 -1.03 35.10
N ARG B 11 6.11 -2.32 35.20
CA ARG B 11 5.70 -2.91 36.46
C ARG B 11 6.42 -4.24 36.59
N ALA B 12 7.17 -4.42 37.68
CA ALA B 12 7.92 -5.65 37.85
C ALA B 12 8.07 -6.10 39.30
N GLN B 13 8.39 -7.38 39.46
CA GLN B 13 8.58 -7.98 40.78
C GLN B 13 10.01 -7.70 41.21
N ALA B 14 10.20 -7.42 42.49
CA ALA B 14 11.54 -7.15 42.99
C ALA B 14 11.76 -7.87 44.30
N PHE B 15 13.02 -7.98 44.68
CA PHE B 15 13.36 -8.61 45.94
C PHE B 15 14.35 -7.73 46.63
N GLN B 16 14.26 -7.66 47.95
CA GLN B 16 15.20 -6.86 48.73
C GLN B 16 15.45 -7.52 50.08
N SER B 17 16.72 -7.68 50.42
CA SER B 17 17.08 -8.29 51.69
C SER B 17 16.21 -7.68 52.78
N GLY B 18 15.30 -8.46 53.34
CA GLY B 18 14.42 -7.93 54.37
C GLY B 18 12.99 -8.09 53.95
N LYS B 19 12.46 -7.12 53.22
CA LYS B 19 11.09 -7.18 52.74
C LYS B 19 10.92 -8.39 51.81
N ASP B 20 9.78 -9.04 51.85
CA ASP B 20 9.57 -10.16 50.94
C ASP B 20 9.14 -9.52 49.62
N PHE B 21 9.32 -10.25 48.52
CA PHE B 21 8.94 -9.79 47.19
C PHE B 21 7.88 -8.69 47.17
N PHE B 22 8.08 -7.69 46.30
CA PHE B 22 7.13 -6.58 46.16
C PHE B 22 7.18 -5.99 44.76
N GLU B 23 6.08 -5.37 44.35
CA GLU B 23 6.00 -4.79 43.02
C GLU B 23 6.73 -3.46 42.94
N VAL B 24 7.07 -3.05 41.72
CA VAL B 24 7.78 -1.80 41.46
C VAL B 24 7.31 -1.19 40.15
N THR B 25 7.14 0.13 40.11
CA THR B 25 6.71 0.77 38.87
C THR B 25 7.56 1.99 38.54
N GLU B 26 7.35 2.57 37.36
CA GLU B 26 8.12 3.74 36.95
C GLU B 26 7.86 4.85 37.95
N ALA B 27 7.04 4.53 38.94
CA ALA B 27 6.66 5.46 39.99
C ALA B 27 7.72 5.53 41.09
N ASP B 28 8.24 4.38 41.50
CA ASP B 28 9.26 4.33 42.55
C ASP B 28 10.49 5.11 42.12
N LEU B 29 10.66 5.30 40.81
CA LEU B 29 11.81 6.02 40.31
C LEU B 29 11.63 7.53 40.33
N LYS B 30 10.40 7.98 40.60
CA LYS B 30 10.13 9.41 40.67
C LYS B 30 10.05 9.84 42.13
N GLY B 31 10.35 11.11 42.38
CA GLY B 31 10.30 11.63 43.74
C GLY B 31 11.62 11.49 44.47
N LYS B 32 12.55 10.72 43.91
CA LYS B 32 13.84 10.54 44.55
C LYS B 32 14.93 10.30 43.53
N TRP B 33 16.16 10.50 43.97
CA TRP B 33 17.30 10.27 43.11
C TRP B 33 17.51 8.77 43.11
N SER B 34 17.19 8.13 41.99
CA SER B 34 17.35 6.70 41.86
C SER B 34 18.47 6.42 40.87
N ILE B 35 19.21 5.34 41.11
CA ILE B 35 20.30 4.93 40.24
C ILE B 35 20.16 3.43 39.99
N VAL B 36 19.81 3.08 38.76
CA VAL B 36 19.59 1.69 38.38
C VAL B 36 20.76 1.10 37.60
N VAL B 37 21.22 -0.08 38.01
CA VAL B 37 22.33 -0.72 37.33
C VAL B 37 21.91 -2.07 36.78
N PHE B 38 22.16 -2.26 35.49
CA PHE B 38 21.84 -3.49 34.78
C PHE B 38 23.07 -4.40 34.72
N TYR B 39 22.83 -5.71 34.64
CA TYR B 39 23.93 -6.66 34.51
C TYR B 39 23.41 -7.91 33.79
N PRO B 40 24.29 -8.62 33.08
CA PRO B 40 24.01 -9.83 32.30
C PRO B 40 23.06 -10.82 32.94
N ALA B 41 23.59 -11.67 33.82
CA ALA B 41 22.78 -12.70 34.49
C ALA B 41 23.26 -13.08 35.88
N ASP B 42 22.31 -13.50 36.70
CA ASP B 42 22.61 -13.95 38.06
C ASP B 42 23.35 -15.28 37.91
N PHE B 43 24.03 -15.71 38.96
CA PHE B 43 24.77 -16.96 38.94
C PHE B 43 25.73 -17.09 37.77
N SER B 44 26.04 -15.96 37.13
CA SER B 44 26.96 -15.90 36.00
C SER B 44 28.37 -16.28 36.45
N PHE B 45 29.28 -16.52 35.50
CA PHE B 45 30.65 -16.87 35.87
C PHE B 45 31.45 -15.65 36.35
N VAL B 46 31.22 -14.49 35.74
CA VAL B 46 31.90 -13.27 36.13
C VAL B 46 31.55 -12.94 37.58
N CYS B 47 32.55 -12.52 38.35
CA CYS B 47 32.32 -12.19 39.76
C CYS B 47 31.48 -10.93 39.92
N PRO B 48 30.48 -11.01 40.82
CA PRO B 48 29.55 -9.93 41.15
C PRO B 48 30.18 -8.68 41.75
N THR B 49 31.46 -8.49 41.45
CA THR B 49 32.19 -7.33 41.95
C THR B 49 31.38 -6.05 41.80
N GLU B 50 31.04 -5.70 40.57
CA GLU B 50 30.28 -4.48 40.30
C GLU B 50 29.11 -4.32 41.25
N LEU B 51 28.27 -5.34 41.37
CA LEU B 51 27.12 -5.27 42.26
C LEU B 51 27.47 -4.93 43.71
N GLU B 52 28.46 -5.61 44.29
CA GLU B 52 28.80 -5.32 45.68
C GLU B 52 29.60 -4.06 45.90
N ASP B 53 30.38 -3.64 44.91
CA ASP B 53 31.09 -2.39 45.09
C ASP B 53 30.02 -1.32 45.31
N VAL B 54 28.89 -1.46 44.62
CA VAL B 54 27.77 -0.53 44.75
C VAL B 54 27.20 -0.65 46.17
N GLN B 55 27.20 -1.88 46.71
CA GLN B 55 26.68 -2.12 48.04
C GLN B 55 27.48 -1.30 49.05
N LYS B 56 28.79 -1.27 48.88
CA LYS B 56 29.63 -0.51 49.77
C LYS B 56 29.24 0.96 49.72
N GLU B 57 29.17 1.53 48.52
CA GLU B 57 28.78 2.93 48.36
C GLU B 57 27.31 3.16 48.78
N TYR B 58 26.55 2.10 48.98
CA TYR B 58 25.13 2.22 49.33
C TYR B 58 24.87 3.06 50.57
N ALA B 59 25.63 2.76 51.62
CA ALA B 59 25.51 3.48 52.88
C ALA B 59 25.40 4.97 52.60
N GLU B 60 26.44 5.53 52.00
CA GLU B 60 26.49 6.95 51.68
C GLU B 60 25.42 7.41 50.71
N LEU B 61 25.21 6.64 49.65
CA LEU B 61 24.22 7.00 48.65
C LEU B 61 22.87 7.25 49.29
N LYS B 62 22.52 6.43 50.27
CA LYS B 62 21.24 6.61 50.95
C LYS B 62 21.20 7.96 51.65
N LYS B 63 22.33 8.37 52.21
CA LYS B 63 22.43 9.66 52.89
C LYS B 63 22.05 10.77 51.92
N LEU B 64 22.49 10.65 50.67
CA LEU B 64 22.18 11.65 49.67
C LEU B 64 20.77 11.53 49.12
N GLY B 65 19.96 10.67 49.72
CA GLY B 65 18.59 10.51 49.29
C GLY B 65 18.50 9.80 47.96
N VAL B 66 19.40 8.85 47.75
CA VAL B 66 19.46 8.08 46.52
C VAL B 66 19.06 6.63 46.78
N GLU B 67 18.33 6.03 45.84
CA GLU B 67 17.97 4.63 45.99
C GLU B 67 18.65 3.85 44.86
N VAL B 68 18.96 2.59 45.12
CA VAL B 68 19.65 1.75 44.14
C VAL B 68 18.85 0.54 43.70
N TYR B 69 18.81 0.31 42.39
CA TYR B 69 18.09 -0.80 41.78
C TYR B 69 18.97 -1.61 40.84
N SER B 70 19.05 -2.91 41.06
CA SER B 70 19.85 -3.76 40.17
C SER B 70 18.84 -4.45 39.27
N VAL B 71 19.19 -4.65 38.01
CA VAL B 71 18.28 -5.28 37.08
C VAL B 71 18.95 -6.25 36.12
N SER B 72 18.32 -7.39 35.93
CA SER B 72 18.78 -8.42 35.01
C SER B 72 17.49 -9.08 34.53
N THR B 73 17.53 -9.72 33.37
CA THR B 73 16.32 -10.36 32.88
C THR B 73 15.98 -11.65 33.63
N ASP B 74 16.58 -11.84 34.81
CA ASP B 74 16.30 -13.02 35.64
C ASP B 74 15.00 -12.79 36.41
N THR B 75 14.40 -13.85 36.92
CA THR B 75 13.16 -13.70 37.70
C THR B 75 13.56 -13.27 39.12
N HIS B 76 12.67 -12.57 39.81
CA HIS B 76 12.97 -12.13 41.17
C HIS B 76 13.23 -13.35 42.06
N PHE B 77 12.73 -14.51 41.65
CA PHE B 77 12.96 -15.72 42.43
C PHE B 77 14.45 -16.04 42.46
N VAL B 78 15.09 -16.06 41.29
CA VAL B 78 16.52 -16.35 41.23
C VAL B 78 17.34 -15.26 41.92
N HIS B 79 16.83 -14.02 41.94
CA HIS B 79 17.56 -12.95 42.60
C HIS B 79 17.68 -13.29 44.07
N LYS B 80 16.57 -13.76 44.65
CA LYS B 80 16.57 -14.15 46.04
C LYS B 80 17.49 -15.35 46.22
N ALA B 81 17.33 -16.36 45.39
CA ALA B 81 18.15 -17.55 45.46
C ALA B 81 19.63 -17.16 45.48
N TRP B 82 20.02 -16.37 44.48
CA TRP B 82 21.40 -15.91 44.37
C TRP B 82 21.81 -15.18 45.64
N HIS B 83 20.95 -14.28 46.11
CA HIS B 83 21.22 -13.50 47.31
C HIS B 83 21.52 -14.39 48.52
N GLU B 84 20.83 -15.51 48.63
CA GLU B 84 21.05 -16.40 49.77
C GLU B 84 22.23 -17.34 49.55
N ASN B 85 22.23 -18.05 48.43
CA ASN B 85 23.30 -19.02 48.14
C ASN B 85 24.62 -18.42 47.66
N SER B 86 24.97 -17.25 48.17
CA SER B 86 26.23 -16.59 47.83
C SER B 86 26.55 -15.46 48.79
N PRO B 87 27.72 -15.54 49.44
CA PRO B 87 28.13 -14.53 50.40
C PRO B 87 28.25 -13.14 49.76
N ALA B 88 28.92 -13.09 48.62
CA ALA B 88 29.13 -11.84 47.92
C ALA B 88 27.84 -11.07 47.66
N VAL B 89 26.98 -11.63 46.81
CA VAL B 89 25.73 -10.97 46.48
C VAL B 89 24.82 -10.87 47.71
N GLY B 90 25.11 -11.67 48.72
CA GLY B 90 24.29 -11.65 49.93
C GLY B 90 24.41 -10.38 50.77
N SER B 91 25.45 -9.61 50.49
CA SER B 91 25.68 -8.37 51.22
C SER B 91 24.83 -7.24 50.68
N ILE B 92 24.22 -7.47 49.52
CA ILE B 92 23.41 -6.45 48.88
C ILE B 92 22.12 -6.14 49.63
N GLU B 93 21.94 -4.86 49.94
CA GLU B 93 20.78 -4.42 50.67
C GLU B 93 19.79 -3.67 49.80
N TYR B 94 20.24 -3.16 48.66
CA TYR B 94 19.34 -2.43 47.77
C TYR B 94 18.37 -3.32 47.01
N ILE B 95 17.49 -2.70 46.24
CA ILE B 95 16.48 -3.43 45.47
C ILE B 95 17.00 -4.22 44.29
N MET B 96 16.46 -5.42 44.11
CA MET B 96 16.85 -6.28 42.99
C MET B 96 15.61 -6.59 42.15
N ILE B 97 15.47 -5.87 41.03
CA ILE B 97 14.33 -6.06 40.14
C ILE B 97 14.56 -7.20 39.16
N GLY B 98 13.49 -7.90 38.81
CA GLY B 98 13.58 -9.01 37.88
C GLY B 98 12.90 -8.60 36.60
N ASP B 99 13.55 -8.77 35.46
CA ASP B 99 12.97 -8.35 34.20
C ASP B 99 12.85 -9.49 33.17
N PRO B 100 12.15 -10.58 33.52
CA PRO B 100 12.00 -11.70 32.59
C PRO B 100 11.19 -11.38 31.35
N SER B 101 10.37 -10.34 31.41
CA SER B 101 9.59 -9.98 30.23
C SER B 101 10.48 -9.17 29.31
N GLN B 102 11.63 -8.73 29.84
CA GLN B 102 12.61 -7.94 29.10
C GLN B 102 12.15 -6.50 28.81
N THR B 103 10.93 -6.17 29.20
CA THR B 103 10.41 -4.84 28.92
C THR B 103 11.18 -3.68 29.51
N ILE B 104 11.64 -3.79 30.75
CA ILE B 104 12.37 -2.65 31.28
C ILE B 104 13.80 -2.56 30.71
N SER B 105 14.40 -3.71 30.40
CA SER B 105 15.75 -3.71 29.83
C SER B 105 15.65 -3.11 28.44
N ARG B 106 14.57 -3.44 27.76
CA ARG B 106 14.31 -2.96 26.42
C ARG B 106 14.03 -1.46 26.41
N GLN B 107 13.29 -0.96 27.41
CA GLN B 107 12.97 0.46 27.47
C GLN B 107 14.19 1.34 27.70
N PHE B 108 15.18 0.81 28.40
CA PHE B 108 16.39 1.57 28.65
C PHE B 108 17.38 1.34 27.52
N ASP B 109 16.91 0.67 26.47
CA ASP B 109 17.73 0.38 25.31
C ASP B 109 19.05 -0.24 25.75
N VAL B 110 18.97 -1.34 26.49
CA VAL B 110 20.17 -1.98 26.98
C VAL B 110 20.02 -3.50 26.91
N LEU B 111 18.98 -3.95 26.21
CA LEU B 111 18.73 -5.38 26.06
C LEU B 111 19.41 -5.88 24.81
N ASN B 112 20.16 -6.96 24.93
CA ASN B 112 20.80 -7.55 23.78
C ASN B 112 19.81 -8.53 23.18
N GLU B 113 19.13 -8.08 22.13
CA GLU B 113 18.13 -8.90 21.46
C GLU B 113 18.42 -10.39 21.32
N GLU B 114 19.59 -10.76 20.79
CA GLU B 114 19.91 -12.17 20.57
C GLU B 114 20.25 -13.04 21.78
N THR B 115 20.87 -12.47 22.81
CA THR B 115 21.18 -13.31 23.97
C THR B 115 20.07 -13.27 25.03
N GLY B 116 19.23 -12.24 24.95
CA GLY B 116 18.14 -12.11 25.89
C GLY B 116 18.61 -11.62 27.25
N LEU B 117 19.79 -11.00 27.27
CA LEU B 117 20.36 -10.47 28.50
C LEU B 117 20.62 -8.97 28.39
N ALA B 118 20.81 -8.32 29.53
CA ALA B 118 21.06 -6.88 29.51
C ALA B 118 22.55 -6.55 29.44
N ASP B 119 22.86 -5.33 29.05
CA ASP B 119 24.23 -4.87 28.95
C ASP B 119 24.63 -4.27 30.28
N ARG B 120 25.93 -4.09 30.50
CA ARG B 120 26.40 -3.50 31.75
C ARG B 120 26.20 -1.99 31.65
N GLY B 121 24.99 -1.55 31.97
CA GLY B 121 24.70 -0.13 31.91
C GLY B 121 24.20 0.39 33.24
N THR B 122 24.60 1.61 33.60
CA THR B 122 24.16 2.21 34.85
C THR B 122 23.55 3.58 34.51
N PHE B 123 22.35 3.84 35.04
CA PHE B 123 21.68 5.10 34.80
C PHE B 123 21.41 5.82 36.12
N ILE B 124 21.45 7.16 36.08
CA ILE B 124 21.14 7.96 37.26
C ILE B 124 19.92 8.78 36.87
N ILE B 125 18.87 8.69 37.67
CA ILE B 125 17.61 9.38 37.40
C ILE B 125 17.23 10.43 38.45
N ASP B 126 16.93 11.64 38.00
CA ASP B 126 16.55 12.70 38.92
C ASP B 126 15.14 12.44 39.44
N PRO B 127 14.76 13.12 40.53
CA PRO B 127 13.43 12.98 41.14
C PRO B 127 12.26 13.19 40.20
N ASP B 128 12.54 13.62 38.98
CA ASP B 128 11.47 13.82 38.02
C ASP B 128 11.33 12.65 37.08
N GLY B 129 12.20 11.65 37.23
CA GLY B 129 12.14 10.48 36.37
C GLY B 129 12.86 10.71 35.05
N VAL B 130 13.81 11.62 35.06
CA VAL B 130 14.59 11.93 33.87
C VAL B 130 16.01 11.38 33.98
N ILE B 131 16.50 10.77 32.90
CA ILE B 131 17.82 10.20 32.91
C ILE B 131 18.85 11.30 32.76
N GLN B 132 19.74 11.40 33.74
CA GLN B 132 20.79 12.43 33.76
C GLN B 132 22.19 11.92 33.45
N ALA B 133 22.39 10.61 33.56
CA ALA B 133 23.70 10.02 33.29
C ALA B 133 23.57 8.59 32.79
N ILE B 134 24.39 8.25 31.80
CA ILE B 134 24.37 6.93 31.22
C ILE B 134 25.78 6.39 31.06
N GLU B 135 26.00 5.17 31.52
CA GLU B 135 27.31 4.52 31.41
C GLU B 135 27.12 3.08 31.05
N ILE B 136 27.59 2.68 29.88
CA ILE B 136 27.47 1.30 29.45
C ILE B 136 28.83 0.79 28.99
N ASN B 137 29.32 -0.22 29.69
CA ASN B 137 30.62 -0.81 29.40
C ASN B 137 30.42 -2.21 28.86
N ALA B 138 31.42 -2.69 28.12
CA ALA B 138 31.40 -4.04 27.55
C ALA B 138 31.82 -5.04 28.63
N ASP B 139 31.52 -6.32 28.45
CA ASP B 139 31.91 -7.32 29.43
C ASP B 139 33.42 -7.29 29.56
N GLY B 140 33.91 -7.07 30.78
CA GLY B 140 35.32 -6.99 31.01
C GLY B 140 35.69 -5.63 31.60
N ILE B 141 35.31 -4.56 30.91
CA ILE B 141 35.59 -3.22 31.39
C ILE B 141 34.61 -2.98 32.54
N GLY B 142 35.17 -2.72 33.71
CA GLY B 142 34.33 -2.50 34.88
C GLY B 142 33.81 -1.10 35.08
N ARG B 143 32.69 -1.02 35.80
CA ARG B 143 32.06 0.26 36.12
C ARG B 143 32.57 0.64 37.50
N ASP B 144 33.16 1.82 37.64
CA ASP B 144 33.67 2.23 38.94
C ASP B 144 32.59 2.80 39.84
N ALA B 145 32.21 2.01 40.83
CA ALA B 145 31.17 2.38 41.78
C ALA B 145 31.41 3.68 42.53
N SER B 146 32.69 4.00 42.75
CA SER B 146 33.04 5.19 43.51
C SER B 146 32.62 6.47 42.81
N THR B 147 32.86 6.54 41.50
CA THR B 147 32.52 7.74 40.73
C THR B 147 31.03 8.07 40.75
N LEU B 148 30.24 7.23 41.41
CA LEU B 148 28.81 7.45 41.48
C LEU B 148 28.44 8.60 42.41
N ILE B 149 28.95 8.57 43.64
CA ILE B 149 28.68 9.61 44.62
C ILE B 149 28.97 11.00 44.05
N ASN B 150 30.01 11.08 43.22
CA ASN B 150 30.38 12.35 42.61
C ASN B 150 29.32 12.78 41.61
N LYS B 151 28.95 11.86 40.72
CA LYS B 151 27.97 12.17 39.69
C LYS B 151 26.63 12.60 40.27
N VAL B 152 26.12 11.86 41.25
CA VAL B 152 24.83 12.23 41.83
C VAL B 152 24.94 13.58 42.51
N LYS B 153 26.08 13.87 43.12
CA LYS B 153 26.29 15.15 43.76
C LYS B 153 26.20 16.22 42.69
N ALA B 154 27.04 16.06 41.68
CA ALA B 154 27.09 16.99 40.56
C ALA B 154 25.69 17.17 39.99
N ALA B 155 25.01 16.05 39.81
CA ALA B 155 23.66 16.06 39.28
C ALA B 155 22.76 16.90 40.17
N GLN B 156 22.85 16.65 41.47
CA GLN B 156 22.04 17.37 42.46
C GLN B 156 22.39 18.83 42.53
N TYR B 157 23.67 19.16 42.39
CA TYR B 157 24.10 20.54 42.46
C TYR B 157 23.41 21.32 41.32
N VAL B 158 23.69 20.89 40.09
CA VAL B 158 23.12 21.51 38.89
C VAL B 158 21.59 21.55 38.96
N ARG B 159 21.03 20.63 39.73
CA ARG B 159 19.58 20.53 39.91
C ARG B 159 18.97 21.84 40.38
N GLU B 160 19.58 22.44 41.39
CA GLU B 160 19.09 23.70 41.93
C GLU B 160 20.06 24.83 41.71
N ASN B 161 20.93 24.69 40.71
CA ASN B 161 21.91 25.72 40.40
C ASN B 161 22.14 25.76 38.90
N PRO B 162 21.06 25.96 38.12
CA PRO B 162 21.14 26.03 36.66
C PRO B 162 22.16 27.04 36.12
N GLY B 163 22.90 26.65 35.10
CA GLY B 163 23.88 27.53 34.49
C GLY B 163 25.15 27.78 35.29
N GLU B 164 25.07 27.57 36.61
CA GLU B 164 26.23 27.76 37.47
C GLU B 164 27.34 26.75 37.19
N VAL B 165 27.17 25.98 36.13
CA VAL B 165 28.17 24.98 35.74
C VAL B 165 29.32 25.71 35.03
N CYS B 166 29.85 26.73 35.71
CA CYS B 166 30.94 27.54 35.21
C CYS B 166 30.46 28.53 34.15
N SER C 1 -2.83 -26.22 15.27
CA SER C 1 -1.94 -26.77 16.34
C SER C 1 -0.63 -27.29 15.75
N LEU C 2 0.42 -27.28 16.55
CA LEU C 2 1.73 -27.74 16.10
C LEU C 2 1.80 -29.24 15.97
N ILE C 3 0.70 -29.92 16.25
CA ILE C 3 0.67 -31.37 16.14
C ILE C 3 0.99 -31.77 14.70
N GLY C 4 2.01 -32.62 14.54
CA GLY C 4 2.39 -33.05 13.21
C GLY C 4 3.37 -32.12 12.50
N THR C 5 3.71 -31.01 13.14
CA THR C 5 4.65 -30.09 12.53
C THR C 5 6.09 -30.50 12.91
N GLU C 6 7.06 -29.92 12.23
CA GLU C 6 8.44 -30.25 12.50
C GLU C 6 9.10 -29.16 13.35
N VAL C 7 9.89 -29.61 14.32
CA VAL C 7 10.59 -28.71 15.21
C VAL C 7 11.44 -27.71 14.45
N GLN C 8 11.30 -26.43 14.81
CA GLN C 8 12.06 -25.37 14.16
C GLN C 8 13.48 -25.22 14.71
N PRO C 9 14.39 -24.70 13.88
CA PRO C 9 15.80 -24.47 14.21
C PRO C 9 16.05 -23.59 15.42
N PHE C 10 16.96 -24.03 16.28
CA PHE C 10 17.30 -23.26 17.46
C PHE C 10 18.66 -23.71 17.99
N ARG C 11 19.32 -22.83 18.74
CA ARG C 11 20.61 -23.14 19.33
C ARG C 11 20.62 -22.57 20.73
N ALA C 12 20.86 -23.42 21.72
CA ALA C 12 20.85 -22.95 23.10
C ALA C 12 21.84 -23.69 24.02
N GLN C 13 22.15 -23.05 25.15
CA GLN C 13 23.05 -23.63 26.13
C GLN C 13 22.26 -24.53 27.06
N ALA C 14 22.84 -25.65 27.43
CA ALA C 14 22.15 -26.58 28.32
C ALA C 14 23.07 -27.05 29.40
N PHE C 15 22.49 -27.62 30.44
CA PHE C 15 23.27 -28.14 31.53
C PHE C 15 22.75 -29.52 31.85
N GLN C 16 23.65 -30.44 32.20
CA GLN C 16 23.23 -31.78 32.54
C GLN C 16 24.15 -32.34 33.62
N SER C 17 23.54 -32.85 34.69
CA SER C 17 24.30 -33.41 35.79
C SER C 17 25.39 -34.30 35.20
N GLY C 18 26.63 -33.87 35.34
CA GLY C 18 27.74 -34.65 34.79
C GLY C 18 28.52 -33.81 33.80
N LYS C 19 28.09 -33.80 32.54
CA LYS C 19 28.75 -33.00 31.52
C LYS C 19 28.64 -31.52 31.88
N ASP C 20 29.67 -30.76 31.60
CA ASP C 20 29.59 -29.34 31.90
C ASP C 20 28.85 -28.72 30.71
N PHE C 21 28.25 -27.55 30.91
CA PHE C 21 27.52 -26.84 29.87
C PHE C 21 27.88 -27.22 28.44
N PHE C 22 26.86 -27.37 27.59
CA PHE C 22 27.07 -27.71 26.19
C PHE C 22 25.93 -27.17 25.33
N GLU C 23 26.20 -26.98 24.04
CA GLU C 23 25.22 -26.43 23.11
C GLU C 23 24.21 -27.49 22.68
N VAL C 24 23.06 -27.04 22.21
CA VAL C 24 22.00 -27.93 21.75
C VAL C 24 21.28 -27.30 20.56
N THR C 25 20.91 -28.11 19.57
CA THR C 25 20.25 -27.60 18.37
C THR C 25 19.06 -28.48 18.02
N GLU C 26 18.28 -28.10 17.00
CA GLU C 26 17.13 -28.91 16.61
C GLU C 26 17.62 -30.30 16.24
N ALA C 27 18.84 -30.35 15.69
CA ALA C 27 19.49 -31.58 15.27
C ALA C 27 19.55 -32.65 16.36
N ASP C 28 19.74 -32.22 17.60
CA ASP C 28 19.80 -33.16 18.71
C ASP C 28 18.44 -33.81 18.87
N LEU C 29 17.41 -33.12 18.41
CA LEU C 29 16.05 -33.63 18.51
C LEU C 29 15.69 -34.63 17.44
N LYS C 30 16.47 -34.66 16.38
CA LYS C 30 16.24 -35.56 15.26
C LYS C 30 17.06 -36.83 15.43
N GLY C 31 16.45 -37.96 15.05
CA GLY C 31 17.11 -39.24 15.15
C GLY C 31 16.82 -39.98 16.43
N LYS C 32 16.06 -39.37 17.32
CA LYS C 32 15.75 -40.03 18.58
C LYS C 32 14.39 -39.58 19.09
N TRP C 33 13.75 -40.41 19.89
CA TRP C 33 12.48 -40.02 20.47
C TRP C 33 12.83 -39.09 21.61
N SER C 34 12.57 -37.82 21.42
CA SER C 34 12.83 -36.83 22.45
C SER C 34 11.51 -36.31 23.01
N ILE C 35 11.50 -36.00 24.30
CA ILE C 35 10.34 -35.45 24.96
C ILE C 35 10.79 -34.25 25.78
N VAL C 36 10.35 -33.07 25.37
CA VAL C 36 10.72 -31.83 26.03
C VAL C 36 9.60 -31.27 26.90
N VAL C 37 9.93 -30.92 28.14
CA VAL C 37 8.95 -30.35 29.05
C VAL C 37 9.33 -28.94 29.46
N PHE C 38 8.38 -28.02 29.30
CA PHE C 38 8.57 -26.62 29.65
C PHE C 38 7.97 -26.37 31.02
N TYR C 39 8.49 -25.36 31.71
CA TYR C 39 7.99 -24.97 33.02
C TYR C 39 8.29 -23.49 33.25
N PRO C 40 7.47 -22.81 34.06
CA PRO C 40 7.57 -21.38 34.40
C PRO C 40 8.97 -20.85 34.68
N ALA C 41 9.45 -21.05 35.91
CA ALA C 41 10.76 -20.55 36.32
C ALA C 41 11.46 -21.40 37.37
N ASP C 42 12.79 -21.38 37.34
CA ASP C 42 13.60 -22.12 38.31
C ASP C 42 13.44 -21.36 39.63
N PHE C 43 13.78 -22.02 40.73
CA PHE C 43 13.67 -21.41 42.07
C PHE C 43 12.29 -20.82 42.34
N SER C 44 11.29 -21.28 41.59
CA SER C 44 9.92 -20.81 41.73
C SER C 44 9.35 -21.30 43.06
N PHE C 45 8.19 -20.77 43.45
CA PHE C 45 7.54 -21.18 44.70
C PHE C 45 6.95 -22.57 44.60
N VAL C 46 6.32 -22.85 43.47
CA VAL C 46 5.70 -24.15 43.22
C VAL C 46 6.75 -25.26 43.27
N CYS C 47 6.42 -26.37 43.93
CA CYS C 47 7.34 -27.50 44.07
C CYS C 47 7.66 -28.15 42.74
N PRO C 48 8.94 -28.43 42.50
CA PRO C 48 9.46 -29.06 41.28
C PRO C 48 8.97 -30.49 41.07
N THR C 49 7.83 -30.81 41.68
CA THR C 49 7.25 -32.14 41.54
C THR C 49 7.31 -32.64 40.11
N GLU C 50 6.63 -31.92 39.22
CA GLU C 50 6.59 -32.28 37.81
C GLU C 50 7.97 -32.72 37.28
N LEU C 51 8.96 -31.86 37.41
CA LEU C 51 10.29 -32.19 36.93
C LEU C 51 10.86 -33.49 37.47
N GLU C 52 10.77 -33.72 38.77
CA GLU C 52 11.33 -34.95 39.33
C GLU C 52 10.51 -36.18 39.04
N ASP C 53 9.19 -36.04 38.91
CA ASP C 53 8.36 -37.18 38.59
C ASP C 53 8.93 -37.75 37.29
N VAL C 54 9.31 -36.83 36.39
CA VAL C 54 9.88 -37.23 35.13
C VAL C 54 11.22 -37.91 35.34
N GLN C 55 11.98 -37.45 36.34
CA GLN C 55 13.28 -38.05 36.63
C GLN C 55 13.08 -39.53 36.96
N LYS C 56 12.04 -39.83 37.74
CA LYS C 56 11.73 -41.20 38.12
C LYS C 56 11.57 -42.02 36.84
N GLU C 57 10.65 -41.58 36.00
CA GLU C 57 10.36 -42.26 34.74
C GLU C 57 11.55 -42.24 33.78
N TYR C 58 12.57 -41.43 34.07
CA TYR C 58 13.74 -41.32 33.18
C TYR C 58 14.44 -42.63 32.91
N ALA C 59 14.68 -43.40 33.98
CA ALA C 59 15.35 -44.69 33.86
C ALA C 59 14.77 -45.47 32.69
N GLU C 60 13.47 -45.75 32.78
CA GLU C 60 12.73 -46.50 31.75
C GLU C 60 12.68 -45.83 30.39
N LEU C 61 12.39 -44.53 30.37
CA LEU C 61 12.32 -43.80 29.12
C LEU C 61 13.58 -43.94 28.31
N LYS C 62 14.73 -43.97 28.98
CA LYS C 62 15.98 -44.11 28.26
C LYS C 62 16.05 -45.49 27.61
N LYS C 63 15.48 -46.50 28.27
CA LYS C 63 15.46 -47.85 27.72
C LYS C 63 14.72 -47.82 26.37
N LEU C 64 13.66 -47.03 26.31
CA LEU C 64 12.87 -46.91 25.09
C LEU C 64 13.52 -46.03 24.05
N GLY C 65 14.76 -45.63 24.31
CA GLY C 65 15.48 -44.79 23.35
C GLY C 65 14.94 -43.39 23.29
N VAL C 66 14.49 -42.90 24.44
CA VAL C 66 13.93 -41.57 24.56
C VAL C 66 14.85 -40.66 25.35
N GLU C 67 14.95 -39.39 24.94
CA GLU C 67 15.77 -38.43 25.67
C GLU C 67 14.83 -37.37 26.24
N VAL C 68 15.18 -36.80 27.39
CA VAL C 68 14.33 -35.79 28.02
C VAL C 68 14.99 -34.43 28.17
N TYR C 69 14.27 -33.37 27.82
CA TYR C 69 14.78 -32.00 27.94
C TYR C 69 13.81 -31.13 28.71
N SER C 70 14.33 -30.41 29.71
CA SER C 70 13.50 -29.51 30.47
C SER C 70 13.84 -28.12 29.94
N VAL C 71 12.84 -27.24 29.85
CA VAL C 71 13.08 -25.90 29.33
C VAL C 71 12.32 -24.81 30.08
N SER C 72 13.00 -23.71 30.32
CA SER C 72 12.44 -22.54 30.99
C SER C 72 13.24 -21.39 30.42
N THR C 73 12.70 -20.19 30.51
CA THR C 73 13.40 -19.04 29.98
C THR C 73 14.56 -18.60 30.87
N ASP C 74 14.96 -19.45 31.82
CA ASP C 74 16.07 -19.14 32.72
C ASP C 74 17.39 -19.43 31.99
N THR C 75 18.51 -18.88 32.46
CA THR C 75 19.83 -19.14 31.83
C THR C 75 20.32 -20.50 32.31
N HIS C 76 21.17 -21.16 31.52
CA HIS C 76 21.65 -22.46 31.96
C HIS C 76 22.43 -22.33 33.25
N PHE C 77 22.90 -21.12 33.52
CA PHE C 77 23.65 -20.88 34.76
C PHE C 77 22.75 -21.18 35.96
N VAL C 78 21.56 -20.58 35.98
CA VAL C 78 20.67 -20.80 37.10
C VAL C 78 20.15 -22.23 37.12
N HIS C 79 20.11 -22.90 35.97
CA HIS C 79 19.65 -24.28 36.00
C HIS C 79 20.64 -25.08 36.83
N LYS C 80 21.92 -24.81 36.61
CA LYS C 80 22.98 -25.48 37.34
C LYS C 80 22.83 -25.13 38.81
N ALA C 81 22.76 -23.84 39.09
CA ALA C 81 22.61 -23.37 40.45
C ALA C 81 21.47 -24.13 41.15
N TRP C 82 20.29 -24.05 40.56
CA TRP C 82 19.12 -24.71 41.10
C TRP C 82 19.40 -26.19 41.32
N HIS C 83 20.02 -26.81 40.33
CA HIS C 83 20.34 -28.23 40.42
C HIS C 83 21.19 -28.56 41.64
N GLU C 84 22.11 -27.67 42.00
CA GLU C 84 22.99 -27.89 43.14
C GLU C 84 22.34 -27.52 44.45
N ASN C 85 21.87 -26.28 44.53
CA ASN C 85 21.26 -25.78 45.76
C ASN C 85 19.85 -26.28 46.04
N SER C 86 19.57 -27.52 45.68
CA SER C 86 18.25 -28.08 45.91
C SER C 86 18.28 -29.60 45.72
N PRO C 87 17.89 -30.35 46.76
CA PRO C 87 17.87 -31.81 46.72
C PRO C 87 16.94 -32.35 45.64
N ALA C 88 15.72 -31.82 45.63
CA ALA C 88 14.70 -32.25 44.67
C ALA C 88 15.18 -32.18 43.23
N VAL C 89 15.41 -30.97 42.72
CA VAL C 89 15.85 -30.78 41.36
C VAL C 89 17.25 -31.40 41.14
N GLY C 90 17.96 -31.64 42.23
CA GLY C 90 19.29 -32.21 42.11
C GLY C 90 19.32 -33.67 41.67
N SER C 91 18.17 -34.32 41.72
CA SER C 91 18.06 -35.71 41.32
C SER C 91 17.91 -35.84 39.80
N ILE C 92 17.69 -34.71 39.14
CA ILE C 92 17.51 -34.69 37.69
C ILE C 92 18.77 -35.01 36.90
N GLU C 93 18.66 -36.03 36.06
CA GLU C 93 19.79 -36.47 35.26
C GLU C 93 19.67 -36.06 33.80
N TYR C 94 18.47 -35.76 33.35
CA TYR C 94 18.25 -35.37 31.96
C TYR C 94 18.73 -33.96 31.66
N ILE C 95 18.65 -33.57 30.40
CA ILE C 95 19.10 -32.26 29.94
C ILE C 95 18.23 -31.08 30.41
N MET C 96 18.89 -29.98 30.75
CA MET C 96 18.20 -28.76 31.16
C MET C 96 18.62 -27.62 30.25
N ILE C 97 17.75 -27.31 29.29
CA ILE C 97 18.03 -26.23 28.36
C ILE C 97 17.64 -24.88 28.94
N GLY C 98 18.38 -23.84 28.57
CA GLY C 98 18.06 -22.51 29.06
C GLY C 98 17.58 -21.69 27.89
N ASP C 99 16.45 -21.02 28.03
CA ASP C 99 15.91 -20.24 26.92
C ASP C 99 15.71 -18.75 27.25
N PRO C 100 16.77 -18.05 27.64
CA PRO C 100 16.66 -16.63 27.96
C PRO C 100 16.30 -15.74 26.76
N SER C 101 16.56 -16.22 25.56
CA SER C 101 16.26 -15.47 24.35
C SER C 101 14.78 -15.63 24.06
N GLN C 102 14.19 -16.63 24.70
CA GLN C 102 12.77 -16.95 24.56
C GLN C 102 12.42 -17.59 23.21
N THR C 103 13.39 -17.67 22.33
CA THR C 103 13.13 -18.21 21.00
C THR C 103 12.57 -19.62 20.96
N ILE C 104 13.09 -20.54 21.76
CA ILE C 104 12.57 -21.90 21.70
C ILE C 104 11.20 -22.01 22.36
N SER C 105 10.95 -21.19 23.38
CA SER C 105 9.65 -21.20 24.05
C SER C 105 8.63 -20.65 23.09
N ARG C 106 9.06 -19.64 22.35
CA ARG C 106 8.20 -18.99 21.39
C ARG C 106 7.89 -19.92 20.23
N GLN C 107 8.88 -20.67 19.77
CA GLN C 107 8.68 -21.58 18.64
C GLN C 107 7.70 -22.69 18.92
N PHE C 108 7.63 -23.13 20.17
CA PHE C 108 6.69 -24.17 20.52
C PHE C 108 5.38 -23.53 20.95
N ASP C 109 5.25 -22.23 20.67
CA ASP C 109 4.05 -21.45 21.03
C ASP C 109 3.62 -21.82 22.43
N VAL C 110 4.49 -21.54 23.37
CA VAL C 110 4.23 -21.88 24.77
C VAL C 110 4.75 -20.73 25.66
N LEU C 111 5.18 -19.65 25.04
CA LEU C 111 5.71 -18.50 25.75
C LEU C 111 4.63 -17.53 26.08
N ASN C 112 4.54 -17.14 27.35
CA ASN C 112 3.56 -16.16 27.75
C ASN C 112 4.19 -14.79 27.54
N GLU C 113 3.82 -14.14 26.43
CA GLU C 113 4.35 -12.84 26.08
C GLU C 113 4.56 -11.83 27.20
N GLU C 114 3.53 -11.59 28.02
CA GLU C 114 3.69 -10.59 29.07
C GLU C 114 4.47 -10.95 30.34
N THR C 115 4.52 -12.21 30.73
CA THR C 115 5.30 -12.57 31.92
C THR C 115 6.73 -12.96 31.54
N GLY C 116 6.93 -13.34 30.28
CA GLY C 116 8.24 -13.72 29.81
C GLY C 116 8.63 -15.12 30.27
N LEU C 117 7.63 -15.90 30.66
CA LEU C 117 7.83 -17.26 31.13
C LEU C 117 7.12 -18.27 30.23
N ALA C 118 7.49 -19.54 30.34
CA ALA C 118 6.87 -20.58 29.54
C ALA C 118 5.66 -21.19 30.26
N ASP C 119 4.78 -21.85 29.51
CA ASP C 119 3.62 -22.51 30.08
C ASP C 119 3.99 -23.94 30.41
N ARG C 120 3.18 -24.60 31.21
CA ARG C 120 3.45 -25.98 31.55
C ARG C 120 3.04 -26.86 30.39
N GLY C 121 3.93 -27.00 29.42
CA GLY C 121 3.64 -27.83 28.28
C GLY C 121 4.66 -28.93 28.08
N THR C 122 4.21 -30.09 27.65
CA THR C 122 5.10 -31.22 27.39
C THR C 122 4.86 -31.70 25.97
N PHE C 123 5.93 -31.88 25.21
CA PHE C 123 5.83 -32.34 23.82
C PHE C 123 6.60 -33.62 23.64
N ILE C 124 6.12 -34.48 22.74
CA ILE C 124 6.78 -35.73 22.42
C ILE C 124 7.15 -35.61 20.94
N ILE C 125 8.43 -35.81 20.62
CA ILE C 125 8.89 -35.68 19.25
C ILE C 125 9.48 -36.97 18.68
N ASP C 126 8.98 -37.39 17.51
CA ASP C 126 9.48 -38.59 16.87
C ASP C 126 10.88 -38.33 16.29
N PRO C 127 11.63 -39.39 16.00
CA PRO C 127 12.98 -39.32 15.44
C PRO C 127 13.12 -38.45 14.21
N ASP C 128 12.00 -37.99 13.68
CA ASP C 128 12.03 -37.14 12.49
C ASP C 128 11.94 -35.67 12.85
N GLY C 129 11.75 -35.40 14.13
CA GLY C 129 11.63 -34.02 14.56
C GLY C 129 10.22 -33.50 14.42
N VAL C 130 9.25 -34.40 14.42
CA VAL C 130 7.86 -34.00 14.30
C VAL C 130 7.13 -34.18 15.62
N ILE C 131 6.31 -33.20 15.97
CA ILE C 131 5.56 -33.24 17.22
C ILE C 131 4.40 -34.21 17.10
N GLN C 132 4.40 -35.21 17.98
CA GLN C 132 3.37 -36.24 17.99
C GLN C 132 2.36 -36.12 19.13
N ALA C 133 2.72 -35.38 20.17
CA ALA C 133 1.84 -35.20 21.31
C ALA C 133 2.07 -33.86 21.99
N ILE C 134 0.99 -33.24 22.42
CA ILE C 134 1.06 -31.95 23.08
C ILE C 134 0.17 -31.94 24.32
N GLU C 135 0.71 -31.50 25.44
CA GLU C 135 -0.04 -31.41 26.70
C GLU C 135 0.34 -30.13 27.40
N ILE C 136 -0.62 -29.24 27.56
CA ILE C 136 -0.36 -27.97 28.21
C ILE C 136 -1.42 -27.72 29.27
N ASN C 137 -1.00 -27.70 30.53
CA ASN C 137 -1.90 -27.47 31.63
C ASN C 137 -1.61 -26.12 32.26
N ALA C 138 -2.59 -25.59 32.98
CA ALA C 138 -2.39 -24.30 33.63
C ALA C 138 -1.76 -24.53 35.00
N ASP C 139 -1.23 -23.46 35.60
CA ASP C 139 -0.59 -23.56 36.90
C ASP C 139 -1.57 -24.16 37.89
N GLY C 140 -1.18 -25.28 38.49
CA GLY C 140 -2.05 -25.95 39.43
C GLY C 140 -2.37 -27.35 38.97
N ILE C 141 -2.91 -27.47 37.76
CA ILE C 141 -3.22 -28.78 37.22
C ILE C 141 -1.89 -29.42 36.83
N GLY C 142 -1.61 -30.57 37.44
CA GLY C 142 -0.35 -31.24 37.17
C GLY C 142 -0.33 -32.16 35.97
N ARG C 143 0.87 -32.34 35.43
CA ARG C 143 1.07 -33.21 34.29
C ARG C 143 1.50 -34.57 34.87
N ASP C 144 0.79 -35.62 34.51
CA ASP C 144 1.10 -36.96 35.01
C ASP C 144 2.28 -37.58 34.25
N ALA C 145 3.45 -37.61 34.89
CA ALA C 145 4.65 -38.16 34.27
C ALA C 145 4.53 -39.64 33.88
N SER C 146 3.68 -40.38 34.58
CA SER C 146 3.52 -41.80 34.29
C SER C 146 2.94 -42.07 32.90
N THR C 147 1.90 -41.35 32.52
CA THR C 147 1.27 -41.57 31.23
C THR C 147 2.19 -41.28 30.05
N LEU C 148 3.44 -40.94 30.35
CA LEU C 148 4.41 -40.65 29.30
C LEU C 148 4.90 -41.92 28.61
N ILE C 149 5.35 -42.90 29.40
CA ILE C 149 5.83 -44.17 28.84
C ILE C 149 4.79 -44.78 27.91
N ASN C 150 3.51 -44.60 28.25
CA ASN C 150 2.45 -45.15 27.43
C ASN C 150 2.37 -44.44 26.10
N LYS C 151 2.35 -43.10 26.16
CA LYS C 151 2.27 -42.31 24.94
C LYS C 151 3.43 -42.58 24.00
N VAL C 152 4.66 -42.58 24.52
CA VAL C 152 5.82 -42.83 23.67
C VAL C 152 5.74 -44.22 23.05
N LYS C 153 5.24 -45.18 23.82
CA LYS C 153 5.10 -46.53 23.29
C LYS C 153 4.09 -46.49 22.14
N ALA C 154 2.90 -45.99 22.44
CA ALA C 154 1.84 -45.87 21.44
C ALA C 154 2.39 -45.15 20.22
N ALA C 155 3.10 -44.05 20.46
CA ALA C 155 3.68 -43.28 19.38
C ALA C 155 4.61 -44.15 18.55
N GLN C 156 5.45 -44.91 19.24
CA GLN C 156 6.41 -45.79 18.58
C GLN C 156 5.76 -46.96 17.87
N TYR C 157 4.66 -47.47 18.44
CA TYR C 157 3.95 -48.57 17.80
C TYR C 157 3.45 -48.10 16.44
N VAL C 158 2.59 -47.09 16.47
CA VAL C 158 2.03 -46.51 15.26
C VAL C 158 3.11 -46.09 14.26
N ARG C 159 4.30 -45.82 14.78
CA ARG C 159 5.45 -45.40 13.98
C ARG C 159 5.75 -46.41 12.86
N GLU C 160 5.76 -47.68 13.23
CA GLU C 160 6.05 -48.75 12.28
C GLU C 160 4.86 -49.67 12.06
N ASN C 161 3.66 -49.17 12.35
CA ASN C 161 2.45 -49.95 12.17
C ASN C 161 1.30 -49.02 11.78
N PRO C 162 1.46 -48.28 10.68
CA PRO C 162 0.45 -47.35 10.19
C PRO C 162 -0.93 -47.98 9.96
N GLY C 163 -1.97 -47.25 10.33
CA GLY C 163 -3.33 -47.75 10.16
C GLY C 163 -3.76 -48.84 11.12
N GLU C 164 -2.80 -49.58 11.67
CA GLU C 164 -3.11 -50.65 12.61
C GLU C 164 -3.73 -50.14 13.90
N VAL C 165 -4.03 -48.85 13.93
CA VAL C 165 -4.64 -48.24 15.10
C VAL C 165 -6.12 -48.59 15.12
N CYS C 166 -6.42 -49.88 15.05
CA CYS C 166 -7.79 -50.38 15.05
C CYS C 166 -8.42 -50.26 13.65
N SER D 1 -0.31 -20.25 22.90
CA SER D 1 -1.29 -21.35 23.18
C SER D 1 -2.59 -20.76 23.72
N LEU D 2 -3.69 -21.48 23.48
CA LEU D 2 -4.99 -21.03 23.96
C LEU D 2 -5.17 -21.22 25.45
N ILE D 3 -4.13 -21.71 26.12
CA ILE D 3 -4.21 -21.93 27.55
C ILE D 3 -4.44 -20.58 28.23
N GLY D 4 -5.50 -20.51 29.02
CA GLY D 4 -5.80 -19.27 29.71
C GLY D 4 -6.68 -18.32 28.91
N THR D 5 -7.00 -18.65 27.66
CA THR D 5 -7.85 -17.76 26.88
C THR D 5 -9.31 -18.13 27.12
N GLU D 6 -10.21 -17.27 26.65
CA GLU D 6 -11.64 -17.48 26.81
C GLU D 6 -12.26 -18.07 25.56
N VAL D 7 -13.14 -19.05 25.75
CA VAL D 7 -13.84 -19.72 24.65
C VAL D 7 -14.56 -18.70 23.77
N GLN D 8 -14.37 -18.80 22.46
CA GLN D 8 -15.00 -17.88 21.55
C GLN D 8 -16.44 -18.27 21.21
N PRO D 9 -17.26 -17.28 20.80
CA PRO D 9 -18.67 -17.43 20.43
C PRO D 9 -18.95 -18.42 19.32
N PHE D 10 -19.92 -19.29 19.52
CA PHE D 10 -20.28 -20.28 18.52
C PHE D 10 -21.70 -20.78 18.76
N ARG D 11 -22.34 -21.28 17.71
CA ARG D 11 -23.69 -21.79 17.80
C ARG D 11 -23.76 -23.04 16.95
N ALA D 12 -24.12 -24.17 17.57
CA ALA D 12 -24.18 -25.42 16.81
C ALA D 12 -25.25 -26.41 17.30
N GLN D 13 -25.59 -27.34 16.42
CA GLN D 13 -26.58 -28.37 16.72
C GLN D 13 -25.91 -29.51 17.46
N ALA D 14 -26.59 -30.05 18.46
CA ALA D 14 -26.03 -31.15 19.20
C ALA D 14 -27.06 -32.24 19.41
N PHE D 15 -26.58 -33.43 19.75
CA PHE D 15 -27.46 -34.54 20.00
C PHE D 15 -27.05 -35.17 21.32
N GLN D 16 -28.03 -35.62 22.09
CA GLN D 16 -27.73 -36.26 23.35
C GLN D 16 -28.74 -37.38 23.62
N SER D 17 -28.24 -38.57 23.92
CA SER D 17 -29.10 -39.70 24.19
C SER D 17 -30.20 -39.24 25.13
N GLY D 18 -31.43 -39.17 24.63
CA GLY D 18 -32.54 -38.72 25.44
C GLY D 18 -33.19 -37.53 24.79
N LYS D 19 -32.70 -36.33 25.07
CA LYS D 19 -33.29 -35.14 24.48
C LYS D 19 -33.06 -35.17 22.98
N ASP D 20 -34.02 -34.65 22.22
CA ASP D 20 -33.88 -34.63 20.78
C ASP D 20 -33.01 -33.40 20.47
N PHE D 21 -32.36 -33.42 19.30
CA PHE D 21 -31.49 -32.32 18.87
C PHE D 21 -31.79 -30.97 19.54
N PHE D 22 -30.73 -30.27 19.92
CA PHE D 22 -30.85 -28.94 20.54
C PHE D 22 -29.64 -28.09 20.22
N GLU D 23 -29.81 -26.77 20.30
CA GLU D 23 -28.74 -25.84 20.00
C GLU D 23 -27.80 -25.68 21.20
N VAL D 24 -26.58 -25.22 20.93
CA VAL D 24 -25.57 -24.99 21.96
C VAL D 24 -24.72 -23.78 21.60
N THR D 25 -24.35 -23.01 22.61
CA THR D 25 -23.53 -21.82 22.36
C THR D 25 -22.39 -21.75 23.35
N GLU D 26 -21.46 -20.82 23.13
CA GLU D 26 -20.34 -20.70 24.04
C GLU D 26 -20.87 -20.51 25.46
N ALA D 27 -22.16 -20.18 25.55
CA ALA D 27 -22.80 -19.95 26.84
C ALA D 27 -22.98 -21.23 27.66
N ASP D 28 -23.14 -22.35 26.97
CA ASP D 28 -23.32 -23.62 27.66
C ASP D 28 -22.01 -24.05 28.33
N LEU D 29 -20.91 -23.39 27.96
CA LEU D 29 -19.61 -23.74 28.52
C LEU D 29 -19.18 -22.86 29.69
N LYS D 30 -19.89 -21.76 29.89
CA LYS D 30 -19.59 -20.89 31.02
C LYS D 30 -20.58 -21.31 32.11
N GLY D 31 -20.27 -20.99 33.36
CA GLY D 31 -21.17 -21.36 34.44
C GLY D 31 -20.88 -22.72 35.04
N LYS D 32 -20.20 -23.58 34.30
CA LYS D 32 -19.89 -24.91 34.81
C LYS D 32 -18.56 -25.43 34.26
N TRP D 33 -18.01 -26.43 34.94
CA TRP D 33 -16.78 -27.01 34.48
C TRP D 33 -17.13 -27.92 33.33
N SER D 34 -16.78 -27.48 32.13
CA SER D 34 -17.04 -28.25 30.93
C SER D 34 -15.73 -28.79 30.37
N ILE D 35 -15.79 -29.99 29.79
CA ILE D 35 -14.62 -30.61 29.19
C ILE D 35 -15.02 -31.15 27.81
N VAL D 36 -14.50 -30.51 26.77
CA VAL D 36 -14.83 -30.88 25.39
C VAL D 36 -13.74 -31.70 24.73
N VAL D 37 -14.14 -32.79 24.10
CA VAL D 37 -13.19 -33.67 23.42
C VAL D 37 -13.49 -33.73 21.92
N PHE D 38 -12.47 -33.46 21.11
CA PHE D 38 -12.58 -33.48 19.66
C PHE D 38 -12.05 -34.84 19.15
N TYR D 39 -12.59 -35.29 18.01
CA TYR D 39 -12.13 -36.53 17.37
C TYR D 39 -12.34 -36.40 15.86
N PRO D 40 -11.54 -37.14 15.08
CA PRO D 40 -11.57 -37.16 13.62
C PRO D 40 -12.94 -37.20 12.97
N ALA D 41 -13.52 -38.40 12.88
CA ALA D 41 -14.81 -38.59 12.26
C ALA D 41 -15.62 -39.73 12.82
N ASP D 42 -16.95 -39.62 12.73
CA ASP D 42 -17.86 -40.65 13.19
C ASP D 42 -17.74 -41.78 12.18
N PHE D 43 -18.18 -42.97 12.56
CA PHE D 43 -18.14 -44.15 11.68
C PHE D 43 -16.73 -44.40 11.14
N SER D 44 -15.73 -43.83 11.79
CA SER D 44 -14.33 -43.99 11.38
C SER D 44 -13.88 -45.43 11.60
N PHE D 45 -12.72 -45.78 11.06
CA PHE D 45 -12.17 -47.13 11.21
C PHE D 45 -11.68 -47.36 12.64
N VAL D 46 -11.00 -46.36 13.19
CA VAL D 46 -10.46 -46.44 14.54
C VAL D 46 -11.58 -46.64 15.56
N CYS D 47 -11.34 -47.54 16.50
CA CYS D 47 -12.30 -47.88 17.56
C CYS D 47 -12.60 -46.67 18.45
N PRO D 48 -13.89 -46.40 18.70
CA PRO D 48 -14.38 -45.28 19.53
C PRO D 48 -13.98 -45.40 21.00
N THR D 49 -12.91 -46.15 21.24
CA THR D 49 -12.38 -46.34 22.59
C THR D 49 -12.40 -45.05 23.39
N GLU D 50 -11.63 -44.07 22.92
CA GLU D 50 -11.53 -42.78 23.58
C GLU D 50 -12.88 -42.25 24.04
N LEU D 51 -13.83 -42.13 23.11
CA LEU D 51 -15.15 -41.63 23.46
C LEU D 51 -15.83 -42.36 24.60
N GLU D 52 -15.85 -43.70 24.56
CA GLU D 52 -16.51 -44.47 25.61
C GLU D 52 -15.76 -44.50 26.93
N ASP D 53 -14.43 -44.44 26.89
CA ASP D 53 -13.66 -44.42 28.12
C ASP D 53 -14.18 -43.22 28.90
N VAL D 54 -14.43 -42.13 28.18
CA VAL D 54 -14.93 -40.93 28.83
C VAL D 54 -16.35 -41.18 29.36
N GLN D 55 -17.12 -42.01 28.67
CA GLN D 55 -18.47 -42.32 29.11
C GLN D 55 -18.41 -42.95 30.50
N LYS D 56 -17.44 -43.85 30.68
CA LYS D 56 -17.26 -44.53 31.96
C LYS D 56 -17.05 -43.49 33.05
N GLU D 57 -16.06 -42.63 32.83
CA GLU D 57 -15.73 -41.57 33.78
C GLU D 57 -16.85 -40.54 33.90
N TYR D 58 -17.83 -40.56 32.99
CA TYR D 58 -18.92 -39.59 33.00
C TYR D 58 -19.71 -39.54 34.30
N ALA D 59 -20.04 -40.72 34.82
CA ALA D 59 -20.78 -40.83 36.05
C ALA D 59 -20.18 -39.89 37.10
N GLU D 60 -18.91 -40.14 37.45
CA GLU D 60 -18.21 -39.34 38.44
C GLU D 60 -18.00 -37.88 38.04
N LEU D 61 -17.62 -37.64 36.80
CA LEU D 61 -17.42 -36.27 36.34
C LEU D 61 -18.64 -35.40 36.60
N LYS D 62 -19.82 -35.98 36.43
CA LYS D 62 -21.06 -35.24 36.67
C LYS D 62 -21.14 -34.84 38.14
N LYS D 63 -20.68 -35.74 39.01
CA LYS D 63 -20.69 -35.48 40.45
C LYS D 63 -19.88 -34.21 40.74
N LEU D 64 -18.76 -34.07 40.03
CA LEU D 64 -17.90 -32.90 40.23
C LEU D 64 -18.44 -31.66 39.56
N GLY D 65 -19.65 -31.74 39.03
CA GLY D 65 -20.26 -30.59 38.39
C GLY D 65 -19.61 -30.28 37.06
N VAL D 66 -19.22 -31.33 36.36
CA VAL D 66 -18.59 -31.20 35.06
C VAL D 66 -19.47 -31.75 33.94
N GLU D 67 -19.47 -31.07 32.80
CA GLU D 67 -20.26 -31.53 31.66
C GLU D 67 -19.29 -31.94 30.56
N VAL D 68 -19.69 -32.90 29.74
CA VAL D 68 -18.83 -33.39 28.67
C VAL D 68 -19.41 -33.21 27.27
N TYR D 69 -18.60 -32.69 26.35
CA TYR D 69 -19.02 -32.46 24.96
C TYR D 69 -18.05 -33.09 23.97
N SER D 70 -18.56 -33.89 23.05
CA SER D 70 -17.73 -34.50 22.04
C SER D 70 -17.95 -33.68 20.78
N VAL D 71 -16.90 -33.50 20.00
CA VAL D 71 -17.02 -32.72 18.78
C VAL D 71 -16.24 -33.29 17.60
N SER D 72 -16.89 -33.25 16.44
CA SER D 72 -16.29 -33.70 15.19
C SER D 72 -16.97 -32.84 14.13
N THR D 73 -16.34 -32.72 12.97
CA THR D 73 -16.95 -31.91 11.93
C THR D 73 -18.13 -32.59 11.27
N ASP D 74 -18.64 -33.66 11.89
CA ASP D 74 -19.80 -34.37 11.33
C ASP D 74 -21.08 -33.60 11.69
N THR D 75 -22.18 -33.89 11.01
CA THR D 75 -23.46 -33.22 11.32
C THR D 75 -24.09 -33.93 12.51
N HIS D 76 -24.90 -33.23 13.28
CA HIS D 76 -25.52 -33.86 14.45
C HIS D 76 -26.36 -35.05 14.01
N PHE D 77 -26.76 -35.05 12.74
CA PHE D 77 -27.56 -36.15 12.21
C PHE D 77 -26.76 -37.44 12.30
N VAL D 78 -25.54 -37.42 11.76
CA VAL D 78 -24.70 -38.60 11.79
C VAL D 78 -24.30 -38.99 13.22
N HIS D 79 -24.24 -38.00 14.11
CA HIS D 79 -23.88 -38.29 15.50
C HIS D 79 -24.95 -39.24 16.05
N LYS D 80 -26.21 -38.88 15.79
CA LYS D 80 -27.34 -39.69 16.24
C LYS D 80 -27.28 -41.06 15.56
N ALA D 81 -27.15 -41.06 14.25
CA ALA D 81 -27.06 -42.31 13.49
C ALA D 81 -26.01 -43.23 14.13
N TRP D 82 -24.80 -42.72 14.28
CA TRP D 82 -23.70 -43.46 14.88
C TRP D 82 -24.12 -43.98 16.23
N HIS D 83 -24.70 -43.10 17.03
CA HIS D 83 -25.13 -43.45 18.38
C HIS D 83 -26.07 -44.63 18.42
N GLU D 84 -26.94 -44.72 17.41
CA GLU D 84 -27.91 -45.81 17.38
C GLU D 84 -27.33 -47.06 16.73
N ASN D 85 -26.77 -46.92 15.54
CA ASN D 85 -26.22 -48.08 14.84
C ASN D 85 -24.85 -48.56 15.30
N SER D 86 -24.62 -48.48 16.61
CA SER D 86 -23.37 -48.96 17.18
C SER D 86 -23.47 -49.07 18.69
N PRO D 87 -23.21 -50.26 19.23
CA PRO D 87 -23.28 -50.53 20.66
C PRO D 87 -22.33 -49.66 21.45
N ALA D 88 -21.08 -49.63 21.00
CA ALA D 88 -20.04 -48.85 21.66
C ALA D 88 -20.41 -47.39 21.89
N VAL D 89 -20.54 -46.64 20.80
CA VAL D 89 -20.87 -45.23 20.91
C VAL D 89 -22.29 -45.03 21.46
N GLY D 90 -23.10 -46.08 21.44
CA GLY D 90 -24.45 -45.99 21.95
C GLY D 90 -24.54 -45.85 23.46
N SER D 91 -23.43 -46.11 24.15
CA SER D 91 -23.36 -46.02 25.60
C SER D 91 -23.14 -44.58 26.05
N ILE D 92 -22.81 -43.72 25.10
CA ILE D 92 -22.54 -42.31 25.40
C ILE D 92 -23.76 -41.53 25.82
N GLU D 93 -23.67 -40.93 26.99
CA GLU D 93 -24.78 -40.16 27.53
C GLU D 93 -24.54 -38.67 27.45
N TYR D 94 -23.29 -38.26 27.31
CA TYR D 94 -22.98 -36.83 27.23
C TYR D 94 -23.33 -36.21 25.88
N ILE D 95 -23.16 -34.89 25.78
CA ILE D 95 -23.48 -34.12 24.58
C ILE D 95 -22.58 -34.41 23.38
N MET D 96 -23.18 -34.48 22.19
CA MET D 96 -22.42 -34.70 20.96
C MET D 96 -22.70 -33.55 19.99
N ILE D 97 -21.77 -32.61 19.94
CA ILE D 97 -21.93 -31.46 19.06
C ILE D 97 -21.47 -31.78 17.64
N GLY D 98 -22.11 -31.14 16.68
CA GLY D 98 -21.75 -31.35 15.29
C GLY D 98 -21.14 -30.07 14.77
N ASP D 99 -19.98 -30.16 14.13
CA ASP D 99 -19.32 -28.96 13.63
C ASP D 99 -19.04 -28.99 12.14
N PRO D 100 -20.08 -29.12 11.31
CA PRO D 100 -19.93 -29.16 9.86
C PRO D 100 -19.40 -27.85 9.25
N SER D 101 -19.62 -26.76 9.97
CA SER D 101 -19.17 -25.43 9.54
C SER D 101 -17.69 -25.32 9.79
N GLN D 102 -17.20 -26.19 10.68
CA GLN D 102 -15.80 -26.23 11.09
C GLN D 102 -15.42 -25.07 12.01
N THR D 103 -16.34 -24.13 12.24
CA THR D 103 -16.06 -22.96 13.08
C THR D 103 -15.59 -23.26 14.50
N ILE D 104 -16.22 -24.19 15.21
CA ILE D 104 -15.74 -24.45 16.57
C ILE D 104 -14.43 -25.23 16.58
N SER D 105 -14.22 -26.10 15.60
CA SER D 105 -12.96 -26.85 15.53
C SER D 105 -11.85 -25.88 15.22
N ARG D 106 -12.16 -24.92 14.36
CA ARG D 106 -11.18 -23.92 13.97
C ARG D 106 -10.86 -22.97 15.12
N GLN D 107 -11.87 -22.61 15.91
CA GLN D 107 -11.66 -21.69 17.03
C GLN D 107 -10.79 -22.27 18.13
N PHE D 108 -10.83 -23.59 18.29
CA PHE D 108 -10.00 -24.25 19.30
C PHE D 108 -8.66 -24.63 18.64
N ASP D 109 -8.43 -24.11 17.44
CA ASP D 109 -7.22 -24.38 16.66
C ASP D 109 -6.89 -25.85 16.74
N VAL D 110 -7.81 -26.65 16.23
CA VAL D 110 -7.65 -28.11 16.26
C VAL D 110 -8.17 -28.70 14.94
N LEU D 111 -8.47 -27.82 14.00
CA LEU D 111 -8.98 -28.27 12.71
C LEU D 111 -7.85 -28.46 11.72
N ASN D 112 -7.81 -29.62 11.09
CA ASN D 112 -6.80 -29.91 10.08
C ASN D 112 -7.31 -29.35 8.76
N GLU D 113 -6.87 -28.16 8.41
CA GLU D 113 -7.29 -27.51 7.19
C GLU D 113 -7.49 -28.40 5.96
N GLU D 114 -6.49 -29.21 5.60
CA GLU D 114 -6.61 -30.03 4.40
C GLU D 114 -7.53 -31.24 4.44
N THR D 115 -7.68 -31.88 5.59
CA THR D 115 -8.56 -33.04 5.62
C THR D 115 -9.98 -32.66 6.03
N GLY D 116 -10.13 -31.49 6.62
CA GLY D 116 -11.44 -31.03 7.05
C GLY D 116 -11.95 -31.73 8.30
N LEU D 117 -11.03 -32.33 9.03
CA LEU D 117 -11.35 -33.06 10.27
C LEU D 117 -10.64 -32.45 11.48
N ALA D 118 -11.11 -32.79 12.67
CA ALA D 118 -10.50 -32.27 13.88
C ALA D 118 -9.41 -33.19 14.38
N ASP D 119 -8.54 -32.65 15.23
CA ASP D 119 -7.45 -33.42 15.81
C ASP D 119 -7.92 -34.01 17.14
N ARG D 120 -7.22 -35.03 17.64
CA ARG D 120 -7.59 -35.63 18.90
C ARG D 120 -7.15 -34.68 20.01
N GLY D 121 -7.99 -33.70 20.31
CA GLY D 121 -7.67 -32.77 21.37
C GLY D 121 -8.75 -32.72 22.44
N THR D 122 -8.35 -32.59 23.71
CA THR D 122 -9.30 -32.52 24.80
C THR D 122 -9.01 -31.25 25.57
N PHE D 123 -10.04 -30.46 25.84
CA PHE D 123 -9.87 -29.22 26.58
C PHE D 123 -10.71 -29.24 27.85
N ILE D 124 -10.20 -28.57 28.89
CA ILE D 124 -10.92 -28.45 30.15
C ILE D 124 -11.19 -26.96 30.33
N ILE D 125 -12.45 -26.59 30.54
CA ILE D 125 -12.81 -25.20 30.68
C ILE D 125 -13.45 -24.86 32.03
N ASP D 126 -12.93 -23.84 32.70
CA ASP D 126 -13.49 -23.45 34.00
C ASP D 126 -14.81 -22.71 33.79
N PRO D 127 -15.62 -22.60 34.86
CA PRO D 127 -16.91 -21.93 34.83
C PRO D 127 -16.90 -20.54 34.23
N ASP D 128 -15.72 -20.00 33.96
CA ASP D 128 -15.65 -18.66 33.39
C ASP D 128 -15.46 -18.72 31.88
N GLY D 129 -15.34 -19.93 31.34
CA GLY D 129 -15.16 -20.07 29.91
C GLY D 129 -13.71 -19.92 29.50
N VAL D 130 -12.81 -20.19 30.42
CA VAL D 130 -11.39 -20.09 30.14
C VAL D 130 -10.75 -21.47 30.07
N ILE D 131 -9.89 -21.67 29.07
CA ILE D 131 -9.24 -22.97 28.89
C ILE D 131 -8.13 -23.14 29.91
N GLN D 132 -8.23 -24.20 30.71
CA GLN D 132 -7.25 -24.48 31.75
C GLN D 132 -6.35 -25.66 31.46
N ALA D 133 -6.72 -26.49 30.49
CA ALA D 133 -5.91 -27.65 30.14
C ALA D 133 -6.10 -28.02 28.69
N ILE D 134 -5.00 -28.40 28.04
CA ILE D 134 -5.04 -28.77 26.64
C ILE D 134 -4.22 -30.04 26.41
N GLU D 135 -4.80 -30.98 25.69
CA GLU D 135 -4.13 -32.23 25.37
C GLU D 135 -4.49 -32.64 23.96
N ILE D 136 -3.49 -32.68 23.10
CA ILE D 136 -3.69 -33.05 21.72
C ILE D 136 -2.70 -34.13 21.31
N ASN D 137 -3.20 -35.32 21.02
CA ASN D 137 -2.35 -36.42 20.60
C ASN D 137 -2.59 -36.74 19.13
N ALA D 138 -1.60 -37.39 18.51
CA ALA D 138 -1.71 -37.77 17.11
C ALA D 138 -2.51 -39.07 17.01
N ASP D 139 -2.97 -39.41 15.80
CA ASP D 139 -3.74 -40.63 15.63
C ASP D 139 -2.85 -41.80 16.03
N GLY D 140 -3.35 -42.60 16.98
CA GLY D 140 -2.59 -43.74 17.47
C GLY D 140 -2.34 -43.60 18.95
N ILE D 141 -1.75 -42.48 19.36
CA ILE D 141 -1.47 -42.22 20.76
C ILE D 141 -2.81 -41.87 21.42
N GLY D 142 -3.22 -42.69 22.39
CA GLY D 142 -4.49 -42.46 23.03
C GLY D 142 -4.50 -41.48 24.17
N ARG D 143 -5.67 -40.90 24.42
CA ARG D 143 -5.86 -39.95 25.51
C ARG D 143 -6.40 -40.76 26.68
N ASP D 144 -5.74 -40.67 27.82
CA ASP D 144 -6.20 -41.44 28.99
C ASP D 144 -7.35 -40.73 29.71
N ALA D 145 -8.55 -41.27 29.57
CA ALA D 145 -9.74 -40.69 30.18
C ALA D 145 -9.69 -40.62 31.69
N SER D 146 -8.94 -41.53 32.31
CA SER D 146 -8.85 -41.55 33.76
C SER D 146 -8.21 -40.29 34.35
N THR D 147 -7.10 -39.86 33.76
CA THR D 147 -6.38 -38.69 34.24
C THR D 147 -7.22 -37.41 34.21
N LEU D 148 -8.47 -37.54 33.76
CA LEU D 148 -9.37 -36.39 33.66
C LEU D 148 -9.87 -35.94 35.03
N ILE D 149 -10.44 -36.87 35.79
CA ILE D 149 -10.97 -36.53 37.09
C ILE D 149 -9.91 -35.85 37.95
N ASN D 150 -8.65 -36.24 37.76
CA ASN D 150 -7.59 -35.63 38.54
C ASN D 150 -7.36 -34.19 38.12
N LYS D 151 -7.26 -33.98 36.80
CA LYS D 151 -7.04 -32.63 36.28
C LYS D 151 -8.14 -31.67 36.69
N VAL D 152 -9.40 -32.08 36.53
CA VAL D 152 -10.53 -31.21 36.90
C VAL D 152 -10.50 -30.91 38.38
N LYS D 153 -10.13 -31.90 39.19
CA LYS D 153 -10.04 -31.68 40.63
C LYS D 153 -8.97 -30.63 40.88
N ALA D 154 -7.78 -30.90 40.36
CA ALA D 154 -6.65 -30.00 40.50
C ALA D 154 -7.05 -28.61 40.04
N ALA D 155 -7.71 -28.55 38.89
CA ALA D 155 -8.16 -27.28 38.34
C ALA D 155 -9.11 -26.60 39.32
N GLN D 156 -10.03 -27.38 39.86
CA GLN D 156 -11.02 -26.86 40.81
C GLN D 156 -10.37 -26.43 42.12
N TYR D 157 -9.36 -27.18 42.57
CA TYR D 157 -8.69 -26.82 43.81
C TYR D 157 -8.06 -25.44 43.67
N VAL D 158 -7.14 -25.32 42.71
CA VAL D 158 -6.46 -24.06 42.44
C VAL D 158 -7.44 -22.91 42.19
N ARG D 159 -8.65 -23.27 41.76
CA ARG D 159 -9.71 -22.33 41.46
C ARG D 159 -10.00 -21.42 42.66
N GLU D 160 -10.12 -22.05 43.83
CA GLU D 160 -10.44 -21.35 45.06
C GLU D 160 -9.28 -21.38 46.05
N ASN D 161 -8.08 -21.67 45.55
CA ASN D 161 -6.90 -21.74 46.41
C ASN D 161 -5.66 -21.24 45.65
N PRO D 162 -5.73 -20.00 45.13
CA PRO D 162 -4.60 -19.45 44.39
C PRO D 162 -3.28 -19.44 45.14
N GLY D 163 -2.20 -19.73 44.41
CA GLY D 163 -0.88 -19.74 45.00
C GLY D 163 -0.58 -20.94 45.89
N GLU D 164 -1.62 -21.57 46.43
CA GLU D 164 -1.42 -22.71 47.31
C GLU D 164 -0.89 -23.92 46.57
N VAL D 165 -0.49 -23.72 45.31
CA VAL D 165 0.07 -24.81 44.51
C VAL D 165 1.52 -24.99 44.91
N CYS D 166 1.74 -25.19 46.21
CA CYS D 166 3.07 -25.38 46.79
C CYS D 166 3.78 -24.05 46.98
N SER E 1 -21.00 -17.68 -14.75
CA SER E 1 -21.40 -19.06 -14.37
C SER E 1 -20.36 -20.07 -14.83
N LEU E 2 -20.31 -21.22 -14.15
CA LEU E 2 -19.35 -22.26 -14.49
C LEU E 2 -19.71 -23.00 -15.76
N ILE E 3 -20.79 -22.59 -16.39
CA ILE E 3 -21.20 -23.24 -17.62
C ILE E 3 -20.09 -23.07 -18.64
N GLY E 4 -19.62 -24.20 -19.20
CA GLY E 4 -18.57 -24.15 -20.19
C GLY E 4 -17.16 -24.15 -19.62
N THR E 5 -17.03 -24.13 -18.30
CA THR E 5 -15.70 -24.14 -17.71
C THR E 5 -15.27 -25.59 -17.51
N GLU E 6 -13.99 -25.76 -17.19
CA GLU E 6 -13.38 -27.07 -16.99
C GLU E 6 -13.32 -27.43 -15.50
N VAL E 7 -13.69 -28.68 -15.18
CA VAL E 7 -13.65 -29.15 -13.81
C VAL E 7 -12.28 -28.98 -13.19
N GLN E 8 -12.22 -28.40 -11.99
CA GLN E 8 -10.96 -28.16 -11.29
C GLN E 8 -10.44 -29.41 -10.59
N PRO E 9 -9.10 -29.48 -10.39
CA PRO E 9 -8.37 -30.58 -9.74
C PRO E 9 -8.84 -30.87 -8.32
N PHE E 10 -9.08 -32.14 -8.02
CA PHE E 10 -9.52 -32.53 -6.69
C PHE E 10 -9.19 -34.01 -6.44
N ARG E 11 -9.06 -34.38 -5.17
CA ARG E 11 -8.73 -35.74 -4.77
C ARG E 11 -9.62 -36.08 -3.56
N ALA E 12 -10.46 -37.11 -3.66
CA ALA E 12 -11.33 -37.45 -2.54
C ALA E 12 -11.67 -38.93 -2.41
N GLN E 13 -12.08 -39.32 -1.22
CA GLN E 13 -12.45 -40.71 -0.94
C GLN E 13 -13.88 -40.92 -1.34
N ALA E 14 -14.18 -42.07 -1.92
CA ALA E 14 -15.53 -42.38 -2.34
C ALA E 14 -15.91 -43.78 -1.94
N PHE E 15 -17.20 -44.05 -1.93
CA PHE E 15 -17.69 -45.36 -1.61
C PHE E 15 -18.69 -45.76 -2.67
N GLN E 16 -18.71 -47.04 -3.01
CA GLN E 16 -19.64 -47.54 -4.01
C GLN E 16 -20.06 -48.95 -3.67
N SER E 17 -21.37 -49.17 -3.63
CA SER E 17 -21.89 -50.50 -3.32
C SER E 17 -21.10 -51.52 -4.13
N GLY E 18 -20.30 -52.31 -3.43
CA GLY E 18 -19.48 -53.30 -4.11
C GLY E 18 -18.03 -53.08 -3.80
N LYS E 19 -17.37 -52.23 -4.57
CA LYS E 19 -15.96 -51.94 -4.33
C LYS E 19 -15.82 -51.29 -2.96
N ASP E 20 -14.72 -51.57 -2.27
CA ASP E 20 -14.52 -50.94 -0.99
C ASP E 20 -13.90 -49.57 -1.30
N PHE E 21 -14.03 -48.64 -0.37
CA PHE E 21 -13.51 -47.28 -0.54
C PHE E 21 -12.37 -47.14 -1.54
N PHE E 22 -12.42 -46.09 -2.35
CA PHE E 22 -11.38 -45.81 -3.34
C PHE E 22 -11.27 -44.32 -3.61
N GLU E 23 -10.10 -43.91 -4.09
CA GLU E 23 -9.86 -42.50 -4.36
C GLU E 23 -10.46 -42.07 -5.70
N VAL E 24 -10.69 -40.77 -5.86
CA VAL E 24 -11.22 -40.21 -7.11
C VAL E 24 -10.63 -38.84 -7.36
N THR E 25 -10.36 -38.54 -8.63
CA THR E 25 -9.79 -37.26 -9.00
C THR E 25 -10.50 -36.65 -10.18
N GLU E 26 -10.05 -35.45 -10.59
CA GLU E 26 -10.69 -34.76 -11.71
C GLU E 26 -10.67 -35.61 -12.96
N ALA E 27 -9.68 -36.48 -13.09
CA ALA E 27 -9.54 -37.31 -14.27
C ALA E 27 -10.68 -38.30 -14.47
N ASP E 28 -11.29 -38.77 -13.39
CA ASP E 28 -12.40 -39.73 -13.50
C ASP E 28 -13.67 -39.09 -14.10
N LEU E 29 -13.62 -37.77 -14.32
CA LEU E 29 -14.73 -37.03 -14.90
C LEU E 29 -14.39 -36.69 -16.34
N LYS E 30 -13.14 -36.96 -16.70
CA LYS E 30 -12.67 -36.72 -18.06
C LYS E 30 -12.77 -38.06 -18.81
N GLY E 31 -13.02 -37.98 -20.12
CA GLY E 31 -13.11 -39.20 -20.92
C GLY E 31 -14.49 -39.85 -20.95
N LYS E 32 -15.36 -39.45 -20.04
CA LYS E 32 -16.68 -40.04 -19.98
C LYS E 32 -17.73 -38.99 -19.63
N TRP E 33 -18.97 -39.23 -20.01
CA TRP E 33 -20.03 -38.31 -19.65
C TRP E 33 -20.35 -38.60 -18.20
N SER E 34 -19.96 -37.69 -17.33
CA SER E 34 -20.20 -37.81 -15.91
C SER E 34 -21.25 -36.79 -15.48
N ILE E 35 -22.07 -37.18 -14.52
CA ILE E 35 -23.12 -36.34 -14.00
C ILE E 35 -23.07 -36.41 -12.47
N VAL E 36 -22.62 -35.32 -11.85
CA VAL E 36 -22.49 -35.26 -10.40
C VAL E 36 -23.60 -34.47 -9.72
N VAL E 37 -24.18 -35.07 -8.69
CA VAL E 37 -25.25 -34.42 -7.97
C VAL E 37 -24.88 -34.20 -6.49
N PHE E 38 -25.02 -32.95 -6.05
CA PHE E 38 -24.72 -32.55 -4.68
C PHE E 38 -26.00 -32.54 -3.84
N TYR E 39 -25.85 -32.77 -2.54
CA TYR E 39 -26.98 -32.75 -1.61
C TYR E 39 -26.48 -32.31 -0.24
N PRO E 40 -27.36 -31.71 0.58
CA PRO E 40 -27.09 -31.22 1.92
C PRO E 40 -26.27 -32.14 2.81
N ALA E 41 -26.95 -33.12 3.43
CA ALA E 41 -26.28 -34.04 4.34
C ALA E 41 -26.90 -35.42 4.39
N ASP E 42 -26.07 -36.42 4.69
CA ASP E 42 -26.51 -37.82 4.81
C ASP E 42 -27.31 -37.87 6.08
N PHE E 43 -28.13 -38.92 6.23
CA PHE E 43 -28.96 -39.09 7.43
C PHE E 43 -29.82 -37.86 7.75
N SER E 44 -30.01 -36.99 6.76
CA SER E 44 -30.81 -35.77 6.91
C SER E 44 -32.28 -36.13 7.12
N PHE E 45 -33.08 -35.15 7.49
CA PHE E 45 -34.50 -35.39 7.70
C PHE E 45 -35.26 -35.55 6.37
N VAL E 46 -34.89 -34.73 5.39
CA VAL E 46 -35.53 -34.81 4.08
C VAL E 46 -35.29 -36.18 3.45
N CYS E 47 -36.33 -36.73 2.85
CA CYS E 47 -36.27 -38.05 2.21
C CYS E 47 -35.30 -38.04 1.02
N PRO E 48 -34.44 -39.07 0.95
CA PRO E 48 -33.44 -39.27 -0.09
C PRO E 48 -34.02 -39.50 -1.48
N THR E 49 -35.27 -39.05 -1.68
CA THR E 49 -35.95 -39.24 -2.95
C THR E 49 -35.03 -38.91 -4.13
N GLU E 50 -34.55 -37.68 -4.17
CA GLU E 50 -33.66 -37.22 -5.23
C GLU E 50 -32.60 -38.26 -5.58
N LEU E 51 -31.84 -38.68 -4.58
CA LEU E 51 -30.78 -39.65 -4.81
C LEU E 51 -31.25 -40.95 -5.46
N GLU E 52 -32.34 -41.53 -4.95
CA GLU E 52 -32.81 -42.80 -5.51
C GLU E 52 -33.50 -42.65 -6.87
N ASP E 53 -34.15 -41.53 -7.11
CA ASP E 53 -34.77 -41.31 -8.41
C ASP E 53 -33.67 -41.49 -9.42
N VAL E 54 -32.50 -40.96 -9.09
CA VAL E 54 -31.35 -41.06 -9.98
C VAL E 54 -30.92 -42.51 -10.12
N GLN E 55 -31.06 -43.28 -9.05
CA GLN E 55 -30.69 -44.69 -9.08
C GLN E 55 -31.50 -45.40 -10.13
N LYS E 56 -32.79 -45.08 -10.19
CA LYS E 56 -33.69 -45.68 -11.16
C LYS E 56 -33.16 -45.41 -12.56
N GLU E 57 -32.95 -44.13 -12.87
CA GLU E 57 -32.42 -43.72 -14.16
C GLU E 57 -31.00 -44.23 -14.41
N TYR E 58 -30.33 -44.73 -13.36
CA TYR E 58 -28.97 -45.20 -13.48
C TYR E 58 -28.76 -46.25 -14.55
N ALA E 59 -29.63 -47.25 -14.53
CA ALA E 59 -29.58 -48.34 -15.50
C ALA E 59 -29.32 -47.78 -16.89
N GLU E 60 -30.27 -46.98 -17.37
CA GLU E 60 -30.19 -46.37 -18.69
C GLU E 60 -29.00 -45.45 -18.88
N LEU E 61 -28.75 -44.59 -17.89
CA LEU E 61 -27.66 -43.65 -17.98
C LEU E 61 -26.34 -44.36 -18.29
N LYS E 62 -26.16 -45.52 -17.69
CA LYS E 62 -24.95 -46.30 -17.92
C LYS E 62 -24.86 -46.70 -19.39
N LYS E 63 -26.00 -47.03 -19.98
CA LYS E 63 -26.07 -47.42 -21.38
C LYS E 63 -25.50 -46.31 -22.23
N LEU E 64 -25.84 -45.08 -21.87
CA LEU E 64 -25.39 -43.89 -22.60
C LEU E 64 -23.94 -43.54 -22.33
N GLY E 65 -23.25 -44.40 -21.59
CA GLY E 65 -21.85 -44.15 -21.27
C GLY E 65 -21.68 -43.00 -20.29
N VAL E 66 -22.64 -42.91 -19.37
CA VAL E 66 -22.64 -41.87 -18.34
C VAL E 66 -22.38 -42.45 -16.95
N GLU E 67 -21.59 -41.74 -16.14
CA GLU E 67 -21.31 -42.19 -14.78
C GLU E 67 -21.96 -41.20 -13.83
N VAL E 68 -22.38 -41.69 -12.66
CA VAL E 68 -23.05 -40.85 -11.68
C VAL E 68 -22.31 -40.73 -10.34
N TYR E 69 -22.15 -39.51 -9.86
CA TYR E 69 -21.47 -39.26 -8.59
C TYR E 69 -22.31 -38.39 -7.67
N SER E 70 -22.51 -38.85 -6.44
CA SER E 70 -23.26 -38.06 -5.49
C SER E 70 -22.23 -37.44 -4.55
N VAL E 71 -22.47 -36.21 -4.12
CA VAL E 71 -21.53 -35.58 -3.23
C VAL E 71 -22.18 -34.74 -2.13
N SER E 72 -21.59 -34.84 -0.95
CA SER E 72 -22.04 -34.10 0.22
C SER E 72 -20.76 -33.90 1.03
N THR E 73 -20.75 -32.93 1.93
CA THR E 73 -19.57 -32.68 2.73
C THR E 73 -19.37 -33.72 3.81
N ASP E 74 -20.10 -34.83 3.71
CA ASP E 74 -19.99 -35.93 4.69
C ASP E 74 -18.73 -36.76 4.35
N THR E 75 -18.25 -37.55 5.31
CA THR E 75 -17.08 -38.40 5.07
C THR E 75 -17.57 -39.67 4.36
N HIS E 76 -16.70 -40.30 3.56
CA HIS E 76 -17.12 -41.50 2.85
C HIS E 76 -17.55 -42.56 3.85
N PHE E 77 -17.09 -42.45 5.08
CA PHE E 77 -17.46 -43.41 6.10
C PHE E 77 -18.98 -43.37 6.31
N VAL E 78 -19.50 -42.17 6.56
CA VAL E 78 -20.94 -42.04 6.77
C VAL E 78 -21.75 -42.39 5.51
N HIS E 79 -21.15 -42.19 4.33
CA HIS E 79 -21.85 -42.52 3.11
C HIS E 79 -22.14 -44.01 3.14
N LYS E 80 -21.13 -44.79 3.52
CA LYS E 80 -21.29 -46.24 3.60
C LYS E 80 -22.30 -46.58 4.69
N ALA E 81 -22.13 -45.99 5.87
CA ALA E 81 -23.06 -46.24 6.97
C ALA E 81 -24.48 -46.00 6.50
N TRP E 82 -24.73 -44.81 5.94
CA TRP E 82 -26.06 -44.46 5.43
C TRP E 82 -26.54 -45.52 4.44
N HIS E 83 -25.66 -45.87 3.51
CA HIS E 83 -25.94 -46.86 2.50
C HIS E 83 -26.44 -48.18 3.07
N GLU E 84 -25.86 -48.60 4.19
CA GLU E 84 -26.24 -49.86 4.80
C GLU E 84 -27.45 -49.72 5.69
N ASN E 85 -27.41 -48.78 6.62
CA ASN E 85 -28.51 -48.61 7.56
C ASN E 85 -29.73 -47.85 7.03
N SER E 86 -30.04 -48.07 5.76
CA SER E 86 -31.19 -47.44 5.12
C SER E 86 -31.53 -48.14 3.82
N PRO E 87 -32.76 -48.65 3.70
CA PRO E 87 -33.20 -49.35 2.49
C PRO E 87 -33.15 -48.45 1.27
N ALA E 88 -33.72 -47.25 1.43
CA ALA E 88 -33.77 -46.27 0.35
C ALA E 88 -32.41 -46.01 -0.30
N VAL E 89 -31.51 -45.40 0.46
CA VAL E 89 -30.19 -45.07 -0.05
C VAL E 89 -29.39 -46.34 -0.38
N GLY E 90 -29.82 -47.46 0.19
CA GLY E 90 -29.13 -48.71 -0.03
C GLY E 90 -29.23 -49.25 -1.45
N SER E 91 -30.19 -48.72 -2.20
CA SER E 91 -30.41 -49.14 -3.57
C SER E 91 -29.45 -48.46 -4.53
N ILE E 92 -28.73 -47.46 -4.02
CA ILE E 92 -27.80 -46.72 -4.86
C ILE E 92 -26.56 -47.51 -5.25
N GLU E 93 -26.34 -47.58 -6.56
CA GLU E 93 -25.22 -48.33 -7.09
C GLU E 93 -24.10 -47.43 -7.59
N TYR E 94 -24.40 -46.17 -7.88
CA TYR E 94 -23.36 -45.27 -8.36
C TYR E 94 -22.41 -44.79 -7.26
N ILE E 95 -21.40 -44.01 -7.67
CA ILE E 95 -20.38 -43.50 -6.75
C ILE E 95 -20.86 -42.46 -5.74
N MET E 96 -20.38 -42.58 -4.51
CA MET E 96 -20.72 -41.64 -3.46
C MET E 96 -19.44 -41.01 -2.92
N ILE E 97 -19.15 -39.80 -3.37
CA ILE E 97 -17.95 -39.09 -2.94
C ILE E 97 -18.17 -38.35 -1.63
N GLY E 98 -17.11 -38.26 -0.84
CA GLY E 98 -17.19 -37.57 0.43
C GLY E 98 -16.36 -36.30 0.34
N ASP E 99 -16.92 -35.17 0.72
CA ASP E 99 -16.20 -33.91 0.63
C ASP E 99 -16.08 -33.16 1.96
N PRO E 100 -15.48 -33.79 2.96
CA PRO E 100 -15.30 -33.18 4.29
C PRO E 100 -14.39 -31.95 4.27
N SER E 101 -13.52 -31.89 3.28
CA SER E 101 -12.59 -30.79 3.12
C SER E 101 -13.34 -29.61 2.52
N GLN E 102 -14.50 -29.91 1.95
CA GLN E 102 -15.35 -28.90 1.29
C GLN E 102 -14.77 -28.40 -0.04
N THR E 103 -13.57 -28.84 -0.36
CA THR E 103 -12.89 -28.41 -1.59
C THR E 103 -13.67 -28.59 -2.88
N ILE E 104 -14.24 -29.78 -3.09
CA ILE E 104 -14.96 -30.00 -4.32
C ILE E 104 -16.29 -29.27 -4.35
N SER E 105 -16.95 -29.14 -3.20
CA SER E 105 -18.23 -28.41 -3.13
C SER E 105 -17.96 -26.96 -3.41
N ARG E 106 -16.85 -26.48 -2.88
CA ARG E 106 -16.44 -25.10 -3.07
C ARG E 106 -16.06 -24.82 -4.53
N GLN E 107 -15.40 -25.77 -5.18
CA GLN E 107 -14.98 -25.57 -6.56
C GLN E 107 -16.14 -25.50 -7.54
N PHE E 108 -17.23 -26.18 -7.21
CA PHE E 108 -18.41 -26.16 -8.06
C PHE E 108 -19.29 -24.98 -7.64
N ASP E 109 -18.76 -24.14 -6.74
CA ASP E 109 -19.50 -22.98 -6.25
C ASP E 109 -20.89 -23.41 -5.82
N VAL E 110 -20.97 -24.35 -4.90
CA VAL E 110 -22.25 -24.85 -4.45
C VAL E 110 -22.19 -25.10 -2.94
N LEU E 111 -21.13 -24.61 -2.30
CA LEU E 111 -21.01 -24.79 -0.87
C LEU E 111 -21.56 -23.60 -0.13
N ASN E 112 -22.41 -23.87 0.85
CA ASN E 112 -22.98 -22.80 1.67
C ASN E 112 -22.00 -22.52 2.79
N GLU E 113 -21.20 -21.48 2.61
CA GLU E 113 -20.18 -21.11 3.60
C GLU E 113 -20.55 -21.25 5.07
N GLU E 114 -21.68 -20.67 5.49
CA GLU E 114 -22.06 -20.71 6.90
C GLU E 114 -22.59 -22.03 7.47
N THR E 115 -23.24 -22.85 6.67
CA THR E 115 -23.75 -24.11 7.17
C THR E 115 -22.75 -25.24 6.99
N GLY E 116 -21.84 -25.04 6.04
CA GLY E 116 -20.83 -26.06 5.78
C GLY E 116 -21.39 -27.22 5.00
N LEU E 117 -22.53 -27.00 4.33
CA LEU E 117 -23.18 -28.04 3.53
C LEU E 117 -23.29 -27.60 2.07
N ALA E 118 -23.57 -28.57 1.20
CA ALA E 118 -23.70 -28.27 -0.22
C ALA E 118 -25.15 -27.96 -0.59
N ASP E 119 -25.32 -27.29 -1.74
CA ASP E 119 -26.66 -26.95 -2.20
C ASP E 119 -27.15 -28.06 -3.12
N ARG E 120 -28.45 -28.10 -3.38
CA ARG E 120 -28.99 -29.13 -4.25
C ARG E 120 -28.67 -28.75 -5.70
N GLY E 121 -27.46 -29.09 -6.14
CA GLY E 121 -27.08 -28.77 -7.50
C GLY E 121 -26.66 -30.01 -8.25
N THR E 122 -26.99 -30.07 -9.54
CA THR E 122 -26.60 -31.22 -10.35
C THR E 122 -25.92 -30.70 -11.60
N PHE E 123 -24.76 -31.28 -11.91
CA PHE E 123 -24.00 -30.87 -13.08
C PHE E 123 -23.80 -32.03 -14.04
N ILE E 124 -23.69 -31.68 -15.31
CA ILE E 124 -23.48 -32.66 -16.37
C ILE E 124 -22.15 -32.26 -17.00
N ILE E 125 -21.20 -33.20 -17.03
CA ILE E 125 -19.88 -32.91 -17.60
C ILE E 125 -19.53 -33.76 -18.82
N ASP E 126 -19.10 -33.10 -19.90
CA ASP E 126 -18.73 -33.82 -21.12
C ASP E 126 -17.39 -34.53 -20.91
N PRO E 127 -17.07 -35.51 -21.77
CA PRO E 127 -15.82 -36.26 -21.70
C PRO E 127 -14.56 -35.42 -21.65
N ASP E 128 -14.69 -34.11 -21.85
CA ASP E 128 -13.54 -33.23 -21.79
C ASP E 128 -13.38 -32.60 -20.41
N GLY E 129 -14.34 -32.84 -19.53
CA GLY E 129 -14.28 -32.27 -18.19
C GLY E 129 -14.84 -30.87 -18.16
N VAL E 130 -15.74 -30.57 -19.10
CA VAL E 130 -16.35 -29.26 -19.13
C VAL E 130 -17.81 -29.34 -18.74
N ILE E 131 -18.26 -28.37 -17.94
CA ILE E 131 -19.64 -28.38 -17.48
C ILE E 131 -20.57 -27.86 -18.56
N GLN E 132 -21.52 -28.71 -18.93
CA GLN E 132 -22.48 -28.38 -19.97
C GLN E 132 -23.88 -28.06 -19.46
N ALA E 133 -24.17 -28.41 -18.22
CA ALA E 133 -25.49 -28.16 -17.66
C ALA E 133 -25.40 -27.95 -16.15
N ILE E 134 -26.17 -26.99 -15.65
CA ILE E 134 -26.19 -26.68 -14.23
C ILE E 134 -27.62 -26.50 -13.75
N GLU E 135 -27.97 -27.17 -12.65
CA GLU E 135 -29.30 -27.05 -12.08
C GLU E 135 -29.17 -27.03 -10.56
N ILE E 136 -29.55 -25.92 -9.95
CA ILE E 136 -29.49 -25.80 -8.50
C ILE E 136 -30.82 -25.30 -7.97
N ASN E 137 -31.48 -26.14 -7.18
CA ASN E 137 -32.76 -25.80 -6.60
C ASN E 137 -32.62 -25.62 -5.10
N ALA E 138 -33.57 -24.90 -4.51
CA ALA E 138 -33.57 -24.64 -3.08
C ALA E 138 -34.18 -25.85 -2.36
N ASP E 139 -33.97 -25.94 -1.05
CA ASP E 139 -34.53 -27.04 -0.26
C ASP E 139 -36.03 -27.01 -0.45
N GLY E 140 -36.59 -28.11 -0.94
CA GLY E 140 -38.03 -28.18 -1.15
C GLY E 140 -38.34 -28.43 -2.61
N ILE E 141 -37.82 -27.58 -3.48
CA ILE E 141 -38.02 -27.72 -4.91
C ILE E 141 -37.17 -28.91 -5.35
N GLY E 142 -37.82 -29.94 -5.87
CA GLY E 142 -37.09 -31.12 -6.29
C GLY E 142 -36.49 -31.10 -7.67
N ARG E 143 -35.43 -31.89 -7.85
CA ARG E 143 -34.77 -31.99 -9.15
C ARG E 143 -35.36 -33.22 -9.83
N ASP E 144 -35.86 -33.05 -11.04
CA ASP E 144 -36.47 -34.14 -11.79
C ASP E 144 -35.42 -35.04 -12.43
N ALA E 145 -35.20 -36.21 -11.85
CA ALA E 145 -34.21 -37.16 -12.36
C ALA E 145 -34.45 -37.61 -13.79
N SER E 146 -35.71 -37.63 -14.20
CA SER E 146 -36.05 -38.07 -15.55
C SER E 146 -35.50 -37.18 -16.65
N THR E 147 -35.62 -35.87 -16.48
CA THR E 147 -35.13 -34.94 -17.49
C THR E 147 -33.62 -35.03 -17.72
N LEU E 148 -32.96 -35.94 -17.00
CA LEU E 148 -31.51 -36.10 -17.16
C LEU E 148 -31.13 -36.82 -18.44
N ILE E 149 -31.75 -37.96 -18.70
CA ILE E 149 -31.45 -38.72 -19.91
C ILE E 149 -31.62 -37.86 -21.16
N ASN E 150 -32.57 -36.93 -21.10
CA ASN E 150 -32.81 -36.05 -22.23
C ASN E 150 -31.66 -35.08 -22.39
N LYS E 151 -31.27 -34.45 -21.28
CA LYS E 151 -30.17 -33.48 -21.31
C LYS E 151 -28.87 -34.08 -21.79
N VAL E 152 -28.52 -35.24 -21.26
CA VAL E 152 -27.29 -35.91 -21.65
C VAL E 152 -27.33 -36.28 -23.13
N LYS E 153 -28.50 -36.69 -23.61
CA LYS E 153 -28.62 -37.03 -25.02
C LYS E 153 -28.41 -35.77 -25.83
N ALA E 154 -29.17 -34.73 -25.51
CA ALA E 154 -29.06 -33.45 -26.19
C ALA E 154 -27.60 -32.99 -26.17
N ALA E 155 -26.98 -33.11 -25.00
CA ALA E 155 -25.58 -32.73 -24.84
C ALA E 155 -24.71 -33.53 -25.77
N GLN E 156 -24.96 -34.84 -25.83
CA GLN E 156 -24.21 -35.76 -26.68
C GLN E 156 -24.44 -35.48 -28.16
N TYR E 157 -25.68 -35.15 -28.51
CA TYR E 157 -26.01 -34.85 -29.89
C TYR E 157 -25.16 -33.67 -30.37
N VAL E 158 -25.36 -32.53 -29.73
CA VAL E 158 -24.62 -31.32 -30.09
C VAL E 158 -23.12 -31.52 -30.04
N ARG E 159 -22.70 -32.52 -29.26
CA ARG E 159 -21.29 -32.86 -29.10
C ARG E 159 -20.63 -33.11 -30.45
N GLU E 160 -21.29 -33.90 -31.28
CA GLU E 160 -20.76 -34.22 -32.60
C GLU E 160 -21.63 -33.69 -33.73
N ASN E 161 -22.42 -32.66 -33.42
CA ASN E 161 -23.30 -32.04 -34.41
C ASN E 161 -23.36 -30.53 -34.14
N PRO E 162 -22.21 -29.86 -34.10
CA PRO E 162 -22.17 -28.41 -33.85
C PRO E 162 -23.04 -27.58 -34.79
N GLY E 163 -23.70 -26.57 -34.23
CA GLY E 163 -24.56 -25.71 -35.04
C GLY E 163 -25.87 -26.30 -35.49
N GLU E 164 -25.94 -27.63 -35.55
CA GLU E 164 -27.16 -28.31 -35.98
C GLU E 164 -28.31 -28.12 -35.00
N VAL E 165 -28.09 -27.26 -34.00
CA VAL E 165 -29.12 -26.99 -33.00
C VAL E 165 -30.13 -26.03 -33.62
N CYS E 166 -30.66 -26.42 -34.78
CA CYS E 166 -31.64 -25.64 -35.52
C CYS E 166 -30.99 -24.49 -36.27
N SER F 1 -23.29 -19.96 -4.93
CA SER F 1 -24.40 -19.85 -5.92
C SER F 1 -25.40 -18.79 -5.49
N LEU F 2 -26.07 -18.17 -6.45
CA LEU F 2 -27.06 -17.15 -6.16
C LEU F 2 -28.33 -17.73 -5.55
N ILE F 3 -28.38 -19.05 -5.38
CA ILE F 3 -29.57 -19.67 -4.82
C ILE F 3 -29.81 -19.10 -3.43
N GLY F 4 -31.02 -18.60 -3.21
CA GLY F 4 -31.37 -18.04 -1.91
C GLY F 4 -30.98 -16.58 -1.74
N THR F 5 -30.34 -15.99 -2.73
CA THR F 5 -29.96 -14.58 -2.60
C THR F 5 -31.09 -13.72 -3.13
N GLU F 6 -30.99 -12.42 -2.88
CA GLU F 6 -32.02 -11.50 -3.31
C GLU F 6 -31.61 -10.76 -4.57
N VAL F 7 -32.57 -10.61 -5.48
CA VAL F 7 -32.36 -9.91 -6.75
C VAL F 7 -31.79 -8.53 -6.53
N GLN F 8 -30.71 -8.20 -7.24
CA GLN F 8 -30.11 -6.87 -7.11
C GLN F 8 -30.81 -5.80 -7.93
N PRO F 9 -30.70 -4.54 -7.51
CA PRO F 9 -31.30 -3.37 -8.16
C PRO F 9 -30.91 -3.16 -9.60
N PHE F 10 -31.89 -2.87 -10.45
CA PHE F 10 -31.64 -2.64 -11.86
C PHE F 10 -32.80 -1.87 -12.49
N ARG F 11 -32.52 -1.20 -13.59
CA ARG F 11 -33.56 -0.46 -14.28
C ARG F 11 -33.34 -0.63 -15.78
N ALA F 12 -34.34 -1.15 -16.48
CA ALA F 12 -34.19 -1.37 -17.91
C ALA F 12 -35.48 -1.22 -18.72
N GLN F 13 -35.30 -1.02 -20.02
CA GLN F 13 -36.39 -0.86 -20.96
C GLN F 13 -36.91 -2.23 -21.37
N ALA F 14 -38.23 -2.37 -21.46
CA ALA F 14 -38.82 -3.64 -21.86
C ALA F 14 -39.86 -3.42 -22.93
N PHE F 15 -40.20 -4.51 -23.59
CA PHE F 15 -41.22 -4.50 -24.62
C PHE F 15 -42.18 -5.63 -24.33
N GLN F 16 -43.47 -5.39 -24.58
CA GLN F 16 -44.45 -6.42 -24.37
C GLN F 16 -45.57 -6.29 -25.38
N SER F 17 -45.88 -7.39 -26.07
CA SER F 17 -46.95 -7.38 -27.06
C SER F 17 -48.14 -6.65 -26.46
N GLY F 18 -48.45 -5.47 -26.98
CA GLY F 18 -49.55 -4.72 -26.44
C GLY F 18 -49.10 -3.37 -25.94
N LYS F 19 -48.64 -3.31 -24.68
CA LYS F 19 -48.15 -2.07 -24.11
C LYS F 19 -46.91 -1.61 -24.90
N ASP F 20 -46.77 -0.31 -25.08
CA ASP F 20 -45.59 0.17 -25.79
C ASP F 20 -44.48 0.20 -24.72
N PHE F 21 -43.22 0.16 -25.16
CA PHE F 21 -42.06 0.18 -24.26
C PHE F 21 -42.32 0.79 -22.89
N PHE F 22 -41.75 0.16 -21.86
CA PHE F 22 -41.91 0.63 -20.51
C PHE F 22 -40.72 0.22 -19.66
N GLU F 23 -40.48 0.95 -18.57
CA GLU F 23 -39.35 0.67 -17.69
C GLU F 23 -39.64 -0.47 -16.73
N VAL F 24 -38.59 -1.10 -16.22
CA VAL F 24 -38.75 -2.20 -15.28
C VAL F 24 -37.63 -2.15 -14.25
N THR F 25 -37.93 -2.50 -13.01
CA THR F 25 -36.93 -2.45 -11.94
C THR F 25 -36.98 -3.70 -11.08
N GLU F 26 -36.04 -3.80 -10.15
CA GLU F 26 -35.99 -4.94 -9.26
C GLU F 26 -37.38 -5.10 -8.65
N ALA F 27 -38.05 -3.98 -8.46
CA ALA F 27 -39.39 -3.93 -7.85
C ALA F 27 -40.43 -4.86 -8.48
N ASP F 28 -40.60 -4.77 -9.80
CA ASP F 28 -41.56 -5.60 -10.50
C ASP F 28 -41.34 -7.05 -10.16
N LEU F 29 -40.09 -7.40 -9.90
CA LEU F 29 -39.78 -8.78 -9.56
C LEU F 29 -40.17 -9.12 -8.14
N LYS F 30 -40.57 -8.11 -7.36
CA LYS F 30 -40.99 -8.32 -5.97
C LYS F 30 -42.50 -8.15 -5.75
N GLY F 31 -43.06 -9.09 -4.99
CA GLY F 31 -44.48 -9.08 -4.70
C GLY F 31 -45.21 -10.16 -5.48
N LYS F 32 -44.51 -10.79 -6.44
CA LYS F 32 -45.08 -11.82 -7.30
C LYS F 32 -44.07 -12.89 -7.65
N TRP F 33 -44.55 -14.08 -8.01
CA TRP F 33 -43.64 -15.14 -8.42
C TRP F 33 -43.27 -14.81 -9.86
N SER F 34 -42.02 -14.41 -10.03
CA SER F 34 -41.51 -14.06 -11.33
C SER F 34 -40.52 -15.12 -11.78
N ILE F 35 -40.47 -15.38 -13.08
CA ILE F 35 -39.53 -16.34 -13.64
C ILE F 35 -38.89 -15.71 -14.88
N VAL F 36 -37.60 -15.40 -14.76
CA VAL F 36 -36.86 -14.76 -15.84
C VAL F 36 -35.96 -15.73 -16.61
N VAL F 37 -36.04 -15.70 -17.92
CA VAL F 37 -35.21 -16.58 -18.73
C VAL F 37 -34.31 -15.77 -19.64
N PHE F 38 -33.03 -16.09 -19.61
CA PHE F 38 -32.01 -15.43 -20.38
C PHE F 38 -31.73 -16.23 -21.65
N TYR F 39 -31.28 -15.57 -22.70
CA TYR F 39 -30.93 -16.24 -23.93
C TYR F 39 -29.87 -15.40 -24.67
N PRO F 40 -29.01 -16.05 -25.47
CA PRO F 40 -27.94 -15.43 -26.24
C PRO F 40 -28.27 -14.14 -26.96
N ALA F 41 -28.89 -14.24 -28.15
CA ALA F 41 -29.24 -13.06 -28.96
C ALA F 41 -30.51 -13.20 -29.77
N ASP F 42 -31.16 -12.07 -30.03
CA ASP F 42 -32.38 -12.06 -30.83
C ASP F 42 -31.87 -12.26 -32.27
N PHE F 43 -32.78 -12.65 -33.17
CA PHE F 43 -32.44 -12.89 -34.57
C PHE F 43 -31.27 -13.85 -34.74
N SER F 44 -31.01 -14.64 -33.70
CA SER F 44 -29.92 -15.63 -33.74
C SER F 44 -30.28 -16.76 -34.70
N PHE F 45 -29.30 -17.62 -34.99
CA PHE F 45 -29.52 -18.76 -35.88
C PHE F 45 -30.38 -19.83 -35.23
N VAL F 46 -30.10 -20.10 -33.96
CA VAL F 46 -30.84 -21.11 -33.21
C VAL F 46 -32.31 -20.75 -33.15
N CYS F 47 -33.18 -21.73 -33.34
CA CYS F 47 -34.62 -21.49 -33.32
C CYS F 47 -35.11 -21.13 -31.93
N PRO F 48 -35.95 -20.09 -31.86
CA PRO F 48 -36.56 -19.55 -30.63
C PRO F 48 -37.46 -20.53 -29.89
N THR F 49 -37.23 -21.81 -30.13
CA THR F 49 -38.00 -22.87 -29.48
C THR F 49 -38.22 -22.56 -28.00
N GLU F 50 -37.12 -22.51 -27.26
CA GLU F 50 -37.17 -22.25 -25.83
C GLU F 50 -38.14 -21.12 -25.47
N LEU F 51 -37.97 -19.96 -26.09
CA LEU F 51 -38.83 -18.83 -25.80
C LEU F 51 -40.31 -19.11 -25.99
N GLU F 52 -40.70 -19.72 -27.11
CA GLU F 52 -42.12 -19.97 -27.29
C GLU F 52 -42.66 -21.15 -26.51
N ASP F 53 -41.83 -22.12 -26.17
CA ASP F 53 -42.33 -23.22 -25.35
C ASP F 53 -42.85 -22.57 -24.09
N VAL F 54 -42.13 -21.55 -23.63
CA VAL F 54 -42.51 -20.81 -22.44
C VAL F 54 -43.84 -20.09 -22.67
N GLN F 55 -44.03 -19.58 -23.88
CA GLN F 55 -45.26 -18.87 -24.23
C GLN F 55 -46.45 -19.79 -24.05
N LYS F 56 -46.30 -21.04 -24.47
CA LYS F 56 -47.36 -22.04 -24.34
C LYS F 56 -47.72 -22.16 -22.86
N GLU F 57 -46.73 -22.43 -22.04
CA GLU F 57 -46.94 -22.57 -20.60
C GLU F 57 -47.37 -21.26 -19.93
N TYR F 58 -47.27 -20.14 -20.65
CA TYR F 58 -47.62 -18.83 -20.09
C TYR F 58 -49.03 -18.75 -19.57
N ALA F 59 -49.98 -19.24 -20.36
CA ALA F 59 -51.40 -19.22 -19.97
C ALA F 59 -51.54 -19.67 -18.53
N GLU F 60 -51.11 -20.92 -18.28
CA GLU F 60 -51.17 -21.54 -16.95
C GLU F 60 -50.36 -20.81 -15.88
N LEU F 61 -49.12 -20.46 -16.22
CA LEU F 61 -48.25 -19.76 -15.28
C LEU F 61 -48.91 -18.52 -14.72
N LYS F 62 -49.62 -17.80 -15.57
CA LYS F 62 -50.30 -16.60 -15.13
C LYS F 62 -51.35 -16.95 -14.09
N LYS F 63 -52.02 -18.09 -14.26
CA LYS F 63 -53.03 -18.54 -13.31
C LYS F 63 -52.40 -18.71 -11.94
N LEU F 64 -51.16 -19.21 -11.91
CA LEU F 64 -50.45 -19.42 -10.65
C LEU F 64 -49.87 -18.13 -10.08
N GLY F 65 -50.21 -17.01 -10.70
CA GLY F 65 -49.72 -15.72 -10.22
C GLY F 65 -48.25 -15.52 -10.50
N VAL F 66 -47.80 -16.05 -11.62
CA VAL F 66 -46.42 -15.95 -12.04
C VAL F 66 -46.27 -15.05 -13.26
N GLU F 67 -45.19 -14.28 -13.29
CA GLU F 67 -44.95 -13.39 -14.41
C GLU F 67 -43.68 -13.88 -15.10
N VAL F 68 -43.59 -13.70 -16.41
CA VAL F 68 -42.42 -14.16 -17.15
C VAL F 68 -41.65 -13.05 -17.89
N TYR F 69 -40.32 -13.06 -17.73
CA TYR F 69 -39.47 -12.07 -18.38
C TYR F 69 -38.35 -12.73 -19.16
N SER F 70 -38.19 -12.31 -20.41
CA SER F 70 -37.11 -12.87 -21.23
C SER F 70 -36.05 -11.78 -21.25
N VAL F 71 -34.77 -12.18 -21.21
CA VAL F 71 -33.70 -11.20 -21.23
C VAL F 71 -32.52 -11.61 -22.11
N SER F 72 -32.02 -10.62 -22.84
CA SER F 72 -30.88 -10.78 -23.73
C SER F 72 -30.22 -9.41 -23.72
N THR F 73 -28.94 -9.36 -24.04
CA THR F 73 -28.23 -8.10 -24.05
C THR F 73 -28.63 -7.21 -25.26
N ASP F 74 -29.72 -7.57 -25.94
CA ASP F 74 -30.16 -6.78 -27.09
C ASP F 74 -30.97 -5.61 -26.59
N THR F 75 -31.18 -4.61 -27.44
CA THR F 75 -31.94 -3.43 -27.05
C THR F 75 -33.44 -3.76 -27.15
N HIS F 76 -34.26 -3.10 -26.35
CA HIS F 76 -35.70 -3.35 -26.40
C HIS F 76 -36.22 -3.08 -27.82
N PHE F 77 -35.50 -2.26 -28.58
CA PHE F 77 -35.89 -1.95 -29.94
C PHE F 77 -35.90 -3.23 -30.78
N VAL F 78 -34.79 -3.96 -30.75
CA VAL F 78 -34.70 -5.19 -31.54
C VAL F 78 -35.65 -6.25 -31.01
N HIS F 79 -35.96 -6.21 -29.73
CA HIS F 79 -36.89 -7.18 -29.18
C HIS F 79 -38.21 -7.01 -29.92
N LYS F 80 -38.63 -5.76 -30.09
CA LYS F 80 -39.88 -5.45 -30.77
C LYS F 80 -39.74 -5.88 -32.21
N ALA F 81 -38.68 -5.44 -32.86
CA ALA F 81 -38.44 -5.79 -34.25
C ALA F 81 -38.58 -7.30 -34.42
N TRP F 82 -37.83 -8.05 -33.63
CA TRP F 82 -37.88 -9.50 -33.70
C TRP F 82 -39.31 -9.99 -33.52
N HIS F 83 -39.98 -9.46 -32.52
CA HIS F 83 -41.34 -9.85 -32.23
C HIS F 83 -42.29 -9.67 -33.43
N GLU F 84 -42.08 -8.61 -34.20
CA GLU F 84 -42.92 -8.36 -35.36
C GLU F 84 -42.51 -9.18 -36.57
N ASN F 85 -41.24 -9.06 -36.95
CA ASN F 85 -40.70 -9.74 -38.13
C ASN F 85 -40.43 -11.23 -37.98
N SER F 86 -41.24 -11.90 -37.18
CA SER F 86 -41.10 -13.35 -36.97
C SER F 86 -42.34 -13.94 -36.32
N PRO F 87 -42.98 -14.90 -37.00
CA PRO F 87 -44.18 -15.53 -36.46
C PRO F 87 -43.93 -16.21 -35.12
N ALA F 88 -42.85 -16.99 -35.05
CA ALA F 88 -42.51 -17.73 -33.83
C ALA F 88 -42.44 -16.83 -32.59
N VAL F 89 -41.48 -15.91 -32.57
CA VAL F 89 -41.31 -15.01 -31.43
C VAL F 89 -42.50 -14.06 -31.29
N GLY F 90 -43.27 -13.92 -32.37
CA GLY F 90 -44.43 -13.05 -32.36
C GLY F 90 -45.60 -13.53 -31.47
N SER F 91 -45.56 -14.80 -31.10
CA SER F 91 -46.60 -15.35 -30.27
C SER F 91 -46.35 -15.06 -28.81
N ILE F 92 -45.18 -14.51 -28.49
CA ILE F 92 -44.83 -14.21 -27.10
C ILE F 92 -45.61 -13.03 -26.54
N GLU F 93 -46.26 -13.29 -25.40
CA GLU F 93 -47.08 -12.31 -24.73
C GLU F 93 -46.42 -11.73 -23.48
N TYR F 94 -45.46 -12.46 -22.91
CA TYR F 94 -44.80 -11.99 -21.70
C TYR F 94 -43.80 -10.87 -21.97
N ILE F 95 -43.21 -10.35 -20.89
CA ILE F 95 -42.26 -9.25 -20.98
C ILE F 95 -40.89 -9.58 -21.60
N MET F 96 -40.38 -8.67 -22.42
CA MET F 96 -39.07 -8.86 -23.04
C MET F 96 -38.17 -7.70 -22.65
N ILE F 97 -37.30 -7.93 -21.68
CA ILE F 97 -36.38 -6.91 -21.21
C ILE F 97 -35.13 -6.84 -22.08
N GLY F 98 -34.60 -5.65 -22.23
CA GLY F 98 -33.40 -5.47 -23.02
C GLY F 98 -32.27 -5.11 -22.09
N ASP F 99 -31.14 -5.81 -22.22
CA ASP F 99 -30.02 -5.57 -21.34
C ASP F 99 -28.73 -5.17 -22.06
N PRO F 100 -28.76 -4.09 -22.83
CA PRO F 100 -27.56 -3.64 -23.55
C PRO F 100 -26.42 -3.15 -22.64
N SER F 101 -26.75 -2.71 -21.44
CA SER F 101 -25.73 -2.25 -20.51
C SER F 101 -25.08 -3.48 -19.89
N GLN F 102 -25.71 -4.63 -20.05
CA GLN F 102 -25.20 -5.91 -19.53
C GLN F 102 -25.36 -6.04 -18.03
N THR F 103 -25.79 -4.97 -17.39
CA THR F 103 -25.93 -4.96 -15.94
C THR F 103 -26.77 -6.06 -15.33
N ILE F 104 -27.95 -6.32 -15.86
CA ILE F 104 -28.76 -7.36 -15.24
C ILE F 104 -28.28 -8.77 -15.59
N SER F 105 -27.66 -8.94 -16.74
CA SER F 105 -27.11 -10.26 -17.13
C SER F 105 -25.93 -10.53 -16.21
N ARG F 106 -25.18 -9.47 -15.93
CA ARG F 106 -24.03 -9.56 -15.07
C ARG F 106 -24.42 -9.85 -13.61
N GLN F 107 -25.49 -9.22 -13.14
CA GLN F 107 -25.94 -9.43 -11.76
C GLN F 107 -26.41 -10.85 -11.50
N PHE F 108 -26.95 -11.50 -12.51
CA PHE F 108 -27.43 -12.86 -12.34
C PHE F 108 -26.27 -13.82 -12.63
N ASP F 109 -25.07 -13.24 -12.80
CA ASP F 109 -23.87 -14.02 -13.09
C ASP F 109 -24.18 -15.00 -14.21
N VAL F 110 -24.54 -14.46 -15.37
CA VAL F 110 -24.90 -15.30 -16.50
C VAL F 110 -24.42 -14.63 -17.79
N LEU F 111 -23.62 -13.59 -17.65
CA LEU F 111 -23.08 -12.86 -18.79
C LEU F 111 -21.75 -13.43 -19.19
N ASN F 112 -21.58 -13.78 -20.47
CA ASN F 112 -20.28 -14.28 -20.92
C ASN F 112 -19.46 -13.07 -21.29
N GLU F 113 -18.55 -12.71 -20.40
CA GLU F 113 -17.70 -11.56 -20.59
C GLU F 113 -17.14 -11.31 -21.99
N GLU F 114 -16.55 -12.32 -22.63
CA GLU F 114 -15.96 -12.10 -23.95
C GLU F 114 -16.89 -12.03 -25.16
N THR F 115 -18.05 -12.69 -25.12
CA THR F 115 -18.97 -12.62 -26.25
C THR F 115 -19.96 -11.44 -26.09
N GLY F 116 -20.17 -11.03 -24.84
CA GLY F 116 -21.09 -9.93 -24.57
C GLY F 116 -22.53 -10.40 -24.63
N LEU F 117 -22.72 -11.71 -24.52
CA LEU F 117 -24.04 -12.34 -24.57
C LEU F 117 -24.38 -13.08 -23.28
N ALA F 118 -25.66 -13.37 -23.06
CA ALA F 118 -26.04 -14.08 -21.85
C ALA F 118 -26.07 -15.57 -22.10
N ASP F 119 -26.06 -16.35 -21.02
CA ASP F 119 -26.10 -17.80 -21.11
C ASP F 119 -27.55 -18.24 -21.02
N ARG F 120 -27.82 -19.48 -21.43
CA ARG F 120 -29.17 -20.01 -21.37
C ARG F 120 -29.48 -20.34 -19.93
N GLY F 121 -29.90 -19.35 -19.16
CA GLY F 121 -30.22 -19.59 -17.78
C GLY F 121 -31.64 -19.17 -17.47
N THR F 122 -32.31 -19.92 -16.59
CA THR F 122 -33.67 -19.60 -16.19
C THR F 122 -33.73 -19.55 -14.66
N PHE F 123 -34.27 -18.47 -14.12
CA PHE F 123 -34.39 -18.32 -12.67
C PHE F 123 -35.85 -18.19 -12.26
N ILE F 124 -36.15 -18.70 -11.06
CA ILE F 124 -37.50 -18.59 -10.48
C ILE F 124 -37.31 -17.76 -9.22
N ILE F 125 -38.06 -16.68 -9.11
CA ILE F 125 -37.97 -15.78 -7.97
C ILE F 125 -39.25 -15.68 -7.14
N ASP F 126 -39.14 -15.90 -5.83
CA ASP F 126 -40.29 -15.80 -4.95
C ASP F 126 -40.71 -14.34 -4.78
N PRO F 127 -41.93 -14.09 -4.30
CA PRO F 127 -42.47 -12.75 -4.08
C PRO F 127 -41.60 -11.84 -3.25
N ASP F 128 -40.56 -12.40 -2.66
CA ASP F 128 -39.67 -11.60 -1.83
C ASP F 128 -38.45 -11.14 -2.62
N GLY F 129 -38.34 -11.59 -3.86
CA GLY F 129 -37.20 -11.20 -4.66
C GLY F 129 -36.00 -12.10 -4.43
N VAL F 130 -36.26 -13.31 -3.95
CA VAL F 130 -35.22 -14.28 -3.67
C VAL F 130 -35.19 -15.38 -4.72
N ILE F 131 -33.99 -15.73 -5.18
CA ILE F 131 -33.85 -16.77 -6.19
C ILE F 131 -34.04 -18.15 -5.56
N GLN F 132 -35.01 -18.90 -6.04
CA GLN F 132 -35.31 -20.22 -5.51
C GLN F 132 -34.92 -21.37 -6.41
N ALA F 133 -34.66 -21.08 -7.69
CA ALA F 133 -34.27 -22.12 -8.63
C ALA F 133 -33.40 -21.55 -9.73
N ILE F 134 -32.37 -22.32 -10.11
CA ILE F 134 -31.48 -21.88 -11.17
C ILE F 134 -31.18 -23.02 -12.11
N GLU F 135 -31.28 -22.75 -13.42
CA GLU F 135 -31.01 -23.74 -14.46
C GLU F 135 -30.28 -23.07 -15.60
N ILE F 136 -29.05 -23.52 -15.84
CA ILE F 136 -28.25 -22.96 -16.91
C ILE F 136 -27.70 -24.08 -17.76
N ASN F 137 -28.12 -24.14 -19.01
CA ASN F 137 -27.66 -25.15 -19.95
C ASN F 137 -26.79 -24.51 -21.02
N ALA F 138 -25.95 -25.33 -21.64
CA ALA F 138 -25.06 -24.85 -22.70
C ALA F 138 -25.83 -24.81 -24.01
N ASP F 139 -25.30 -24.09 -24.99
CA ASP F 139 -25.98 -24.01 -26.29
C ASP F 139 -26.14 -25.42 -26.84
N GLY F 140 -27.37 -25.80 -27.12
CA GLY F 140 -27.65 -27.12 -27.63
C GLY F 140 -28.58 -27.87 -26.70
N ILE F 141 -28.19 -27.98 -25.42
CA ILE F 141 -29.03 -28.66 -24.46
C ILE F 141 -30.19 -27.71 -24.15
N GLY F 142 -31.40 -28.19 -24.41
CA GLY F 142 -32.56 -27.35 -24.18
C GLY F 142 -33.14 -27.35 -22.79
N ARG F 143 -33.82 -26.25 -22.47
CA ARG F 143 -34.47 -26.09 -21.18
C ARG F 143 -35.91 -26.53 -21.38
N ASP F 144 -36.38 -27.48 -20.57
CA ASP F 144 -37.76 -27.95 -20.73
C ASP F 144 -38.73 -27.03 -20.02
N ALA F 145 -39.48 -26.27 -20.82
CA ALA F 145 -40.44 -25.33 -20.28
C ALA F 145 -41.56 -25.96 -19.45
N SER F 146 -41.88 -27.22 -19.71
CA SER F 146 -42.93 -27.90 -18.97
C SER F 146 -42.62 -28.07 -17.48
N THR F 147 -41.39 -28.45 -17.17
CA THR F 147 -40.97 -28.66 -15.78
C THR F 147 -41.05 -27.39 -14.94
N LEU F 148 -41.44 -26.28 -15.56
CA LEU F 148 -41.55 -25.02 -14.86
C LEU F 148 -42.76 -24.96 -13.92
N ILE F 149 -43.95 -25.28 -14.44
CA ILE F 149 -45.15 -25.25 -13.62
C ILE F 149 -44.98 -26.11 -12.37
N ASN F 150 -44.21 -27.18 -12.49
CA ASN F 150 -43.98 -28.06 -11.36
C ASN F 150 -43.10 -27.36 -10.33
N LYS F 151 -41.99 -26.80 -10.78
CA LYS F 151 -41.06 -26.12 -9.89
C LYS F 151 -41.74 -24.96 -9.15
N VAL F 152 -42.44 -24.11 -9.87
CA VAL F 152 -43.10 -22.98 -9.22
C VAL F 152 -44.14 -23.46 -8.21
N LYS F 153 -44.82 -24.57 -8.52
CA LYS F 153 -45.80 -25.10 -7.59
C LYS F 153 -45.05 -25.56 -6.34
N ALA F 154 -44.05 -26.40 -6.55
CA ALA F 154 -43.23 -26.92 -5.46
C ALA F 154 -42.69 -25.75 -4.64
N ALA F 155 -42.19 -24.74 -5.34
CA ALA F 155 -41.65 -23.56 -4.68
C ALA F 155 -42.74 -22.90 -3.83
N GLN F 156 -43.93 -22.77 -4.40
CA GLN F 156 -45.04 -22.14 -3.71
C GLN F 156 -45.56 -22.99 -2.55
N TYR F 157 -45.52 -24.31 -2.70
CA TYR F 157 -45.98 -25.16 -1.62
C TYR F 157 -45.07 -24.95 -0.41
N VAL F 158 -43.77 -25.21 -0.58
CA VAL F 158 -42.78 -25.03 0.48
C VAL F 158 -42.83 -23.62 1.08
N ARG F 159 -43.28 -22.67 0.27
CA ARG F 159 -43.39 -21.27 0.68
C ARG F 159 -44.22 -21.13 1.94
N GLU F 160 -45.36 -21.80 2.00
CA GLU F 160 -46.21 -21.71 3.18
C GLU F 160 -46.35 -23.05 3.89
N ASN F 161 -45.36 -23.92 3.69
CA ASN F 161 -45.35 -25.22 4.32
C ASN F 161 -43.91 -25.63 4.63
N PRO F 162 -43.18 -24.79 5.39
CA PRO F 162 -41.79 -25.07 5.76
C PRO F 162 -41.58 -26.41 6.44
N GLY F 163 -40.49 -27.08 6.08
CA GLY F 163 -40.17 -28.37 6.67
C GLY F 163 -41.03 -29.53 6.20
N GLU F 164 -42.24 -29.24 5.73
CA GLU F 164 -43.13 -30.29 5.27
C GLU F 164 -42.62 -31.00 4.02
N VAL F 165 -41.37 -30.69 3.65
CA VAL F 165 -40.75 -31.30 2.49
C VAL F 165 -40.28 -32.70 2.87
N CYS F 166 -41.20 -33.50 3.41
CA CYS F 166 -40.90 -34.87 3.81
C CYS F 166 -40.22 -34.88 5.18
N SER G 1 -6.97 13.51 -26.97
CA SER G 1 -7.84 12.97 -28.04
C SER G 1 -7.13 11.86 -28.78
N LEU G 2 -7.90 10.94 -29.35
CA LEU G 2 -7.31 9.82 -30.08
C LEU G 2 -6.76 10.25 -31.43
N ILE G 3 -6.84 11.54 -31.73
CA ILE G 3 -6.31 12.01 -33.02
C ILE G 3 -4.83 11.68 -33.09
N GLY G 4 -4.44 10.99 -34.16
CA GLY G 4 -3.04 10.65 -34.33
C GLY G 4 -2.63 9.36 -33.64
N THR G 5 -3.54 8.74 -32.92
CA THR G 5 -3.19 7.49 -32.25
C THR G 5 -3.45 6.33 -33.19
N GLU G 6 -2.98 5.15 -32.81
CA GLU G 6 -3.11 3.97 -33.62
C GLU G 6 -4.26 3.09 -33.12
N VAL G 7 -5.04 2.57 -34.06
CA VAL G 7 -6.17 1.71 -33.76
C VAL G 7 -5.75 0.52 -32.91
N GLN G 8 -6.45 0.29 -31.81
CA GLN G 8 -6.10 -0.83 -30.94
C GLN G 8 -6.64 -2.16 -31.43
N PRO G 9 -6.02 -3.28 -31.01
CA PRO G 9 -6.39 -4.65 -31.38
C PRO G 9 -7.80 -5.05 -31.00
N PHE G 10 -8.50 -5.69 -31.94
CA PHE G 10 -9.87 -6.15 -31.73
C PHE G 10 -10.23 -7.24 -32.70
N ARG G 11 -11.21 -8.06 -32.33
CA ARG G 11 -11.66 -9.14 -33.19
C ARG G 11 -13.18 -9.21 -33.07
N ALA G 12 -13.88 -9.06 -34.19
CA ALA G 12 -15.34 -9.08 -34.17
C ALA G 12 -15.99 -9.67 -35.40
N GLN G 13 -17.26 -10.08 -35.23
CA GLN G 13 -18.07 -10.64 -36.31
C GLN G 13 -18.69 -9.52 -37.10
N ALA G 14 -18.70 -9.67 -38.42
CA ALA G 14 -19.26 -8.65 -39.28
C ALA G 14 -20.19 -9.27 -40.31
N PHE G 15 -21.02 -8.42 -40.90
CA PHE G 15 -21.95 -8.87 -41.92
C PHE G 15 -21.83 -7.91 -43.08
N GLN G 16 -21.92 -8.42 -44.30
CA GLN G 16 -21.85 -7.58 -45.46
C GLN G 16 -22.73 -8.14 -46.55
N SER G 17 -23.59 -7.28 -47.11
CA SER G 17 -24.48 -7.71 -48.19
C SER G 17 -23.68 -8.53 -49.19
N GLY G 18 -23.92 -9.82 -49.26
CA GLY G 18 -23.18 -10.66 -50.16
C GLY G 18 -22.46 -11.76 -49.41
N LYS G 19 -21.25 -11.47 -48.93
CA LYS G 19 -20.50 -12.46 -48.16
C LYS G 19 -21.27 -12.80 -46.90
N ASP G 20 -21.23 -14.05 -46.47
CA ASP G 20 -21.90 -14.41 -45.23
C ASP G 20 -20.94 -14.02 -44.11
N PHE G 21 -21.46 -13.82 -42.91
CA PHE G 21 -20.67 -13.43 -41.75
C PHE G 21 -19.20 -13.80 -41.82
N PHE G 22 -18.35 -12.87 -41.39
CA PHE G 22 -16.91 -13.08 -41.39
C PHE G 22 -16.25 -12.28 -40.27
N GLU G 23 -15.08 -12.72 -39.84
CA GLU G 23 -14.35 -12.05 -38.76
C GLU G 23 -13.61 -10.82 -39.25
N VAL G 24 -13.28 -9.92 -38.32
CA VAL G 24 -12.56 -8.70 -38.67
C VAL G 24 -11.66 -8.31 -37.51
N THR G 25 -10.46 -7.81 -37.82
CA THR G 25 -9.54 -7.40 -36.77
C THR G 25 -8.90 -6.05 -37.07
N GLU G 26 -8.10 -5.58 -36.11
CA GLU G 26 -7.41 -4.29 -36.25
C GLU G 26 -6.70 -4.27 -37.59
N ALA G 27 -6.31 -5.45 -38.03
CA ALA G 27 -5.62 -5.64 -39.29
C ALA G 27 -6.45 -5.04 -40.44
N ASP G 28 -7.69 -5.50 -40.59
CA ASP G 28 -8.57 -5.03 -41.64
C ASP G 28 -8.50 -3.52 -41.77
N LEU G 29 -8.30 -2.83 -40.64
CA LEU G 29 -8.25 -1.38 -40.65
C LEU G 29 -6.90 -0.82 -41.12
N LYS G 30 -5.91 -1.71 -41.20
CA LYS G 30 -4.57 -1.35 -41.65
C LYS G 30 -4.34 -1.72 -43.12
N GLY G 31 -3.61 -0.87 -43.83
CA GLY G 31 -3.29 -1.14 -45.23
C GLY G 31 -4.13 -0.39 -46.24
N LYS G 32 -5.20 0.21 -45.77
CA LYS G 32 -6.09 0.95 -46.64
C LYS G 32 -6.75 2.06 -45.88
N TRP G 33 -7.28 3.03 -46.61
CA TRP G 33 -7.97 4.13 -45.95
C TRP G 33 -9.33 3.60 -45.57
N SER G 34 -9.51 3.42 -44.27
CA SER G 34 -10.77 2.93 -43.76
C SER G 34 -11.47 4.05 -42.99
N ILE G 35 -12.79 4.08 -43.07
CA ILE G 35 -13.58 5.06 -42.34
C ILE G 35 -14.73 4.34 -41.62
N VAL G 36 -14.66 4.31 -40.31
CA VAL G 36 -15.68 3.64 -39.53
C VAL G 36 -16.65 4.59 -38.85
N VAL G 37 -17.94 4.29 -38.97
CA VAL G 37 -18.94 5.13 -38.35
C VAL G 37 -19.75 4.33 -37.35
N PHE G 38 -19.87 4.90 -36.16
CA PHE G 38 -20.60 4.30 -35.04
C PHE G 38 -22.00 4.90 -34.98
N TYR G 39 -22.95 4.13 -34.46
CA TYR G 39 -24.31 4.62 -34.29
C TYR G 39 -24.94 3.86 -33.11
N PRO G 40 -25.93 4.48 -32.45
CA PRO G 40 -26.67 3.98 -31.29
C PRO G 40 -27.08 2.52 -31.36
N ALA G 41 -28.20 2.24 -32.03
CA ALA G 41 -28.70 0.88 -32.14
C ALA G 41 -29.45 0.60 -33.42
N ASP G 42 -29.45 -0.66 -33.82
CA ASP G 42 -30.15 -1.10 -35.03
C ASP G 42 -31.62 -1.09 -34.65
N PHE G 43 -32.50 -1.05 -35.66
CA PHE G 43 -33.94 -1.04 -35.44
C PHE G 43 -34.40 0.08 -34.51
N SER G 44 -33.56 1.10 -34.37
CA SER G 44 -33.85 2.24 -33.52
C SER G 44 -34.97 3.07 -34.14
N PHE G 45 -35.51 4.02 -33.38
CA PHE G 45 -36.59 4.87 -33.89
C PHE G 45 -36.08 5.89 -34.89
N VAL G 46 -34.91 6.45 -34.63
CA VAL G 46 -34.30 7.42 -35.52
C VAL G 46 -34.06 6.80 -36.90
N CYS G 47 -34.38 7.54 -37.95
CA CYS G 47 -34.20 7.02 -39.30
C CYS G 47 -32.73 6.86 -39.66
N PRO G 48 -32.41 5.70 -40.26
CA PRO G 48 -31.06 5.32 -40.69
C PRO G 48 -30.46 6.22 -41.78
N THR G 49 -30.96 7.45 -41.86
CA THR G 49 -30.46 8.38 -42.85
C THR G 49 -28.93 8.40 -42.90
N GLU G 50 -28.28 8.70 -41.78
CA GLU G 50 -26.82 8.74 -41.72
C GLU G 50 -26.18 7.55 -42.42
N LEU G 51 -26.57 6.34 -42.01
CA LEU G 51 -26.03 5.12 -42.61
C LEU G 51 -26.14 5.08 -44.13
N GLU G 52 -27.32 5.34 -44.68
CA GLU G 52 -27.44 5.26 -46.12
C GLU G 52 -26.85 6.44 -46.88
N ASP G 53 -26.79 7.62 -46.27
CA ASP G 53 -26.17 8.73 -46.99
C ASP G 53 -24.75 8.27 -47.30
N VAL G 54 -24.19 7.53 -46.35
CA VAL G 54 -22.85 6.99 -46.50
C VAL G 54 -22.83 5.98 -47.66
N GLN G 55 -23.91 5.22 -47.79
CA GLN G 55 -24.00 4.23 -48.86
C GLN G 55 -23.92 4.92 -50.22
N LYS G 56 -24.58 6.06 -50.34
CA LYS G 56 -24.55 6.82 -51.58
C LYS G 56 -23.10 7.15 -51.91
N GLU G 57 -22.42 7.79 -50.96
CA GLU G 57 -21.02 8.16 -51.13
C GLU G 57 -20.09 6.95 -51.26
N TYR G 58 -20.59 5.76 -50.94
CA TYR G 58 -19.75 4.55 -50.99
C TYR G 58 -19.13 4.28 -52.36
N ALA G 59 -19.95 4.42 -53.40
CA ALA G 59 -19.47 4.20 -54.76
C ALA G 59 -18.12 4.90 -54.94
N GLU G 60 -18.13 6.22 -54.80
CA GLU G 60 -16.92 7.02 -54.96
C GLU G 60 -15.82 6.74 -53.97
N LEU G 61 -16.18 6.59 -52.69
CA LEU G 61 -15.20 6.31 -51.66
C LEU G 61 -14.37 5.08 -52.01
N LYS G 62 -15.00 4.07 -52.60
CA LYS G 62 -14.29 2.88 -52.97
C LYS G 62 -13.24 3.20 -54.05
N LYS G 63 -13.58 4.13 -54.95
CA LYS G 63 -12.66 4.53 -56.00
C LYS G 63 -11.40 5.11 -55.37
N LEU G 64 -11.56 5.84 -54.27
CA LEU G 64 -10.42 6.43 -53.58
C LEU G 64 -9.67 5.43 -52.72
N GLY G 65 -10.03 4.16 -52.84
CA GLY G 65 -9.35 3.11 -52.08
C GLY G 65 -9.70 3.16 -50.61
N VAL G 66 -10.94 3.54 -50.33
CA VAL G 66 -11.44 3.64 -48.96
C VAL G 66 -12.47 2.55 -48.67
N GLU G 67 -12.44 2.01 -47.46
CA GLU G 67 -13.40 1.00 -47.07
C GLU G 67 -14.26 1.59 -45.95
N VAL G 68 -15.52 1.17 -45.87
CA VAL G 68 -16.43 1.70 -44.85
C VAL G 68 -16.97 0.63 -43.88
N TYR G 69 -16.92 0.95 -42.60
CA TYR G 69 -17.37 0.06 -41.53
C TYR G 69 -18.39 0.73 -40.62
N SER G 70 -19.54 0.09 -40.43
CA SER G 70 -20.55 0.66 -39.54
C SER G 70 -20.44 -0.16 -38.25
N VAL G 71 -20.60 0.49 -37.11
CA VAL G 71 -20.50 -0.21 -35.84
C VAL G 71 -21.55 0.23 -34.82
N SER G 72 -22.10 -0.76 -34.12
CA SER G 72 -23.08 -0.56 -33.08
C SER G 72 -22.85 -1.76 -32.16
N THR G 73 -23.24 -1.62 -30.91
CA THR G 73 -23.04 -2.72 -29.98
C THR G 73 -24.05 -3.87 -30.20
N ASP G 74 -24.70 -3.88 -31.37
CA ASP G 74 -25.66 -4.93 -31.69
C ASP G 74 -24.87 -6.14 -32.20
N THR G 75 -25.50 -7.31 -32.22
CA THR G 75 -24.85 -8.52 -32.70
C THR G 75 -24.89 -8.51 -34.23
N HIS G 76 -23.92 -9.16 -34.89
CA HIS G 76 -23.91 -9.19 -36.35
C HIS G 76 -25.21 -9.83 -36.84
N PHE G 77 -25.84 -10.64 -35.98
CA PHE G 77 -27.10 -11.28 -36.33
C PHE G 77 -28.16 -10.24 -36.64
N VAL G 78 -28.37 -9.31 -35.70
CA VAL G 78 -29.38 -8.27 -35.91
C VAL G 78 -29.00 -7.34 -37.05
N HIS G 79 -27.70 -7.19 -37.32
CA HIS G 79 -27.28 -6.32 -38.41
C HIS G 79 -27.86 -6.89 -39.69
N LYS G 80 -27.76 -8.21 -39.84
CA LYS G 80 -28.26 -8.90 -41.02
C LYS G 80 -29.77 -8.74 -41.04
N ALA G 81 -30.40 -9.07 -39.92
CA ALA G 81 -31.85 -8.97 -39.78
C ALA G 81 -32.29 -7.60 -40.26
N TRP G 82 -31.74 -6.57 -39.64
CA TRP G 82 -32.09 -5.20 -39.99
C TRP G 82 -31.89 -4.97 -41.50
N HIS G 83 -30.75 -5.44 -42.00
CA HIS G 83 -30.42 -5.29 -43.41
C HIS G 83 -31.48 -5.86 -44.34
N GLU G 84 -32.08 -6.98 -43.95
CA GLU G 84 -33.10 -7.62 -44.76
C GLU G 84 -34.47 -7.00 -44.55
N ASN G 85 -34.91 -6.96 -43.31
CA ASN G 85 -36.23 -6.43 -42.96
C ASN G 85 -36.38 -4.92 -43.02
N SER G 86 -35.67 -4.28 -43.94
CA SER G 86 -35.75 -2.83 -44.08
C SER G 86 -35.13 -2.38 -45.40
N PRO G 87 -35.92 -1.69 -46.23
CA PRO G 87 -35.43 -1.22 -47.51
C PRO G 87 -34.26 -0.24 -47.38
N ALA G 88 -34.41 0.73 -46.48
CA ALA G 88 -33.38 1.74 -46.28
C ALA G 88 -32.00 1.14 -45.98
N VAL G 89 -31.88 0.47 -44.84
CA VAL G 89 -30.61 -0.14 -44.45
C VAL G 89 -30.22 -1.26 -45.41
N GLY G 90 -31.19 -1.76 -46.16
CA GLY G 90 -30.91 -2.84 -47.10
C GLY G 90 -30.05 -2.43 -48.30
N SER G 91 -29.93 -1.12 -48.52
CA SER G 91 -29.15 -0.62 -49.64
C SER G 91 -27.67 -0.57 -49.28
N ILE G 92 -27.36 -0.79 -48.01
CA ILE G 92 -25.99 -0.74 -47.54
C ILE G 92 -25.13 -1.91 -48.04
N GLU G 93 -24.03 -1.56 -48.69
CA GLU G 93 -23.12 -2.54 -49.25
C GLU G 93 -21.86 -2.71 -48.45
N TYR G 94 -21.51 -1.70 -47.66
CA TYR G 94 -20.30 -1.77 -46.85
C TYR G 94 -20.40 -2.70 -45.66
N ILE G 95 -19.29 -2.85 -44.93
CA ILE G 95 -19.24 -3.75 -43.79
C ILE G 95 -19.99 -3.29 -42.56
N MET G 96 -20.65 -4.23 -41.88
CA MET G 96 -21.40 -3.92 -40.66
C MET G 96 -20.87 -4.77 -39.53
N ILE G 97 -20.05 -4.16 -38.69
CA ILE G 97 -19.44 -4.86 -37.56
C ILE G 97 -20.39 -4.85 -36.37
N GLY G 98 -20.33 -5.92 -35.59
CA GLY G 98 -21.17 -6.02 -34.41
C GLY G 98 -20.27 -5.97 -33.20
N ASP G 99 -20.62 -5.11 -32.24
CA ASP G 99 -19.79 -4.96 -31.05
C ASP G 99 -20.50 -5.23 -29.73
N PRO G 100 -21.09 -6.43 -29.58
CA PRO G 100 -21.79 -6.75 -28.35
C PRO G 100 -20.90 -6.82 -27.10
N SER G 101 -19.60 -7.03 -27.31
CA SER G 101 -18.66 -7.09 -26.20
C SER G 101 -18.38 -5.66 -25.75
N GLN G 102 -18.70 -4.71 -26.63
CA GLN G 102 -18.48 -3.28 -26.40
C GLN G 102 -17.03 -2.88 -26.50
N THR G 103 -16.14 -3.86 -26.68
CA THR G 103 -14.71 -3.56 -26.71
C THR G 103 -14.26 -2.58 -27.77
N ILE G 104 -14.75 -2.71 -28.99
CA ILE G 104 -14.28 -1.77 -30.00
C ILE G 104 -14.90 -0.38 -29.86
N SER G 105 -16.11 -0.32 -29.31
CA SER G 105 -16.77 0.97 -29.09
C SER G 105 -16.03 1.66 -27.95
N ARG G 106 -15.62 0.85 -26.98
CA ARG G 106 -14.89 1.36 -25.83
C ARG G 106 -13.49 1.84 -26.23
N GLN G 107 -12.81 1.12 -27.13
CA GLN G 107 -11.47 1.52 -27.53
C GLN G 107 -11.43 2.83 -28.31
N PHE G 108 -12.51 3.17 -29.00
CA PHE G 108 -12.56 4.41 -29.76
C PHE G 108 -13.13 5.48 -28.83
N ASP G 109 -13.28 5.13 -27.56
CA ASP G 109 -13.83 6.03 -26.55
C ASP G 109 -15.07 6.70 -27.10
N VAL G 110 -16.07 5.88 -27.38
CA VAL G 110 -17.30 6.38 -27.96
C VAL G 110 -18.48 5.58 -27.40
N LEU G 111 -18.21 4.79 -26.38
CA LEU G 111 -19.21 3.97 -25.73
C LEU G 111 -19.82 4.71 -24.57
N ASN G 112 -21.14 4.80 -24.53
CA ASN G 112 -21.80 5.45 -23.40
C ASN G 112 -21.98 4.37 -22.34
N GLU G 113 -21.11 4.40 -21.34
CA GLU G 113 -21.13 3.43 -20.24
C GLU G 113 -22.51 3.00 -19.72
N GLU G 114 -23.36 3.96 -19.39
CA GLU G 114 -24.67 3.65 -18.82
C GLU G 114 -25.76 3.11 -19.73
N THR G 115 -25.78 3.52 -21.00
CA THR G 115 -26.79 3.01 -21.93
C THR G 115 -26.33 1.73 -22.62
N GLY G 116 -25.01 1.54 -22.71
CA GLY G 116 -24.46 0.37 -23.36
C GLY G 116 -24.49 0.53 -24.86
N LEU G 117 -24.62 1.76 -25.35
CA LEU G 117 -24.68 2.04 -26.78
C LEU G 117 -23.56 2.97 -27.22
N ALA G 118 -23.27 3.03 -28.51
CA ALA G 118 -22.22 3.92 -28.97
C ALA G 118 -22.74 5.30 -29.34
N ASP G 119 -21.82 6.25 -29.46
CA ASP G 119 -22.17 7.63 -29.81
C ASP G 119 -22.10 7.78 -31.32
N ARG G 120 -22.69 8.83 -31.84
CA ARG G 120 -22.64 9.07 -33.27
C ARG G 120 -21.26 9.63 -33.58
N GLY G 121 -20.28 8.75 -33.74
CA GLY G 121 -18.95 9.20 -34.07
C GLY G 121 -18.45 8.57 -35.35
N THR G 122 -17.69 9.33 -36.14
CA THR G 122 -17.13 8.85 -37.39
C THR G 122 -15.63 9.09 -37.39
N PHE G 123 -14.86 8.05 -37.69
CA PHE G 123 -13.41 8.19 -37.73
C PHE G 123 -12.86 7.84 -39.11
N ILE G 124 -11.77 8.50 -39.47
CA ILE G 124 -11.08 8.26 -40.73
C ILE G 124 -9.70 7.75 -40.34
N ILE G 125 -9.34 6.57 -40.85
CA ILE G 125 -8.07 5.95 -40.52
C ILE G 125 -7.14 5.77 -41.72
N ASP G 126 -5.90 6.26 -41.61
CA ASP G 126 -4.93 6.13 -42.69
C ASP G 126 -4.44 4.69 -42.78
N PRO G 127 -3.85 4.31 -43.92
CA PRO G 127 -3.34 2.96 -44.16
C PRO G 127 -2.42 2.43 -43.08
N ASP G 128 -2.01 3.27 -42.15
CA ASP G 128 -1.13 2.84 -41.08
C ASP G 128 -1.90 2.48 -39.82
N GLY G 129 -3.20 2.70 -39.85
CA GLY G 129 -4.03 2.40 -38.69
C GLY G 129 -4.04 3.55 -37.70
N VAL G 130 -3.79 4.74 -38.20
CA VAL G 130 -3.78 5.92 -37.34
C VAL G 130 -5.01 6.78 -37.60
N ILE G 131 -5.63 7.26 -36.53
CA ILE G 131 -6.82 8.09 -36.66
C ILE G 131 -6.44 9.51 -37.10
N GLN G 132 -6.98 9.92 -38.24
CA GLN G 132 -6.69 11.24 -38.80
C GLN G 132 -7.82 12.25 -38.69
N ALA G 133 -9.03 11.76 -38.40
CA ALA G 133 -10.19 12.64 -38.26
C ALA G 133 -11.21 12.05 -37.31
N ILE G 134 -11.80 12.91 -36.49
CA ILE G 134 -12.82 12.48 -35.54
C ILE G 134 -14.00 13.43 -35.54
N GLU G 135 -15.20 12.88 -35.63
CA GLU G 135 -16.42 13.68 -35.62
C GLU G 135 -17.48 12.96 -34.80
N ILE G 136 -17.88 13.58 -33.70
CA ILE G 136 -18.88 12.98 -32.86
C ILE G 136 -19.96 14.01 -32.58
N ASN G 137 -21.18 13.71 -33.04
CA ASN G 137 -22.31 14.59 -32.82
C ASN G 137 -23.31 13.94 -31.87
N ALA G 138 -24.15 14.77 -31.27
CA ALA G 138 -25.15 14.29 -30.33
C ALA G 138 -26.37 13.83 -31.13
N ASP G 139 -27.25 13.05 -30.49
CA ASP G 139 -28.44 12.58 -31.19
C ASP G 139 -29.25 13.78 -31.64
N GLY G 140 -29.50 13.85 -32.93
CA GLY G 140 -30.22 14.98 -33.48
C GLY G 140 -29.37 15.69 -34.52
N ILE G 141 -28.17 16.12 -34.12
CA ILE G 141 -27.27 16.80 -35.06
C ILE G 141 -26.73 15.72 -35.98
N GLY G 142 -26.98 15.88 -37.28
CA GLY G 142 -26.54 14.89 -38.23
C GLY G 142 -25.13 15.06 -38.74
N ARG G 143 -24.56 13.93 -39.18
CA ARG G 143 -23.22 13.90 -39.72
C ARG G 143 -23.37 14.00 -41.24
N ASP G 144 -22.73 14.98 -41.86
CA ASP G 144 -22.84 15.14 -43.30
C ASP G 144 -21.91 14.19 -44.04
N ALA G 145 -22.49 13.16 -44.65
CA ALA G 145 -21.69 12.17 -45.36
C ALA G 145 -20.94 12.71 -46.56
N SER G 146 -21.41 13.82 -47.14
CA SER G 146 -20.73 14.39 -48.29
C SER G 146 -19.33 14.91 -47.97
N THR G 147 -19.18 15.61 -46.84
CA THR G 147 -17.88 16.16 -46.45
C THR G 147 -16.82 15.10 -46.23
N LEU G 148 -17.20 13.85 -46.40
CA LEU G 148 -16.31 12.72 -46.23
C LEU G 148 -15.26 12.63 -47.34
N ILE G 149 -15.73 12.60 -48.59
CA ILE G 149 -14.82 12.49 -49.70
C ILE G 149 -13.79 13.59 -49.68
N ASN G 150 -14.17 14.75 -49.15
CA ASN G 150 -13.24 15.87 -49.07
C ASN G 150 -12.15 15.58 -48.05
N LYS G 151 -12.57 15.17 -46.86
CA LYS G 151 -11.64 14.87 -45.78
C LYS G 151 -10.65 13.79 -46.18
N VAL G 152 -11.14 12.69 -46.72
CA VAL G 152 -10.25 11.60 -47.10
C VAL G 152 -9.27 12.06 -48.17
N LYS G 153 -9.73 12.92 -49.08
CA LYS G 153 -8.84 13.43 -50.11
C LYS G 153 -7.77 14.27 -49.43
N ALA G 154 -8.22 15.24 -48.63
CA ALA G 154 -7.30 16.11 -47.90
C ALA G 154 -6.32 15.25 -47.11
N ALA G 155 -6.85 14.25 -46.43
CA ALA G 155 -6.02 13.35 -45.63
C ALA G 155 -4.98 12.69 -46.53
N GLN G 156 -5.43 12.19 -47.67
CA GLN G 156 -4.54 11.52 -48.61
C GLN G 156 -3.53 12.46 -49.22
N TYR G 157 -3.92 13.71 -49.48
CA TYR G 157 -2.99 14.67 -50.07
C TYR G 157 -1.83 14.85 -49.11
N VAL G 158 -2.15 15.33 -47.91
CA VAL G 158 -1.17 15.56 -46.86
C VAL G 158 -0.32 14.33 -46.59
N ARG G 159 -0.89 13.17 -46.88
CA ARG G 159 -0.21 11.89 -46.67
C ARG G 159 1.13 11.84 -47.40
N GLU G 160 1.14 12.25 -48.66
CA GLU G 160 2.38 12.24 -49.41
C GLU G 160 2.83 13.64 -49.81
N ASN G 161 2.39 14.63 -49.03
CA ASN G 161 2.75 16.02 -49.28
C ASN G 161 2.87 16.76 -47.95
N PRO G 162 3.73 16.25 -47.04
CA PRO G 162 3.94 16.85 -45.73
C PRO G 162 4.33 18.33 -45.78
N GLY G 163 3.77 19.12 -44.87
CA GLY G 163 4.07 20.54 -44.81
C GLY G 163 3.46 21.39 -45.91
N GLU G 164 3.14 20.77 -47.04
CA GLU G 164 2.55 21.51 -48.15
C GLU G 164 1.16 22.03 -47.84
N VAL G 165 0.75 21.91 -46.57
CA VAL G 165 -0.56 22.40 -46.17
C VAL G 165 -0.48 23.92 -45.95
N CYS G 166 -0.03 24.61 -47.00
CA CYS G 166 0.12 26.06 -46.99
C CYS G 166 1.41 26.47 -46.28
N SER H 1 -16.26 9.77 -24.61
CA SER H 1 -16.11 11.10 -25.26
C SER H 1 -16.82 12.18 -24.46
N LEU H 2 -16.38 13.42 -24.65
CA LEU H 2 -16.97 14.56 -23.95
C LEU H 2 -18.34 14.93 -24.48
N ILE H 3 -18.82 14.20 -25.48
CA ILE H 3 -20.12 14.52 -26.03
C ILE H 3 -21.18 14.36 -24.94
N GLY H 4 -21.96 15.41 -24.75
CA GLY H 4 -22.99 15.38 -23.73
C GLY H 4 -22.53 15.77 -22.34
N THR H 5 -21.24 16.06 -22.18
CA THR H 5 -20.74 16.45 -20.86
C THR H 5 -20.84 17.97 -20.74
N GLU H 6 -20.65 18.45 -19.51
CA GLU H 6 -20.75 19.86 -19.23
C GLU H 6 -19.37 20.53 -19.17
N VAL H 7 -19.25 21.70 -19.79
CA VAL H 7 -18.00 22.45 -19.81
C VAL H 7 -17.50 22.68 -18.39
N GLN H 8 -16.22 22.39 -18.18
CA GLN H 8 -15.54 22.54 -16.90
C GLN H 8 -15.15 24.00 -16.62
N PRO H 9 -15.04 24.35 -15.33
CA PRO H 9 -14.67 25.69 -14.83
C PRO H 9 -13.30 26.16 -15.31
N PHE H 10 -13.23 27.40 -15.80
CA PHE H 10 -11.97 27.96 -16.26
C PHE H 10 -12.03 29.47 -16.26
N ARG H 11 -10.87 30.11 -16.18
CA ARG H 11 -10.79 31.57 -16.17
C ARG H 11 -9.60 31.96 -17.05
N ALA H 12 -9.83 32.74 -18.09
CA ALA H 12 -8.72 33.13 -18.97
C ALA H 12 -8.86 34.50 -19.60
N GLN H 13 -7.73 35.04 -20.06
CA GLN H 13 -7.71 36.35 -20.70
C GLN H 13 -8.05 36.18 -22.17
N ALA H 14 -8.81 37.11 -22.70
CA ALA H 14 -9.18 37.04 -24.10
C ALA H 14 -9.02 38.39 -24.77
N PHE H 15 -8.99 38.37 -26.09
CA PHE H 15 -8.88 39.60 -26.85
C PHE H 15 -9.94 39.57 -27.92
N GLN H 16 -10.51 40.73 -28.22
CA GLN H 16 -11.51 40.82 -29.26
C GLN H 16 -11.42 42.16 -29.96
N SER H 17 -11.35 42.13 -31.29
CA SER H 17 -11.26 43.35 -32.07
C SER H 17 -12.30 44.34 -31.54
N GLY H 18 -11.82 45.40 -30.90
CA GLY H 18 -12.72 46.38 -30.33
C GLY H 18 -12.47 46.53 -28.84
N LYS H 19 -13.11 45.69 -28.04
CA LYS H 19 -12.92 45.75 -26.59
C LYS H 19 -11.47 45.42 -26.28
N ASP H 20 -10.92 46.05 -25.25
CA ASP H 20 -9.55 45.73 -24.88
C ASP H 20 -9.65 44.48 -24.01
N PHE H 21 -8.55 43.74 -23.91
CA PHE H 21 -8.50 42.50 -23.13
C PHE H 21 -9.53 42.40 -22.01
N PHE H 22 -10.12 41.23 -21.86
CA PHE H 22 -11.10 40.97 -20.81
C PHE H 22 -11.11 39.51 -20.38
N GLU H 23 -11.57 39.27 -19.16
CA GLU H 23 -11.60 37.91 -18.65
C GLU H 23 -12.76 37.10 -19.19
N VAL H 24 -12.66 35.78 -19.09
CA VAL H 24 -13.70 34.87 -19.57
C VAL H 24 -13.76 33.63 -18.69
N THR H 25 -14.97 33.15 -18.42
CA THR H 25 -15.13 31.95 -17.60
C THR H 25 -16.12 30.98 -18.23
N GLU H 26 -16.30 29.81 -17.61
CA GLU H 26 -17.23 28.83 -18.16
C GLU H 26 -18.63 29.44 -18.26
N ALA H 27 -18.85 30.46 -17.45
CA ALA H 27 -20.13 31.15 -17.42
C ALA H 27 -20.46 31.78 -18.78
N ASP H 28 -19.45 32.28 -19.49
CA ASP H 28 -19.68 32.89 -20.80
C ASP H 28 -20.05 31.86 -21.88
N LEU H 29 -19.99 30.58 -21.54
CA LEU H 29 -20.33 29.51 -22.48
C LEU H 29 -21.72 28.95 -22.19
N LYS H 30 -22.32 29.45 -21.12
CA LYS H 30 -23.65 29.03 -20.73
C LYS H 30 -24.67 30.10 -21.16
N GLY H 31 -25.94 29.69 -21.26
CA GLY H 31 -27.00 30.60 -21.63
C GLY H 31 -27.07 30.93 -23.11
N LYS H 32 -25.97 30.72 -23.81
CA LYS H 32 -25.94 31.03 -25.23
C LYS H 32 -25.32 29.88 -26.02
N TRP H 33 -25.64 29.81 -27.30
CA TRP H 33 -25.05 28.78 -28.14
C TRP H 33 -23.66 29.28 -28.47
N SER H 34 -22.66 28.64 -27.85
CA SER H 34 -21.28 29.01 -28.08
C SER H 34 -20.58 27.90 -28.87
N ILE H 35 -19.67 28.29 -29.75
CA ILE H 35 -18.92 27.36 -30.56
C ILE H 35 -17.45 27.76 -30.48
N VAL H 36 -16.66 26.94 -29.80
CA VAL H 36 -15.24 27.20 -29.62
C VAL H 36 -14.34 26.36 -30.53
N VAL H 37 -13.41 27.03 -31.19
CA VAL H 37 -12.50 26.36 -32.10
C VAL H 37 -11.03 26.51 -31.64
N PHE H 38 -10.37 25.36 -31.51
CA PHE H 38 -8.99 25.28 -31.09
C PHE H 38 -8.06 25.21 -32.30
N TYR H 39 -6.84 25.71 -32.17
CA TYR H 39 -5.85 25.66 -33.24
C TYR H 39 -4.46 25.63 -32.63
N PRO H 40 -3.48 25.03 -33.33
CA PRO H 40 -2.09 24.88 -32.92
C PRO H 40 -1.44 26.10 -32.30
N ALA H 41 -0.99 27.03 -33.15
CA ALA H 41 -0.32 28.23 -32.67
C ALA H 41 -0.49 29.44 -33.57
N ASP H 42 -0.44 30.63 -32.97
CA ASP H 42 -0.55 31.90 -33.68
C ASP H 42 0.74 32.06 -34.43
N PHE H 43 0.75 32.91 -35.46
CA PHE H 43 1.93 33.16 -36.27
C PHE H 43 2.55 31.87 -36.83
N SER H 44 1.77 30.80 -36.86
CA SER H 44 2.22 29.50 -37.36
C SER H 44 2.44 29.59 -38.88
N PHE H 45 3.05 28.56 -39.45
CA PHE H 45 3.29 28.57 -40.89
C PHE H 45 2.02 28.28 -41.69
N VAL H 46 1.18 27.38 -41.18
CA VAL H 46 -0.07 27.05 -41.86
C VAL H 46 -0.96 28.30 -41.94
N CYS H 47 -1.59 28.50 -43.10
CA CYS H 47 -2.45 29.66 -43.31
C CYS H 47 -3.70 29.61 -42.42
N PRO H 48 -4.03 30.74 -41.80
CA PRO H 48 -5.16 30.93 -40.89
C PRO H 48 -6.52 30.76 -41.56
N THR H 49 -6.53 30.03 -42.67
CA THR H 49 -7.75 29.82 -43.40
C THR H 49 -8.92 29.44 -42.49
N GLU H 50 -8.77 28.33 -41.77
CA GLU H 50 -9.81 27.87 -40.86
C GLU H 50 -10.41 29.01 -40.03
N LEU H 51 -9.55 29.76 -39.35
CA LEU H 51 -10.01 30.87 -38.51
C LEU H 51 -10.86 31.88 -39.26
N GLU H 52 -10.41 32.33 -40.42
CA GLU H 52 -11.16 33.32 -41.18
C GLU H 52 -12.42 32.77 -41.85
N ASP H 53 -12.39 31.51 -42.26
CA ASP H 53 -13.57 30.90 -42.84
C ASP H 53 -14.69 31.11 -41.84
N VAL H 54 -14.36 30.90 -40.57
CA VAL H 54 -15.33 31.06 -39.51
C VAL H 54 -15.76 32.52 -39.39
N GLN H 55 -14.84 33.44 -39.67
CA GLN H 55 -15.16 34.87 -39.61
C GLN H 55 -16.28 35.16 -40.58
N LYS H 56 -16.17 34.60 -41.78
CA LYS H 56 -17.21 34.81 -42.79
C LYS H 56 -18.56 34.36 -42.25
N GLU H 57 -18.62 33.11 -41.79
CA GLU H 57 -19.84 32.56 -41.22
C GLU H 57 -20.29 33.29 -39.95
N TYR H 58 -19.41 34.11 -39.38
CA TYR H 58 -19.71 34.82 -38.13
C TYR H 58 -20.97 35.66 -38.20
N ALA H 59 -21.08 36.44 -39.27
CA ALA H 59 -22.22 37.30 -39.47
C ALA H 59 -23.50 36.54 -39.13
N GLU H 60 -23.76 35.49 -39.90
CA GLU H 60 -24.95 34.69 -39.72
C GLU H 60 -25.03 33.96 -38.39
N LEU H 61 -23.93 33.38 -37.94
CA LEU H 61 -23.92 32.69 -36.67
C LEU H 61 -24.43 33.57 -35.54
N LYS H 62 -24.09 34.85 -35.59
CA LYS H 62 -24.54 35.75 -34.55
C LYS H 62 -26.06 35.89 -34.60
N LYS H 63 -26.61 35.86 -35.81
CA LYS H 63 -28.06 35.96 -35.99
C LYS H 63 -28.72 34.81 -35.25
N LEU H 64 -28.11 33.64 -35.30
CA LEU H 64 -28.64 32.45 -34.65
C LEU H 64 -28.41 32.47 -33.14
N GLY H 65 -27.88 33.58 -32.62
CA GLY H 65 -27.62 33.68 -31.19
C GLY H 65 -26.46 32.82 -30.76
N VAL H 66 -25.47 32.72 -31.64
CA VAL H 66 -24.27 31.92 -31.39
C VAL H 66 -23.03 32.80 -31.22
N GLU H 67 -22.16 32.44 -30.28
CA GLU H 67 -20.94 33.20 -30.08
C GLU H 67 -19.77 32.31 -30.47
N VAL H 68 -18.69 32.92 -30.97
CA VAL H 68 -17.51 32.19 -31.41
C VAL H 68 -16.24 32.49 -30.62
N TYR H 69 -15.55 31.44 -30.19
CA TYR H 69 -14.30 31.58 -29.43
C TYR H 69 -13.18 30.78 -30.06
N SER H 70 -12.05 31.44 -30.30
CA SER H 70 -10.90 30.73 -30.85
C SER H 70 -9.95 30.52 -29.67
N VAL H 71 -9.27 29.38 -29.65
CA VAL H 71 -8.35 29.10 -28.57
C VAL H 71 -7.07 28.42 -28.99
N SER H 72 -5.97 28.87 -28.40
CA SER H 72 -4.64 28.32 -28.66
C SER H 72 -3.91 28.54 -27.34
N THR H 73 -2.86 27.77 -27.09
CA THR H 73 -2.12 27.94 -25.86
C THR H 73 -1.25 29.22 -25.85
N ASP H 74 -1.49 30.12 -26.81
CA ASP H 74 -0.74 31.38 -26.89
C ASP H 74 -1.34 32.37 -25.87
N THR H 75 -0.58 33.42 -25.52
CA THR H 75 -1.08 34.42 -24.58
C THR H 75 -1.98 35.39 -25.34
N HIS H 76 -2.93 36.01 -24.65
CA HIS H 76 -3.82 36.94 -25.34
C HIS H 76 -3.03 38.06 -25.96
N PHE H 77 -1.83 38.28 -25.45
CA PHE H 77 -0.97 39.32 -25.98
C PHE H 77 -0.66 39.03 -27.43
N VAL H 78 -0.16 37.83 -27.71
CA VAL H 78 0.17 37.46 -29.07
C VAL H 78 -1.08 37.38 -29.96
N HIS H 79 -2.23 37.08 -29.38
CA HIS H 79 -3.45 37.02 -30.18
C HIS H 79 -3.66 38.40 -30.77
N LYS H 80 -3.52 39.42 -29.93
CA LYS H 80 -3.71 40.78 -30.40
C LYS H 80 -2.64 41.12 -31.42
N ALA H 81 -1.38 40.82 -31.11
CA ALA H 81 -0.28 41.09 -32.01
C ALA H 81 -0.61 40.49 -33.37
N TRP H 82 -0.91 39.20 -33.37
CA TRP H 82 -1.25 38.48 -34.59
C TRP H 82 -2.38 39.20 -35.33
N HIS H 83 -3.42 39.55 -34.58
CA HIS H 83 -4.59 40.22 -35.12
C HIS H 83 -4.24 41.51 -35.85
N GLU H 84 -3.27 42.25 -35.32
CA GLU H 84 -2.87 43.50 -35.94
C GLU H 84 -1.87 43.31 -37.08
N ASN H 85 -0.79 42.59 -36.82
CA ASN H 85 0.24 42.38 -37.83
C ASN H 85 -0.05 41.32 -38.88
N SER H 86 -1.32 41.22 -39.27
CA SER H 86 -1.74 40.27 -40.30
C SER H 86 -3.14 40.60 -40.80
N PRO H 87 -3.27 40.81 -42.10
CA PRO H 87 -4.55 41.13 -42.74
C PRO H 87 -5.59 40.04 -42.52
N ALA H 88 -5.18 38.80 -42.80
CA ALA H 88 -6.05 37.64 -42.68
C ALA H 88 -6.71 37.54 -41.32
N VAL H 89 -5.92 37.28 -40.29
CA VAL H 89 -6.44 37.14 -38.95
C VAL H 89 -7.03 38.44 -38.43
N GLY H 90 -6.68 39.55 -39.08
CA GLY H 90 -7.19 40.86 -38.67
C GLY H 90 -8.67 41.06 -38.93
N SER H 91 -9.23 40.20 -39.76
CA SER H 91 -10.65 40.28 -40.13
C SER H 91 -11.52 39.65 -39.05
N ILE H 92 -10.89 38.93 -38.14
CA ILE H 92 -11.61 38.24 -37.07
C ILE H 92 -12.26 39.18 -36.06
N GLU H 93 -13.56 39.02 -35.89
CA GLU H 93 -14.29 39.84 -34.96
C GLU H 93 -14.68 39.12 -33.68
N TYR H 94 -14.70 37.78 -33.73
CA TYR H 94 -15.08 37.01 -32.54
C TYR H 94 -13.98 36.99 -31.48
N ILE H 95 -14.29 36.38 -30.34
CA ILE H 95 -13.38 36.29 -29.20
C ILE H 95 -12.17 35.39 -29.42
N MET H 96 -11.01 35.84 -28.95
CA MET H 96 -9.78 35.05 -29.06
C MET H 96 -9.21 34.82 -27.65
N ILE H 97 -9.45 33.64 -27.12
CA ILE H 97 -8.97 33.29 -25.78
C ILE H 97 -7.54 32.79 -25.81
N GLY H 98 -6.80 33.10 -24.75
CA GLY H 98 -5.42 32.66 -24.66
C GLY H 98 -5.33 31.59 -23.57
N ASP H 99 -4.71 30.46 -23.88
CA ASP H 99 -4.62 29.38 -22.90
C ASP H 99 -3.18 28.96 -22.59
N PRO H 100 -2.37 29.90 -22.09
CA PRO H 100 -0.98 29.61 -21.77
C PRO H 100 -0.82 28.61 -20.63
N SER H 101 -1.83 28.54 -19.76
CA SER H 101 -1.79 27.61 -18.64
C SER H 101 -2.13 26.21 -19.14
N GLN H 102 -2.68 26.17 -20.36
CA GLN H 102 -3.08 24.91 -21.00
C GLN H 102 -4.31 24.28 -20.36
N THR H 103 -4.80 24.85 -19.28
CA THR H 103 -5.96 24.29 -18.58
C THR H 103 -7.22 24.10 -19.40
N ILE H 104 -7.61 25.08 -20.22
CA ILE H 104 -8.83 24.87 -20.97
C ILE H 104 -8.62 23.92 -22.14
N SER H 105 -7.42 23.89 -22.71
CA SER H 105 -7.13 22.96 -23.81
C SER H 105 -7.12 21.56 -23.26
N ARG H 106 -6.60 21.43 -22.04
CA ARG H 106 -6.54 20.15 -21.38
C ARG H 106 -7.94 19.67 -20.98
N GLN H 107 -8.80 20.58 -20.54
CA GLN H 107 -10.14 20.19 -20.12
C GLN H 107 -11.02 19.69 -21.28
N PHE H 108 -10.75 20.18 -22.48
CA PHE H 108 -11.49 19.75 -23.65
C PHE H 108 -10.79 18.55 -24.26
N ASP H 109 -9.80 18.03 -23.53
CA ASP H 109 -9.02 16.87 -23.99
C ASP H 109 -8.62 17.09 -25.44
N VAL H 110 -7.87 18.16 -25.67
CA VAL H 110 -7.47 18.50 -27.02
C VAL H 110 -6.02 19.03 -26.99
N LEU H 111 -5.38 18.89 -25.84
CA LEU H 111 -4.01 19.37 -25.68
C LEU H 111 -3.02 18.27 -25.97
N ASN H 112 -2.04 18.56 -26.82
CA ASN H 112 -1.01 17.59 -27.13
C ASN H 112 0.07 17.75 -26.08
N GLU H 113 0.05 16.86 -25.09
CA GLU H 113 1.00 16.88 -24.00
C GLU H 113 2.44 17.25 -24.35
N GLU H 114 3.05 16.57 -25.31
CA GLU H 114 4.45 16.85 -25.60
C GLU H 114 4.79 18.10 -26.43
N THR H 115 3.89 18.59 -27.26
CA THR H 115 4.22 19.79 -28.02
C THR H 115 3.74 21.02 -27.28
N GLY H 116 2.78 20.84 -26.38
CA GLY H 116 2.24 21.96 -25.62
C GLY H 116 1.29 22.80 -26.43
N LEU H 117 0.77 22.24 -27.53
CA LEU H 117 -0.17 22.93 -28.39
C LEU H 117 -1.52 22.20 -28.46
N ALA H 118 -2.53 22.90 -28.94
CA ALA H 118 -3.87 22.32 -29.05
C ALA H 118 -4.07 21.64 -30.41
N ASP H 119 -5.04 20.74 -30.48
CA ASP H 119 -5.35 20.04 -31.72
C ASP H 119 -6.41 20.83 -32.47
N ARG H 120 -6.58 20.54 -33.74
CA ARG H 120 -7.60 21.25 -34.52
C ARG H 120 -8.97 20.66 -34.17
N GLY H 121 -9.55 21.14 -33.08
CA GLY H 121 -10.84 20.66 -32.67
C GLY H 121 -11.85 21.78 -32.55
N THR H 122 -13.10 21.51 -32.93
CA THR H 122 -14.17 22.50 -32.84
C THR H 122 -15.31 21.89 -32.04
N PHE H 123 -15.80 22.62 -31.05
CA PHE H 123 -16.89 22.15 -30.21
C PHE H 123 -18.08 23.09 -30.33
N ILE H 124 -19.28 22.53 -30.19
CA ILE H 124 -20.53 23.26 -30.23
C ILE H 124 -21.15 23.07 -28.85
N ILE H 125 -21.43 24.16 -28.14
CA ILE H 125 -22.02 24.05 -26.79
C ILE H 125 -23.40 24.69 -26.66
N ASP H 126 -24.36 23.92 -26.13
CA ASP H 126 -25.71 24.43 -25.94
C ASP H 126 -25.75 25.42 -24.78
N PRO H 127 -26.80 26.25 -24.70
CA PRO H 127 -26.95 27.25 -23.64
C PRO H 127 -26.84 26.70 -22.23
N ASP H 128 -26.75 25.38 -22.10
CA ASP H 128 -26.62 24.81 -20.76
C ASP H 128 -25.17 24.47 -20.45
N GLY H 129 -24.27 24.71 -21.40
CA GLY H 129 -22.87 24.42 -21.19
C GLY H 129 -22.53 22.96 -21.46
N VAL H 130 -23.34 22.31 -22.29
CA VAL H 130 -23.11 20.92 -22.62
C VAL H 130 -22.60 20.80 -24.05
N ILE H 131 -21.62 19.93 -24.25
CA ILE H 131 -21.02 19.72 -25.56
C ILE H 131 -21.94 18.87 -26.42
N GLN H 132 -22.39 19.41 -27.55
CA GLN H 132 -23.29 18.69 -28.44
C GLN H 132 -22.66 18.22 -29.74
N ALA H 133 -21.48 18.73 -30.05
CA ALA H 133 -20.79 18.34 -31.27
C ALA H 133 -19.27 18.47 -31.11
N ILE H 134 -18.55 17.48 -31.63
CA ILE H 134 -17.09 17.46 -31.56
C ILE H 134 -16.51 17.11 -32.91
N GLU H 135 -15.53 17.89 -33.35
CA GLU H 135 -14.84 17.62 -34.61
C GLU H 135 -13.37 17.93 -34.44
N ILE H 136 -12.54 16.90 -34.55
CA ILE H 136 -11.10 17.05 -34.41
C ILE H 136 -10.40 16.45 -35.61
N ASN H 137 -9.75 17.30 -36.40
CA ASN H 137 -9.01 16.87 -37.57
C ASN H 137 -7.52 16.99 -37.34
N ALA H 138 -6.74 16.23 -38.10
CA ALA H 138 -5.29 16.26 -37.99
C ALA H 138 -4.78 17.43 -38.84
N ASP H 139 -3.52 17.84 -38.62
CA ASP H 139 -2.95 18.94 -39.38
C ASP H 139 -2.99 18.58 -40.85
N GLY H 140 -3.64 19.41 -41.65
CA GLY H 140 -3.76 19.15 -43.06
C GLY H 140 -5.22 19.03 -43.45
N ILE H 141 -5.94 18.14 -42.79
CA ILE H 141 -7.36 17.95 -43.05
C ILE H 141 -8.07 19.17 -42.50
N GLY H 142 -8.74 19.93 -43.37
CA GLY H 142 -9.42 21.12 -42.91
C GLY H 142 -10.81 20.93 -42.34
N ARG H 143 -11.20 21.86 -41.49
CA ARG H 143 -12.53 21.85 -40.89
C ARG H 143 -13.40 22.78 -41.74
N ASP H 144 -14.51 22.26 -42.24
CA ASP H 144 -15.41 23.03 -43.09
C ASP H 144 -16.29 23.97 -42.26
N ALA H 145 -15.96 25.26 -42.28
CA ALA H 145 -16.70 26.26 -41.52
C ALA H 145 -18.17 26.38 -41.90
N SER H 146 -18.50 26.04 -43.15
CA SER H 146 -19.89 26.15 -43.62
C SER H 146 -20.84 25.18 -42.92
N THR H 147 -20.41 23.93 -42.76
CA THR H 147 -21.26 22.94 -42.11
C THR H 147 -21.60 23.29 -40.66
N LEU H 148 -21.11 24.44 -40.19
CA LEU H 148 -21.39 24.86 -38.82
C LEU H 148 -22.80 25.37 -38.65
N ILE H 149 -23.23 26.28 -39.52
CA ILE H 149 -24.58 26.82 -39.42
C ILE H 149 -25.62 25.70 -39.41
N ASN H 150 -25.34 24.64 -40.15
CA ASN H 150 -26.25 23.51 -40.22
C ASN H 150 -26.31 22.78 -38.88
N LYS H 151 -25.14 22.47 -38.35
CA LYS H 151 -25.03 21.76 -37.09
C LYS H 151 -25.72 22.52 -35.95
N VAL H 152 -25.44 23.82 -35.84
CA VAL H 152 -26.05 24.62 -34.77
C VAL H 152 -27.56 24.65 -34.94
N LYS H 153 -28.04 24.72 -36.18
CA LYS H 153 -29.47 24.73 -36.43
C LYS H 153 -30.04 23.41 -35.97
N ALA H 154 -29.48 22.32 -36.48
CA ALA H 154 -29.91 20.98 -36.11
C ALA H 154 -29.89 20.84 -34.59
N ALA H 155 -28.81 21.31 -33.97
CA ALA H 155 -28.67 21.24 -32.52
C ALA H 155 -29.82 22.01 -31.87
N GLN H 156 -30.08 23.21 -32.38
CA GLN H 156 -31.15 24.06 -31.87
C GLN H 156 -32.52 23.45 -32.08
N TYR H 157 -32.72 22.82 -33.23
CA TYR H 157 -34.00 22.20 -33.52
C TYR H 157 -34.30 21.15 -32.46
N VAL H 158 -33.45 20.13 -32.40
CA VAL H 158 -33.61 19.04 -31.45
C VAL H 158 -33.70 19.55 -30.02
N ARG H 159 -33.16 20.75 -29.79
CA ARG H 159 -33.16 21.37 -28.47
C ARG H 159 -34.58 21.49 -27.92
N GLU H 160 -35.51 21.95 -28.76
CA GLU H 160 -36.89 22.11 -28.35
C GLU H 160 -37.83 21.19 -29.11
N ASN H 161 -37.29 20.11 -29.65
CA ASN H 161 -38.07 19.15 -30.41
C ASN H 161 -37.52 17.74 -30.16
N PRO H 162 -37.45 17.33 -28.89
CA PRO H 162 -36.94 16.00 -28.51
C PRO H 162 -37.62 14.84 -29.24
N GLY H 163 -36.83 13.85 -29.66
CA GLY H 163 -37.39 12.68 -30.34
C GLY H 163 -37.85 12.91 -31.76
N GLU H 164 -38.17 14.15 -32.10
CA GLU H 164 -38.65 14.48 -33.44
C GLU H 164 -37.57 14.26 -34.50
N VAL H 165 -36.45 13.68 -34.08
CA VAL H 165 -35.35 13.42 -35.01
C VAL H 165 -35.69 12.18 -35.82
N CYS H 166 -36.86 12.21 -36.43
CA CYS H 166 -37.37 11.10 -37.25
C CYS H 166 -37.95 9.98 -36.40
N SER I 1 18.47 24.21 -3.67
CA SER I 1 18.61 25.10 -4.86
C SER I 1 19.33 24.37 -5.98
N LEU I 2 19.07 24.79 -7.22
CA LEU I 2 19.72 24.15 -8.36
C LEU I 2 21.16 24.60 -8.52
N ILE I 3 21.63 25.42 -7.59
CA ILE I 3 23.01 25.89 -7.66
C ILE I 3 23.94 24.68 -7.58
N GLY I 4 24.83 24.56 -8.56
CA GLY I 4 25.75 23.44 -8.58
C GLY I 4 25.21 22.18 -9.24
N THR I 5 23.96 22.20 -9.67
CA THR I 5 23.40 21.03 -10.32
C THR I 5 23.67 21.12 -11.81
N GLU I 6 23.42 20.00 -12.51
CA GLU I 6 23.64 19.92 -13.95
C GLU I 6 22.36 20.10 -14.74
N VAL I 7 22.44 20.92 -15.78
CA VAL I 7 21.31 21.18 -16.65
C VAL I 7 20.68 19.89 -17.16
N GLN I 8 19.36 19.77 -17.04
CA GLN I 8 18.68 18.58 -17.51
C GLN I 8 18.38 18.57 -19.00
N PRO I 9 18.23 17.37 -19.60
CA PRO I 9 17.96 17.14 -21.02
C PRO I 9 16.70 17.82 -21.52
N PHE I 10 16.82 18.48 -22.67
CA PHE I 10 15.70 19.16 -23.28
C PHE I 10 15.95 19.37 -24.77
N ARG I 11 14.87 19.50 -25.55
CA ARG I 11 14.95 19.69 -26.99
C ARG I 11 13.90 20.74 -27.34
N ALA I 12 14.32 21.87 -27.93
CA ALA I 12 13.36 22.92 -28.26
C ALA I 12 13.72 23.72 -29.50
N GLN I 13 12.71 24.38 -30.07
CA GLN I 13 12.90 25.20 -31.25
C GLN I 13 13.35 26.59 -30.83
N ALA I 14 14.27 27.15 -31.59
CA ALA I 14 14.76 28.48 -31.27
C ALA I 14 14.84 29.35 -32.52
N PHE I 15 14.92 30.65 -32.29
CA PHE I 15 15.01 31.60 -33.37
C PHE I 15 16.17 32.53 -33.07
N GLN I 16 16.89 32.94 -34.10
CA GLN I 16 18.00 33.85 -33.91
C GLN I 16 18.14 34.75 -35.13
N SER I 17 18.16 36.05 -34.90
CA SER I 17 18.30 37.00 -35.99
C SER I 17 19.38 36.52 -36.93
N GLY I 18 18.99 36.10 -38.13
CA GLY I 18 19.95 35.59 -39.09
C GLY I 18 19.59 34.17 -39.48
N LYS I 19 20.05 33.19 -38.70
CA LYS I 19 19.74 31.79 -38.98
C LYS I 19 18.23 31.60 -38.87
N ASP I 20 17.67 30.75 -39.71
CA ASP I 20 16.25 30.50 -39.62
C ASP I 20 16.11 29.44 -38.53
N PHE I 21 14.92 29.34 -37.93
CA PHE I 21 14.63 28.37 -36.88
C PHE I 21 15.55 27.16 -36.83
N PHE I 22 15.96 26.77 -35.63
CA PHE I 22 16.81 25.61 -35.44
C PHE I 22 16.60 24.98 -34.07
N GLU I 23 16.93 23.70 -33.96
CA GLU I 23 16.75 22.96 -32.72
C GLU I 23 17.86 23.26 -31.72
N VAL I 24 17.59 23.02 -30.43
CA VAL I 24 18.55 23.26 -29.36
C VAL I 24 18.38 22.19 -28.28
N THR I 25 19.49 21.74 -27.72
CA THR I 25 19.43 20.69 -26.70
C THR I 25 20.28 21.06 -25.51
N GLU I 26 20.16 20.29 -24.44
CA GLU I 26 20.96 20.59 -23.27
C GLU I 26 22.42 20.51 -23.64
N ALA I 27 22.70 19.95 -24.80
CA ALA I 27 24.08 19.83 -25.25
C ALA I 27 24.64 21.15 -25.80
N ASP I 28 23.77 22.03 -26.30
CA ASP I 28 24.26 23.31 -26.80
C ASP I 28 24.71 24.11 -25.59
N LEU I 29 24.34 23.62 -24.40
CA LEU I 29 24.70 24.29 -23.17
C LEU I 29 25.98 23.77 -22.57
N LYS I 30 26.47 22.66 -23.10
CA LYS I 30 27.72 22.10 -22.62
C LYS I 30 28.84 22.52 -23.57
N GLY I 31 30.03 22.76 -23.02
CA GLY I 31 31.17 23.16 -23.83
C GLY I 31 31.45 24.65 -23.89
N LYS I 32 30.53 25.46 -23.37
CA LYS I 32 30.71 26.90 -23.40
C LYS I 32 30.02 27.55 -22.22
N TRP I 33 30.43 28.77 -21.91
CA TRP I 33 29.81 29.50 -20.83
C TRP I 33 28.53 30.05 -21.43
N SER I 34 27.41 29.49 -21.00
CA SER I 34 26.12 29.93 -21.48
C SER I 34 25.36 30.60 -20.33
N ILE I 35 24.57 31.61 -20.67
CA ILE I 35 23.77 32.35 -19.71
C ILE I 35 22.35 32.50 -20.27
N VAL I 36 21.41 31.79 -19.66
CA VAL I 36 20.02 31.77 -20.09
C VAL I 36 19.12 32.67 -19.24
N VAL I 37 18.35 33.53 -19.89
CA VAL I 37 17.46 34.41 -19.15
C VAL I 37 16.01 34.12 -19.53
N PHE I 38 15.18 33.90 -18.51
CA PHE I 38 13.76 33.63 -18.66
C PHE I 38 12.96 34.93 -18.49
N TYR I 39 11.81 35.02 -19.14
CA TYR I 39 10.93 36.17 -19.01
C TYR I 39 9.49 35.72 -19.23
N PRO I 40 8.53 36.43 -18.62
CA PRO I 40 7.10 36.16 -18.68
C PRO I 40 6.54 35.81 -20.04
N ALA I 41 6.28 36.82 -20.87
CA ALA I 41 5.70 36.60 -22.18
C ALA I 41 6.11 37.64 -23.22
N ASP I 42 6.15 37.21 -24.49
CA ASP I 42 6.50 38.11 -25.59
C ASP I 42 5.29 39.02 -25.77
N PHE I 43 5.49 40.14 -26.46
CA PHE I 43 4.42 41.11 -26.69
C PHE I 43 3.70 41.54 -25.41
N SER I 44 4.36 41.33 -24.26
CA SER I 44 3.79 41.69 -22.96
C SER I 44 3.73 43.21 -22.85
N PHE I 45 3.06 43.70 -21.80
CA PHE I 45 2.94 45.14 -21.58
C PHE I 45 4.25 45.74 -21.09
N VAL I 46 4.91 45.01 -20.19
CA VAL I 46 6.18 45.45 -19.63
C VAL I 46 7.21 45.64 -20.74
N CYS I 47 7.96 46.74 -20.67
CA CYS I 47 8.99 47.05 -21.66
C CYS I 47 10.13 46.03 -21.64
N PRO I 48 10.52 45.52 -22.82
CA PRO I 48 11.58 44.53 -23.02
C PRO I 48 12.96 45.02 -22.61
N THR I 49 12.99 46.01 -21.73
CA THR I 49 14.24 46.58 -21.24
C THR I 49 15.25 45.49 -20.93
N GLU I 50 14.91 44.62 -19.98
CA GLU I 50 15.78 43.52 -19.58
C GLU I 50 16.45 42.83 -20.74
N LEU I 51 15.65 42.34 -21.68
CA LEU I 51 16.18 41.64 -22.85
C LEU I 51 17.20 42.43 -23.64
N GLU I 52 16.91 43.69 -23.93
CA GLU I 52 17.85 44.51 -24.71
C GLU I 52 19.08 44.94 -23.94
N ASP I 53 18.94 45.17 -22.64
CA ASP I 53 20.10 45.55 -21.85
C ASP I 53 21.12 44.45 -22.07
N VAL I 54 20.64 43.21 -22.10
CA VAL I 54 21.54 42.09 -22.31
C VAL I 54 22.12 42.14 -23.71
N GLN I 55 21.35 42.65 -24.66
CA GLN I 55 21.83 42.73 -26.04
C GLN I 55 23.07 43.61 -26.07
N LYS I 56 23.01 44.71 -25.32
CA LYS I 56 24.11 45.66 -25.22
C LYS I 56 25.36 44.91 -24.78
N GLU I 57 25.24 44.26 -23.63
CA GLU I 57 26.34 43.50 -23.05
C GLU I 57 26.74 42.29 -23.90
N TYR I 58 25.91 41.94 -24.89
CA TYR I 58 26.19 40.76 -25.72
C TYR I 58 27.53 40.82 -26.44
N ALA I 59 27.82 41.99 -27.02
CA ALA I 59 29.09 42.18 -27.74
C ALA I 59 30.24 41.60 -26.90
N GLU I 60 30.42 42.18 -25.71
CA GLU I 60 31.46 41.78 -24.77
C GLU I 60 31.37 40.33 -24.31
N LEU I 61 30.17 39.93 -23.91
CA LEU I 61 29.95 38.57 -23.43
C LEU I 61 30.45 37.53 -24.43
N LYS I 62 30.27 37.81 -25.71
CA LYS I 62 30.73 36.87 -26.72
C LYS I 62 32.25 36.78 -26.69
N LYS I 63 32.91 37.91 -26.41
CA LYS I 63 34.37 37.95 -26.32
C LYS I 63 34.83 36.97 -25.25
N LEU I 64 34.09 36.92 -24.15
CA LEU I 64 34.41 36.02 -23.04
C LEU I 64 34.03 34.58 -23.33
N GLY I 65 33.58 34.31 -24.55
CA GLY I 65 33.20 32.95 -24.90
C GLY I 65 31.91 32.53 -24.23
N VAL I 66 31.01 33.49 -24.10
CA VAL I 66 29.72 33.25 -23.48
C VAL I 66 28.59 33.34 -24.52
N GLU I 67 27.59 32.46 -24.40
CA GLU I 67 26.45 32.47 -25.31
C GLU I 67 25.23 32.88 -24.50
N VAL I 68 24.28 33.55 -25.15
CA VAL I 68 23.08 34.02 -24.46
C VAL I 68 21.80 33.42 -25.02
N TYR I 69 20.93 32.93 -24.13
CA TYR I 69 19.64 32.34 -24.51
C TYR I 69 18.47 32.96 -23.75
N SER I 70 17.45 33.43 -24.48
CA SER I 70 16.29 34.02 -23.83
C SER I 70 15.23 32.93 -23.90
N VAL I 71 14.41 32.83 -22.86
CA VAL I 71 13.39 31.79 -22.84
C VAL I 71 12.07 32.26 -22.25
N SER I 72 10.98 31.88 -22.92
CA SER I 72 9.61 32.19 -22.47
C SER I 72 8.79 31.02 -22.97
N THR I 73 7.62 30.79 -22.37
CA THR I 73 6.79 29.68 -22.82
C THR I 73 6.13 29.96 -24.16
N ASP I 74 6.57 31.01 -24.87
CA ASP I 74 5.98 31.33 -26.16
C ASP I 74 6.58 30.40 -27.22
N THR I 75 5.94 30.32 -28.39
CA THR I 75 6.45 29.48 -29.48
C THR I 75 7.54 30.26 -30.21
N HIS I 76 8.49 29.56 -30.83
CA HIS I 76 9.56 30.26 -31.53
C HIS I 76 8.98 31.12 -32.63
N PHE I 77 7.76 30.79 -33.05
CA PHE I 77 7.09 31.56 -34.09
C PHE I 77 6.88 32.98 -33.61
N VAL I 78 6.28 33.12 -32.43
CA VAL I 78 6.00 34.44 -31.89
C VAL I 78 7.31 35.17 -31.52
N HIS I 79 8.37 34.43 -31.20
CA HIS I 79 9.64 35.08 -30.88
C HIS I 79 10.08 35.84 -32.11
N LYS I 80 9.97 35.18 -33.27
CA LYS I 80 10.34 35.79 -34.52
C LYS I 80 9.44 36.98 -34.79
N ALA I 81 8.14 36.75 -34.69
CA ALA I 81 7.17 37.82 -34.91
C ALA I 81 7.54 39.04 -34.08
N TRP I 82 7.69 38.83 -32.79
CA TRP I 82 8.04 39.91 -31.87
C TRP I 82 9.32 40.58 -32.34
N HIS I 83 10.32 39.77 -32.69
CA HIS I 83 11.61 40.29 -33.14
C HIS I 83 11.49 41.23 -34.32
N GLU I 84 10.56 40.93 -35.21
CA GLU I 84 10.38 41.75 -36.40
C GLU I 84 9.48 42.95 -36.14
N ASN I 85 8.30 42.71 -35.59
CA ASN I 85 7.35 43.80 -35.34
C ASN I 85 7.62 44.64 -34.10
N SER I 86 8.89 44.87 -33.80
CA SER I 86 9.30 45.69 -32.66
C SER I 86 10.76 46.07 -32.77
N PRO I 87 11.05 47.39 -32.74
CA PRO I 87 12.41 47.90 -32.83
C PRO I 87 13.27 47.41 -31.68
N ALA I 88 12.75 47.57 -30.47
CA ALA I 88 13.45 47.18 -29.26
C ALA I 88 13.96 45.75 -29.30
N VAL I 89 13.04 44.79 -29.28
CA VAL I 89 13.42 43.38 -29.29
C VAL I 89 14.12 43.00 -30.61
N GLY I 90 13.97 43.85 -31.63
CA GLY I 90 14.59 43.58 -32.92
C GLY I 90 16.09 43.71 -32.92
N SER I 91 16.64 44.35 -31.89
CA SER I 91 18.08 44.54 -31.79
C SER I 91 18.76 43.31 -31.20
N ILE I 92 17.96 42.36 -30.71
CA ILE I 92 18.49 41.13 -30.12
C ILE I 92 19.14 40.20 -31.13
N GLU I 93 20.40 39.87 -30.86
CA GLU I 93 21.15 39.01 -31.76
C GLU I 93 21.34 37.61 -31.19
N TYR I 94 21.18 37.45 -29.88
CA TYR I 94 21.35 36.13 -29.29
C TYR I 94 20.17 35.21 -29.54
N ILE I 95 20.30 33.96 -29.08
CA ILE I 95 19.28 32.93 -29.26
C ILE I 95 17.98 33.14 -28.49
N MET I 96 16.85 32.86 -29.13
CA MET I 96 15.54 32.99 -28.48
C MET I 96 14.84 31.64 -28.52
N ILE I 97 14.89 30.91 -27.41
CA ILE I 97 14.25 29.61 -27.34
C ILE I 97 12.78 29.72 -27.01
N GLY I 98 11.99 28.80 -27.53
CA GLY I 98 10.57 28.80 -27.26
C GLY I 98 10.24 27.59 -26.40
N ASP I 99 9.52 27.80 -25.31
CA ASP I 99 9.19 26.68 -24.43
C ASP I 99 7.69 26.48 -24.20
N PRO I 100 6.94 26.24 -25.28
CA PRO I 100 5.50 26.03 -25.15
C PRO I 100 5.12 24.76 -24.40
N SER I 101 6.04 23.80 -24.36
CA SER I 101 5.81 22.55 -23.65
C SER I 101 5.99 22.80 -22.18
N GLN I 102 6.65 23.92 -21.85
CA GLN I 102 6.93 24.30 -20.47
C GLN I 102 8.03 23.47 -19.81
N THR I 103 8.52 22.44 -20.50
CA THR I 103 9.52 21.53 -19.95
C THR I 103 10.81 22.19 -19.49
N ILE I 104 11.38 23.10 -20.29
CA ILE I 104 12.61 23.70 -19.85
C ILE I 104 12.42 24.72 -18.74
N SER I 105 11.27 25.41 -18.74
CA SER I 105 10.99 26.39 -17.69
C SER I 105 10.76 25.63 -16.40
N ARG I 106 10.12 24.47 -16.54
CA ARG I 106 9.85 23.61 -15.41
C ARG I 106 11.13 23.01 -14.83
N GLN I 107 12.07 22.64 -15.70
CA GLN I 107 13.32 22.03 -15.25
C GLN I 107 14.22 22.99 -14.49
N PHE I 108 14.14 24.28 -14.82
CA PHE I 108 14.93 25.29 -14.12
C PHE I 108 14.13 25.79 -12.93
N ASP I 109 13.02 25.10 -12.63
CA ASP I 109 12.15 25.44 -11.51
C ASP I 109 11.91 26.94 -11.52
N VAL I 110 11.34 27.41 -12.62
CA VAL I 110 11.09 28.84 -12.78
C VAL I 110 9.72 29.06 -13.46
N LEU I 111 8.96 27.97 -13.56
CA LEU I 111 7.65 28.04 -14.20
C LEU I 111 6.58 28.27 -13.19
N ASN I 112 5.74 29.26 -13.45
CA ASN I 112 4.64 29.53 -12.55
C ASN I 112 3.47 28.64 -12.96
N GLU I 113 3.30 27.53 -12.25
CA GLU I 113 2.23 26.58 -12.54
C GLU I 113 0.89 27.14 -13.00
N GLU I 114 0.30 28.04 -12.22
CA GLU I 114 -1.01 28.57 -12.58
C GLU I 114 -1.12 29.56 -13.74
N THR I 115 -0.10 30.36 -14.00
CA THR I 115 -0.23 31.29 -15.12
C THR I 115 0.33 30.69 -16.40
N GLY I 116 1.16 29.67 -16.26
CA GLY I 116 1.77 29.04 -17.42
C GLY I 116 2.90 29.86 -18.03
N LEU I 117 3.45 30.76 -17.23
CA LEU I 117 4.54 31.63 -17.67
C LEU I 117 5.79 31.43 -16.82
N ALA I 118 6.92 31.90 -17.30
CA ALA I 118 8.17 31.76 -16.56
C ALA I 118 8.41 32.99 -15.67
N ASP I 119 9.27 32.82 -14.66
CA ASP I 119 9.62 33.91 -13.75
C ASP I 119 10.82 34.63 -14.31
N ARG I 120 11.09 35.84 -13.81
CA ARG I 120 12.25 36.58 -14.29
C ARG I 120 13.49 36.00 -13.63
N GLY I 121 14.02 34.94 -14.22
CA GLY I 121 15.20 34.33 -13.66
C GLY I 121 16.34 34.27 -14.66
N THR I 122 17.57 34.49 -14.20
CA THR I 122 18.74 34.45 -15.07
C THR I 122 19.73 33.43 -14.48
N PHE I 123 20.21 32.51 -15.30
CA PHE I 123 21.15 31.51 -14.84
C PHE I 123 22.44 31.60 -15.63
N ILE I 124 23.55 31.28 -14.97
CA ILE I 124 24.88 31.25 -15.61
C ILE I 124 25.35 29.81 -15.52
N ILE I 125 25.70 29.21 -16.65
CA ILE I 125 26.13 27.82 -16.68
C ILE I 125 27.55 27.64 -17.20
N ASP I 126 28.36 26.90 -16.44
CA ASP I 126 29.74 26.68 -16.84
C ASP I 126 29.77 25.65 -17.97
N PRO I 127 30.91 25.58 -18.69
CA PRO I 127 31.11 24.66 -19.82
C PRO I 127 30.78 23.21 -19.53
N ASP I 128 30.54 22.88 -18.26
CA ASP I 128 30.18 21.52 -17.90
C ASP I 128 28.68 21.31 -17.80
N GLY I 129 27.93 22.39 -17.96
CA GLY I 129 26.49 22.28 -17.88
C GLY I 129 26.00 22.36 -16.45
N VAL I 130 26.80 22.99 -15.59
CA VAL I 130 26.43 23.14 -14.20
C VAL I 130 26.05 24.59 -13.89
N ILE I 131 24.97 24.77 -13.13
CA ILE I 131 24.49 26.10 -12.77
C ILE I 131 25.39 26.71 -11.71
N GLN I 132 25.98 27.86 -12.03
CA GLN I 132 26.90 28.56 -11.12
C GLN I 132 26.29 29.79 -10.47
N ALA I 133 25.24 30.32 -11.06
CA ALA I 133 24.60 31.53 -10.53
C ALA I 133 23.11 31.55 -10.85
N ILE I 134 22.33 32.02 -9.89
CA ILE I 134 20.89 32.10 -10.04
C ILE I 134 20.38 33.41 -9.53
N GLU I 135 19.57 34.09 -10.32
CA GLU I 135 18.97 35.37 -9.93
C GLU I 135 17.54 35.40 -10.44
N ILE I 136 16.60 35.48 -9.50
CA ILE I 136 15.18 35.49 -9.83
C ILE I 136 14.51 36.66 -9.12
N ASN I 137 14.04 37.64 -9.89
CA ASN I 137 13.38 38.80 -9.30
C ASN I 137 11.90 38.77 -9.66
N ALA I 138 11.09 39.46 -8.87
CA ALA I 138 9.66 39.51 -9.13
C ALA I 138 9.37 40.58 -10.17
N ASP I 139 8.16 40.57 -10.73
CA ASP I 139 7.80 41.55 -11.73
C ASP I 139 7.94 42.93 -11.13
N GLY I 140 8.75 43.77 -11.77
CA GLY I 140 8.96 45.12 -11.27
C GLY I 140 10.42 45.33 -10.95
N ILE I 141 10.97 44.46 -10.11
CA ILE I 141 12.37 44.53 -9.73
C ILE I 141 13.19 44.07 -10.94
N GLY I 142 14.02 44.96 -11.48
CA GLY I 142 14.80 44.62 -12.65
C GLY I 142 16.10 43.89 -12.40
N ARG I 143 16.54 43.13 -13.40
CA ARG I 143 17.79 42.41 -13.33
C ARG I 143 18.82 43.29 -14.01
N ASP I 144 19.92 43.57 -13.32
CA ASP I 144 20.96 44.43 -13.88
C ASP I 144 21.87 43.66 -14.82
N ALA I 145 21.71 43.88 -16.12
CA ALA I 145 22.51 43.20 -17.13
C ALA I 145 24.00 43.44 -17.03
N SER I 146 24.39 44.59 -16.48
CA SER I 146 25.80 44.93 -16.35
C SER I 146 26.56 43.99 -15.41
N THR I 147 25.98 43.69 -14.26
CA THR I 147 26.63 42.81 -13.30
C THR I 147 26.89 41.40 -13.84
N LEU I 148 26.50 41.16 -15.09
CA LEU I 148 26.71 39.84 -15.66
C LEU I 148 28.14 39.58 -16.06
N ILE I 149 28.76 40.52 -16.77
CA ILE I 149 30.15 40.32 -17.20
C ILE I 149 31.05 40.07 -16.00
N ASN I 150 30.71 40.66 -14.86
CA ASN I 150 31.52 40.47 -13.69
C ASN I 150 31.33 39.08 -13.12
N LYS I 151 30.08 38.61 -13.05
CA LYS I 151 29.80 37.27 -12.52
C LYS I 151 30.45 36.19 -13.38
N VAL I 152 30.29 36.29 -14.70
CA VAL I 152 30.89 35.30 -15.57
C VAL I 152 32.42 35.31 -15.44
N LYS I 153 33.00 36.50 -15.26
CA LYS I 153 34.45 36.58 -15.08
C LYS I 153 34.81 35.87 -13.79
N ALA I 154 34.16 36.27 -12.71
CA ALA I 154 34.39 35.68 -11.41
C ALA I 154 34.23 34.16 -11.53
N ALA I 155 33.16 33.75 -12.19
CA ALA I 155 32.88 32.33 -12.37
C ALA I 155 34.04 31.67 -13.09
N GLN I 156 34.51 32.31 -14.16
CA GLN I 156 35.61 31.78 -14.96
C GLN I 156 36.92 31.78 -14.20
N TYR I 157 37.14 32.80 -13.37
CA TYR I 157 38.37 32.85 -12.60
C TYR I 157 38.43 31.63 -11.68
N VAL I 158 37.45 31.51 -10.79
CA VAL I 158 37.35 30.41 -9.85
C VAL I 158 37.41 29.05 -10.56
N ARG I 159 37.00 29.07 -11.82
CA ARG I 159 36.99 27.88 -12.67
C ARG I 159 38.34 27.19 -12.70
N GLU I 160 39.38 27.99 -12.93
CA GLU I 160 40.74 27.50 -13.04
C GLU I 160 41.62 27.97 -11.89
N ASN I 161 40.99 28.39 -10.79
CA ASN I 161 41.73 28.86 -9.63
C ASN I 161 40.97 28.51 -8.36
N PRO I 162 40.72 27.20 -8.15
CA PRO I 162 40.00 26.73 -6.96
C PRO I 162 40.63 27.18 -5.65
N GLY I 163 39.78 27.53 -4.69
CA GLY I 163 40.26 27.97 -3.38
C GLY I 163 40.89 29.34 -3.33
N GLU I 164 41.39 29.83 -4.46
CA GLU I 164 42.01 31.14 -4.50
C GLU I 164 41.01 32.26 -4.25
N VAL I 165 39.79 31.90 -3.86
CA VAL I 165 38.77 32.89 -3.58
C VAL I 165 39.01 33.46 -2.19
N CYS I 166 40.24 33.97 -1.99
CA CYS I 166 40.66 34.56 -0.72
C CYS I 166 41.06 33.48 0.29
N SER J 1 10.11 27.78 -7.78
CA SER J 1 10.97 28.71 -7.01
C SER J 1 10.20 29.35 -5.88
N LEU J 2 10.90 29.74 -4.82
CA LEU J 2 10.30 30.35 -3.65
C LEU J 2 9.85 31.77 -3.91
N ILE J 3 10.10 32.26 -5.12
CA ILE J 3 9.70 33.62 -5.45
C ILE J 3 8.20 33.76 -5.28
N GLY J 4 7.80 34.74 -4.48
CA GLY J 4 6.38 34.96 -4.26
C GLY J 4 5.78 34.13 -3.13
N THR J 5 6.57 33.27 -2.53
CA THR J 5 6.04 32.47 -1.44
C THR J 5 6.22 33.22 -0.12
N GLU J 6 5.58 32.72 0.92
CA GLU J 6 5.65 33.34 2.23
C GLU J 6 6.67 32.63 3.13
N VAL J 7 7.47 33.42 3.84
CA VAL J 7 8.47 32.88 4.74
C VAL J 7 7.86 31.91 5.74
N GLN J 8 8.49 30.75 5.90
CA GLN J 8 8.04 29.72 6.84
C GLN J 8 8.43 30.01 8.29
N PRO J 9 7.63 29.51 9.24
CA PRO J 9 7.85 29.68 10.68
C PRO J 9 9.20 29.13 11.17
N PHE J 10 9.87 29.90 12.00
CA PHE J 10 11.15 29.48 12.55
C PHE J 10 11.46 30.27 13.82
N ARG J 11 12.30 29.72 14.68
CA ARG J 11 12.70 30.37 15.92
C ARG J 11 14.19 30.15 16.11
N ALA J 12 14.97 31.22 16.19
CA ALA J 12 16.40 31.04 16.34
C ALA J 12 17.09 32.13 17.16
N GLN J 13 18.28 31.80 17.67
CA GLN J 13 19.08 32.72 18.45
C GLN J 13 19.89 33.62 17.53
N ALA J 14 19.97 34.90 17.87
CA ALA J 14 20.71 35.84 17.06
C ALA J 14 21.61 36.71 17.90
N PHE J 15 22.58 37.33 17.25
CA PHE J 15 23.50 38.21 17.93
C PHE J 15 23.55 39.50 17.14
N GLN J 16 23.66 40.62 17.84
CA GLN J 16 23.74 41.92 17.17
C GLN J 16 24.64 42.84 17.97
N SER J 17 25.64 43.43 17.31
CA SER J 17 26.56 44.34 17.98
C SER J 17 25.73 45.30 18.83
N GLY J 18 25.83 45.17 20.14
CA GLY J 18 25.06 46.01 21.02
C GLY J 18 24.19 45.16 21.92
N LYS J 19 22.99 44.83 21.46
CA LYS J 19 22.08 43.98 22.25
C LYS J 19 22.73 42.62 22.48
N ASP J 20 22.51 42.03 23.64
CA ASP J 20 23.09 40.72 23.83
C ASP J 20 22.09 39.75 23.21
N PHE J 21 22.55 38.53 22.90
CA PHE J 21 21.72 37.50 22.29
C PHE J 21 20.22 37.65 22.49
N PHE J 22 19.47 37.42 21.42
CA PHE J 22 18.02 37.49 21.49
C PHE J 22 17.38 36.56 20.46
N GLU J 23 16.15 36.16 20.73
CA GLU J 23 15.44 35.26 19.84
C GLU J 23 14.87 35.98 18.62
N VAL J 24 14.60 35.22 17.56
CA VAL J 24 14.04 35.77 16.32
C VAL J 24 13.07 34.76 15.71
N THR J 25 11.99 35.26 15.14
CA THR J 25 11.00 34.37 14.54
C THR J 25 10.54 34.90 13.19
N GLU J 26 9.72 34.13 12.48
CA GLU J 26 9.23 34.57 11.19
C GLU J 26 8.72 36.00 11.36
N ALA J 27 7.95 36.19 12.41
CA ALA J 27 7.33 37.46 12.75
C ALA J 27 8.18 38.72 12.56
N ASP J 28 9.43 38.67 13.02
CA ASP J 28 10.32 39.83 12.92
C ASP J 28 10.54 40.19 11.46
N LEU J 29 10.31 39.23 10.57
CA LEU J 29 10.47 39.47 9.16
C LEU J 29 9.23 40.14 8.59
N LYS J 30 8.12 39.97 9.29
CA LYS J 30 6.84 40.55 8.90
C LYS J 30 6.61 41.96 9.41
N GLY J 31 6.18 42.84 8.51
CA GLY J 31 5.90 44.20 8.89
C GLY J 31 6.99 45.16 8.43
N LYS J 32 8.08 44.61 7.91
CA LYS J 32 9.17 45.47 7.47
C LYS J 32 9.88 44.84 6.28
N TRP J 33 10.56 45.67 5.51
CA TRP J 33 11.30 45.14 4.39
C TRP J 33 12.56 44.55 4.98
N SER J 34 12.63 43.23 4.99
CA SER J 34 13.80 42.52 5.50
C SER J 34 14.58 41.90 4.35
N ILE J 35 15.89 41.88 4.46
CA ILE J 35 16.75 41.27 3.46
C ILE J 35 17.76 40.37 4.18
N VAL J 36 17.60 39.07 4.00
CA VAL J 36 18.46 38.09 4.65
C VAL J 36 19.51 37.51 3.71
N VAL J 37 20.75 37.49 4.18
CA VAL J 37 21.82 36.94 3.37
C VAL J 37 22.47 35.74 4.08
N PHE J 38 22.55 34.63 3.35
CA PHE J 38 23.13 33.39 3.84
C PHE J 38 24.59 33.31 3.37
N TYR J 39 25.42 32.60 4.14
CA TYR J 39 26.82 32.40 3.78
C TYR J 39 27.29 31.08 4.40
N PRO J 40 28.29 30.44 3.78
CA PRO J 40 28.89 29.17 4.18
C PRO J 40 29.16 28.98 5.67
N ALA J 41 30.27 29.53 6.13
CA ALA J 41 30.66 29.38 7.53
C ALA J 41 31.45 30.56 8.08
N ASP J 42 31.33 30.79 9.40
CA ASP J 42 32.06 31.85 10.09
C ASP J 42 33.50 31.37 10.12
N PHE J 43 34.44 32.29 10.35
CA PHE J 43 35.87 31.97 10.43
C PHE J 43 36.37 31.18 9.23
N SER J 44 35.62 31.23 8.15
CA SER J 44 35.96 30.53 6.91
C SER J 44 37.22 31.16 6.30
N PHE J 45 37.81 30.52 5.31
CA PHE J 45 39.00 31.06 4.68
C PHE J 45 38.68 32.23 3.76
N VAL J 46 37.57 32.13 3.04
CA VAL J 46 37.13 33.20 2.15
C VAL J 46 36.90 34.48 2.93
N CYS J 47 37.37 35.61 2.39
CA CYS J 47 37.21 36.90 3.04
C CYS J 47 35.75 37.33 3.15
N PRO J 48 35.35 37.80 4.34
CA PRO J 48 34.00 38.26 4.66
C PRO J 48 33.56 39.49 3.88
N THR J 49 34.18 39.70 2.73
CA THR J 49 33.86 40.84 1.87
C THR J 49 32.35 41.03 1.75
N GLU J 50 31.67 40.02 1.23
CA GLU J 50 30.22 40.08 1.05
C GLU J 50 29.51 40.67 2.26
N LEU J 51 29.72 40.07 3.44
CA LEU J 51 29.08 40.56 4.65
C LEU J 51 29.30 42.04 4.92
N GLU J 52 30.55 42.51 4.84
CA GLU J 52 30.82 43.90 5.14
C GLU J 52 30.37 44.86 4.06
N ASP J 53 30.38 44.42 2.80
CA ASP J 53 29.91 45.30 1.73
C ASP J 53 28.48 45.69 2.11
N VAL J 54 27.75 44.71 2.64
CA VAL J 54 26.38 44.96 3.06
C VAL J 54 26.36 45.92 4.23
N GLN J 55 27.36 45.83 5.10
CA GLN J 55 27.42 46.73 6.26
C GLN J 55 27.48 48.16 5.76
N LYS J 56 28.26 48.39 4.71
CA LYS J 56 28.40 49.72 4.14
C LYS J 56 27.02 50.22 3.73
N GLU J 57 26.35 49.44 2.90
CA GLU J 57 25.02 49.80 2.42
C GLU J 57 23.98 49.81 3.54
N TYR J 58 24.32 49.28 4.72
CA TYR J 58 23.35 49.21 5.82
C TYR J 58 22.81 50.57 6.25
N ALA J 59 23.68 51.57 6.34
CA ALA J 59 23.28 52.90 6.73
C ALA J 59 22.03 53.30 5.94
N GLU J 60 22.17 53.33 4.61
CA GLU J 60 21.08 53.70 3.72
C GLU J 60 19.88 52.77 3.76
N LEU J 61 20.15 51.46 3.75
CA LEU J 61 19.07 50.49 3.78
C LEU J 61 18.13 50.75 4.95
N LYS J 62 18.70 51.13 6.09
CA LYS J 62 17.89 51.41 7.26
C LYS J 62 16.95 52.58 6.99
N LYS J 63 17.46 53.56 6.24
CA LYS J 63 16.66 54.74 5.89
C LYS J 63 15.41 54.29 5.14
N LEU J 64 15.58 53.30 4.27
CA LEU J 64 14.50 52.77 3.46
C LEU J 64 13.56 51.87 4.26
N GLY J 65 13.80 51.77 5.55
CA GLY J 65 12.97 50.93 6.39
C GLY J 65 13.22 49.46 6.16
N VAL J 66 14.48 49.13 5.87
CA VAL J 66 14.89 47.76 5.62
C VAL J 66 15.77 47.23 6.74
N GLU J 67 15.58 45.96 7.11
CA GLU J 67 16.41 45.35 8.13
C GLU J 67 17.26 44.27 7.46
N VAL J 68 18.45 44.01 7.99
CA VAL J 68 19.33 43.02 7.39
C VAL J 68 19.70 41.89 8.35
N TYR J 69 19.59 40.65 7.86
CA TYR J 69 19.94 39.47 8.67
C TYR J 69 20.93 38.56 7.93
N SER J 70 22.00 38.18 8.63
CA SER J 70 22.99 37.29 8.04
C SER J 70 22.69 35.93 8.66
N VAL J 71 22.86 34.87 7.88
CA VAL J 71 22.61 33.54 8.39
C VAL J 71 23.62 32.51 7.92
N SER J 72 24.02 31.65 8.85
CA SER J 72 24.95 30.57 8.56
C SER J 72 24.55 29.50 9.56
N THR J 73 24.89 28.25 9.28
CA THR J 73 24.53 27.18 10.21
C THR J 73 25.37 27.20 11.48
N ASP J 74 26.10 28.28 11.72
CA ASP J 74 26.93 28.38 12.92
C ASP J 74 26.04 28.78 14.10
N THR J 75 26.54 28.58 15.31
CA THR J 75 25.79 28.95 16.53
C THR J 75 25.95 30.45 16.73
N HIS J 76 24.98 31.09 17.38
CA HIS J 76 25.09 32.53 17.61
C HIS J 76 26.33 32.83 18.45
N PHE J 77 26.80 31.82 19.18
CA PHE J 77 27.99 31.98 19.99
C PHE J 77 29.16 32.33 19.10
N VAL J 78 29.41 31.52 18.08
CA VAL J 78 30.53 31.77 17.20
C VAL J 78 30.33 33.05 16.36
N HIS J 79 29.08 33.45 16.15
CA HIS J 79 28.84 34.68 15.40
C HIS J 79 29.43 35.81 16.22
N LYS J 80 29.17 35.80 17.52
CA LYS J 80 29.69 36.83 18.40
C LYS J 80 31.21 36.72 18.43
N ALA J 81 31.74 35.53 18.66
CA ALA J 81 33.17 35.34 18.70
C ALA J 81 33.80 35.95 17.44
N TRP J 82 33.31 35.53 16.28
CA TRP J 82 33.83 36.04 15.03
C TRP J 82 33.76 37.56 15.01
N HIS J 83 32.62 38.09 15.42
CA HIS J 83 32.39 39.52 15.44
C HIS J 83 33.45 40.27 16.23
N GLU J 84 33.88 39.68 17.33
CA GLU J 84 34.88 40.33 18.17
C GLU J 84 36.30 40.07 17.70
N ASN J 85 36.65 38.81 17.50
CA ASN J 85 38.01 38.45 17.08
C ASN J 85 38.30 38.69 15.60
N SER J 86 37.73 39.75 15.03
CA SER J 86 37.94 40.07 13.63
C SER J 86 37.48 41.49 13.34
N PRO J 87 38.40 42.33 12.84
CA PRO J 87 38.09 43.73 12.50
C PRO J 87 37.01 43.84 11.44
N ALA J 88 37.20 43.08 10.37
CA ALA J 88 36.27 43.06 9.24
C ALA J 88 34.83 42.82 9.67
N VAL J 89 34.55 41.60 10.12
CA VAL J 89 33.20 41.24 10.55
C VAL J 89 32.75 42.08 11.75
N GLY J 90 33.71 42.68 12.45
CA GLY J 90 33.40 43.47 13.62
C GLY J 90 32.66 44.77 13.31
N SER J 91 32.71 45.18 12.05
CA SER J 91 32.05 46.41 11.62
C SER J 91 30.56 46.18 11.39
N ILE J 92 30.13 44.93 11.39
CA ILE J 92 28.74 44.56 11.16
C ILE J 92 27.79 44.97 12.28
N GLU J 93 26.80 45.76 11.92
CA GLU J 93 25.84 46.25 12.89
C GLU J 93 24.49 45.52 12.81
N TYR J 94 24.19 44.92 11.66
CA TYR J 94 22.91 44.23 11.50
C TYR J 94 22.86 42.90 12.26
N ILE J 95 21.70 42.25 12.23
CA ILE J 95 21.49 40.99 12.95
C ILE J 95 22.22 39.79 12.36
N MET J 96 22.74 38.93 13.24
CA MET J 96 23.42 37.72 12.81
C MET J 96 22.74 36.52 13.43
N ILE J 97 21.92 35.84 12.63
CA ILE J 97 21.19 34.68 13.11
C ILE J 97 22.03 33.42 13.02
N GLY J 98 21.83 32.51 13.97
CA GLY J 98 22.57 31.26 13.98
C GLY J 98 21.61 30.15 13.63
N ASP J 99 21.99 29.29 12.68
CA ASP J 99 21.11 28.21 12.25
C ASP J 99 21.70 26.81 12.39
N PRO J 100 22.12 26.44 13.61
CA PRO J 100 22.71 25.12 13.84
C PRO J 100 21.75 23.96 13.62
N SER J 101 20.46 24.23 13.72
CA SER J 101 19.43 23.23 13.52
C SER J 101 19.27 23.01 12.04
N GLN J 102 19.73 23.98 11.26
CA GLN J 102 19.66 23.95 9.80
C GLN J 102 18.24 24.22 9.26
N THR J 103 17.27 24.31 10.16
CA THR J 103 15.90 24.52 9.73
C THR J 103 15.64 25.75 8.88
N ILE J 104 16.20 26.89 9.23
CA ILE J 104 15.94 28.06 8.42
C ILE J 104 16.68 28.03 7.09
N SER J 105 17.85 27.40 7.06
CA SER J 105 18.63 27.29 5.81
C SER J 105 17.87 26.36 4.91
N ARG J 106 17.32 25.32 5.52
CA ARG J 106 16.57 24.33 4.78
C ARG J 106 15.26 24.90 4.23
N GLN J 107 14.59 25.75 5.01
CA GLN J 107 13.33 26.32 4.57
C GLN J 107 13.47 27.28 3.39
N PHE J 108 14.62 27.93 3.28
CA PHE J 108 14.85 28.83 2.16
C PHE J 108 15.50 28.04 1.04
N ASP J 109 15.49 26.71 1.17
CA ASP J 109 16.07 25.79 0.18
C ASP J 109 17.41 26.33 -0.27
N VAL J 110 18.33 26.41 0.69
CA VAL J 110 19.63 26.99 0.44
C VAL J 110 20.70 26.19 1.22
N LEU J 111 20.26 25.11 1.85
CA LEU J 111 21.14 24.28 2.63
C LEU J 111 21.74 23.17 1.80
N ASN J 112 23.06 23.05 1.82
CA ASN J 112 23.71 21.98 1.09
C ASN J 112 23.72 20.74 2.00
N GLU J 113 22.78 19.83 1.74
CA GLU J 113 22.64 18.60 2.52
C GLU J 113 23.93 17.91 3.00
N GLU J 114 24.86 17.64 2.09
CA GLU J 114 26.09 16.94 2.46
C GLU J 114 27.16 17.70 3.24
N THR J 115 27.31 19.00 3.02
CA THR J 115 28.31 19.75 3.75
C THR J 115 27.76 20.32 5.05
N GLY J 116 26.43 20.46 5.11
CA GLY J 116 25.80 21.00 6.31
C GLY J 116 25.96 22.51 6.40
N LEU J 117 26.25 23.13 5.27
CA LEU J 117 26.45 24.57 5.18
C LEU J 117 25.43 25.23 4.25
N ALA J 118 25.26 26.54 4.34
CA ALA J 118 24.32 27.21 3.45
C ALA J 118 25.02 27.72 2.19
N ASP J 119 24.23 28.03 1.16
CA ASP J 119 24.77 28.55 -0.09
C ASP J 119 24.77 30.06 -0.02
N ARG J 120 25.53 30.69 -0.91
CA ARG J 120 25.58 32.14 -0.94
C ARG J 120 24.29 32.66 -1.58
N GLY J 121 23.25 32.77 -0.78
CA GLY J 121 21.98 33.26 -1.30
C GLY J 121 21.48 34.48 -0.54
N THR J 122 20.90 35.43 -1.25
CA THR J 122 20.36 36.61 -0.62
C THR J 122 18.89 36.77 -1.02
N PHE J 123 18.02 36.98 -0.05
CA PHE J 123 16.61 37.14 -0.33
C PHE J 123 16.11 38.49 0.17
N ILE J 124 15.12 39.02 -0.53
CA ILE J 124 14.49 40.29 -0.19
C ILE J 124 13.03 39.95 0.14
N ILE J 125 12.58 40.31 1.33
CA ILE J 125 11.21 40.02 1.77
C ILE J 125 10.37 41.26 2.02
N ASP J 126 9.20 41.32 1.41
CA ASP J 126 8.31 42.46 1.61
C ASP J 126 7.67 42.37 2.99
N PRO J 127 7.11 43.49 3.48
CA PRO J 127 6.46 43.59 4.79
C PRO J 127 5.43 42.52 5.07
N ASP J 128 5.08 41.74 4.05
CA ASP J 128 4.08 40.69 4.23
C ASP J 128 4.71 39.34 4.47
N GLY J 129 6.04 39.29 4.39
CA GLY J 129 6.75 38.04 4.61
C GLY J 129 6.83 37.22 3.33
N VAL J 130 6.74 37.90 2.19
CA VAL J 130 6.79 37.21 0.92
C VAL J 130 8.12 37.49 0.22
N ILE J 131 8.72 36.45 -0.36
CA ILE J 131 9.98 36.60 -1.05
C ILE J 131 9.79 37.28 -2.40
N GLN J 132 10.47 38.41 -2.59
CA GLN J 132 10.36 39.17 -3.82
C GLN J 132 11.58 39.09 -4.72
N ALA J 133 12.70 38.66 -4.16
CA ALA J 133 13.93 38.55 -4.95
C ALA J 133 14.83 37.46 -4.39
N ILE J 134 15.46 36.73 -5.30
CA ILE J 134 16.35 35.64 -4.92
C ILE J 134 17.63 35.70 -5.73
N GLU J 135 18.77 35.61 -5.06
CA GLU J 135 20.06 35.61 -5.74
C GLU J 135 20.97 34.61 -5.05
N ILE J 136 21.36 33.58 -5.78
CA ILE J 136 22.23 32.55 -5.24
C ILE J 136 23.41 32.34 -6.16
N ASN J 137 24.62 32.68 -5.68
CA ASN J 137 25.82 32.51 -6.47
C ASN J 137 26.68 31.40 -5.88
N ALA J 138 27.56 30.83 -6.70
CA ALA J 138 28.43 29.77 -6.23
C ALA J 138 29.67 30.39 -5.58
N ASP J 139 30.40 29.59 -4.82
CA ASP J 139 31.60 30.08 -4.16
C ASP J 139 32.53 30.66 -5.19
N GLY J 140 32.87 31.93 -5.01
CA GLY J 140 33.76 32.59 -5.97
C GLY J 140 33.06 33.77 -6.61
N ILE J 141 31.90 33.52 -7.19
CA ILE J 141 31.14 34.58 -7.83
C ILE J 141 30.52 35.42 -6.69
N GLY J 142 30.89 36.68 -6.63
CA GLY J 142 30.38 37.52 -5.56
C GLY J 142 29.03 38.16 -5.78
N ARG J 143 28.37 38.48 -4.67
CA ARG J 143 27.07 39.13 -4.70
C ARG J 143 27.35 40.63 -4.55
N ASP J 144 26.85 41.43 -5.49
CA ASP J 144 27.07 42.88 -5.44
C ASP J 144 26.10 43.56 -4.47
N ALA J 145 26.61 43.95 -3.32
CA ALA J 145 25.79 44.60 -2.29
C ALA J 145 25.15 45.91 -2.73
N SER J 146 25.76 46.59 -3.69
CA SER J 146 25.24 47.87 -4.18
C SER J 146 23.88 47.72 -4.84
N THR J 147 23.75 46.74 -5.72
CA THR J 147 22.50 46.52 -6.44
C THR J 147 21.31 46.24 -5.52
N LEU J 148 21.55 46.21 -4.22
CA LEU J 148 20.51 45.94 -3.25
C LEU J 148 19.55 47.11 -3.08
N ILE J 149 20.09 48.30 -2.83
CA ILE J 149 19.25 49.48 -2.64
C ILE J 149 18.33 49.66 -3.83
N ASN J 150 18.81 49.31 -5.02
CA ASN J 150 18.00 49.46 -6.22
C ASN J 150 16.83 48.49 -6.20
N LYS J 151 17.14 47.22 -5.92
CA LYS J 151 16.10 46.20 -5.89
C LYS J 151 15.03 46.50 -4.85
N VAL J 152 15.43 46.85 -3.63
CA VAL J 152 14.44 47.15 -2.58
C VAL J 152 13.59 48.33 -3.00
N LYS J 153 14.20 49.32 -3.65
CA LYS J 153 13.44 50.47 -4.10
C LYS J 153 12.42 50.01 -5.13
N ALA J 154 12.91 49.33 -6.16
CA ALA J 154 12.04 48.82 -7.20
C ALA J 154 10.94 47.98 -6.57
N ALA J 155 11.32 47.12 -5.64
CA ALA J 155 10.36 46.27 -4.95
C ALA J 155 9.31 47.14 -4.27
N GLN J 156 9.77 48.17 -3.57
CA GLN J 156 8.87 49.07 -2.85
C GLN J 156 8.02 49.90 -3.78
N TYR J 157 8.56 50.30 -4.92
CA TYR J 157 7.78 51.08 -5.86
C TYR J 157 6.59 50.24 -6.34
N VAL J 158 6.88 49.10 -6.95
CA VAL J 158 5.85 48.20 -7.45
C VAL J 158 4.87 47.82 -6.35
N ARG J 159 5.33 47.89 -5.10
CA ARG J 159 4.51 47.56 -3.93
C ARG J 159 3.22 48.36 -3.91
N GLU J 160 3.33 49.66 -4.15
CA GLU J 160 2.18 50.54 -4.12
C GLU J 160 1.89 51.13 -5.49
N ASN J 161 2.37 50.47 -6.53
CA ASN J 161 2.16 50.94 -7.89
C ASN J 161 2.04 49.74 -8.83
N PRO J 162 1.08 48.84 -8.55
CA PRO J 162 0.86 47.64 -9.37
C PRO J 162 0.64 47.92 -10.86
N GLY J 163 1.23 47.10 -11.71
CA GLY J 163 1.07 47.26 -13.14
C GLY J 163 1.84 48.42 -13.76
N GLU J 164 2.17 49.42 -12.95
CA GLU J 164 2.89 50.58 -13.45
C GLU J 164 4.31 50.23 -13.88
N VAL J 165 4.62 48.93 -13.91
CA VAL J 165 5.94 48.49 -14.31
C VAL J 165 6.01 48.51 -15.84
N CYS J 166 5.72 49.67 -16.42
CA CYS J 166 5.73 49.88 -17.88
C CYS J 166 4.44 49.36 -18.50
#